data_2RFC
#
_entry.id   2RFC
#
_cell.length_a   48.520
_cell.length_b   141.010
_cell.length_c   101.030
_cell.angle_alpha   90.00
_cell.angle_beta   90.30
_cell.angle_gamma   90.00
#
_symmetry.space_group_name_H-M   'P 1 21 1'
#
loop_
_entity.id
_entity.type
_entity.pdbx_description
1 polymer 'Cytochrome P450'
2 non-polymer 'PROTOPORPHYRIN IX CONTAINING FE'
3 non-polymer 4-PHENYL-1H-IMIDAZOLE
4 water water
#
_entity_poly.entity_id   1
_entity_poly.type   'polypeptide(L)'
_entity_poly.pdbx_seq_one_letter_code
;MRLNDPVHYDGAWHVYKYSDVKHVLMNDKIFSSNPGNRYSNAGGISFITMDNPEHKEFRDISAPYFLPSKINDYKDFIEE
TSNDLIKNIDNKDIISEYAVRLPVNIISKILGIPDSDMPLFKLWSDYIIGNKRDENFNYVNNRMVSRLLEIFKSDSHGII
NVLAGSSLKNRKLTMDEKIKYIMLLIIGGNETTTNLIGNMIRVIDENPDIIDDALKNRSGFVEETLRYYSPIQFLPHRFA
AEDSYINNKKIKKGDQVIVYLGSANRDETFFDEPDLFKIGRREMHLAFGIGIHMCLGAPLARLEASIALNDILNHFKRIK
IDYKKSRLLDNKMVLGYDKLFLS
;
_entity_poly.pdbx_strand_id   A,B,C,D
#
loop_
_chem_comp.id
_chem_comp.type
_chem_comp.name
_chem_comp.formula
HEM non-polymer 'PROTOPORPHYRIN IX CONTAINING FE' 'C34 H32 Fe N4 O4'
PIM non-polymer 4-PHENYL-1H-IMIDAZOLE 'C9 H8 N2'
#
# COMPACT_ATOMS: atom_id res chain seq x y z
N LEU A 3 12.75 -19.41 -50.19
CA LEU A 3 12.06 -20.57 -49.53
C LEU A 3 12.59 -21.89 -50.09
N ASN A 4 12.94 -22.83 -49.20
CA ASN A 4 13.46 -24.14 -49.65
C ASN A 4 12.68 -25.33 -49.08
N ASP A 5 13.22 -26.53 -49.32
CA ASP A 5 12.64 -27.79 -48.87
C ASP A 5 12.90 -28.04 -47.40
N PRO A 6 11.92 -28.62 -46.70
CA PRO A 6 12.10 -28.89 -45.28
C PRO A 6 13.43 -29.59 -44.95
N VAL A 7 14.30 -28.90 -44.20
CA VAL A 7 15.58 -29.46 -43.81
C VAL A 7 15.56 -29.77 -42.31
N HIS A 8 16.26 -30.84 -41.92
CA HIS A 8 16.30 -31.27 -40.52
C HIS A 8 17.53 -30.69 -39.84
N TYR A 9 17.30 -29.96 -38.76
CA TYR A 9 18.37 -29.37 -37.99
C TYR A 9 17.84 -29.26 -36.57
N ASP A 10 18.69 -28.88 -35.63
CA ASP A 10 18.31 -28.73 -34.21
C ASP A 10 17.28 -29.73 -33.67
N GLY A 11 16.90 -30.72 -34.49
CA GLY A 11 15.93 -31.72 -34.08
C GLY A 11 14.47 -31.47 -34.49
N ALA A 12 14.26 -31.18 -35.77
CA ALA A 12 12.92 -30.94 -36.30
C ALA A 12 12.97 -30.39 -37.73
N TRP A 13 12.04 -30.83 -38.57
CA TRP A 13 11.99 -30.32 -39.94
C TRP A 13 11.20 -29.02 -39.98
N HIS A 14 11.70 -28.07 -40.76
CA HIS A 14 11.03 -26.80 -40.89
C HIS A 14 10.31 -26.79 -42.23
N VAL A 15 9.17 -26.12 -42.30
CA VAL A 15 8.42 -26.08 -43.55
C VAL A 15 8.03 -24.67 -43.92
N TYR A 16 8.50 -24.22 -45.08
CA TYR A 16 8.23 -22.86 -45.54
C TYR A 16 7.43 -22.73 -46.83
N LYS A 17 6.74 -23.77 -47.24
CA LYS A 17 5.96 -23.64 -48.46
C LYS A 17 4.49 -23.91 -48.22
N TYR A 18 3.66 -22.97 -48.64
CA TYR A 18 2.22 -23.05 -48.48
C TYR A 18 1.64 -24.43 -48.74
N SER A 19 2.03 -25.05 -49.83
CA SER A 19 1.51 -26.37 -50.18
C SER A 19 1.92 -27.45 -49.19
N ASP A 20 3.17 -27.41 -48.74
CA ASP A 20 3.65 -28.41 -47.79
C ASP A 20 3.11 -28.13 -46.40
N VAL A 21 3.05 -26.85 -46.05
CA VAL A 21 2.50 -26.46 -44.77
C VAL A 21 1.02 -26.84 -44.78
N LYS A 22 0.27 -26.24 -45.70
CA LYS A 22 -1.14 -26.50 -45.83
C LYS A 22 -1.37 -27.99 -45.74
N HIS A 23 -0.43 -28.75 -46.27
CA HIS A 23 -0.52 -30.21 -46.28
C HIS A 23 -0.19 -30.85 -44.94
N VAL A 24 0.87 -30.38 -44.30
CA VAL A 24 1.26 -30.90 -42.99
C VAL A 24 0.12 -30.74 -42.00
N LEU A 25 -0.62 -29.65 -42.13
CA LEU A 25 -1.72 -29.42 -41.22
C LEU A 25 -2.90 -30.28 -41.63
N MET A 26 -3.29 -30.20 -42.89
CA MET A 26 -4.42 -30.96 -43.40
C MET A 26 -4.37 -32.44 -43.05
N ASN A 27 -3.17 -32.97 -42.84
CA ASN A 27 -3.03 -34.36 -42.48
C ASN A 27 -2.68 -34.37 -41.00
N ASP A 28 -3.70 -34.54 -40.17
CA ASP A 28 -3.52 -34.55 -38.75
C ASP A 28 -3.40 -35.97 -38.20
N LYS A 29 -3.81 -36.94 -39.01
CA LYS A 29 -3.73 -38.33 -38.57
C LYS A 29 -2.26 -38.75 -38.64
N ILE A 30 -1.55 -38.16 -39.59
CA ILE A 30 -0.13 -38.45 -39.82
C ILE A 30 0.76 -37.51 -39.02
N PHE A 31 0.40 -36.24 -39.02
CA PHE A 31 1.15 -35.23 -38.30
C PHE A 31 0.39 -34.80 -37.05
N SER A 32 0.38 -35.71 -36.08
CA SER A 32 -0.29 -35.52 -34.82
C SER A 32 0.06 -34.18 -34.19
N SER A 33 -0.96 -33.36 -33.98
CA SER A 33 -0.76 -32.06 -33.39
C SER A 33 -0.45 -32.24 -31.92
N ASN A 34 -0.34 -33.49 -31.48
CA ASN A 34 -0.07 -33.79 -30.07
C ASN A 34 1.30 -34.36 -29.77
N PRO A 35 2.00 -33.79 -28.79
CA PRO A 35 3.33 -34.26 -28.39
C PRO A 35 3.19 -35.58 -27.63
N GLY A 36 2.80 -36.64 -28.36
CA GLY A 36 2.59 -37.97 -27.80
C GLY A 36 3.34 -38.24 -26.52
N ASN A 37 4.62 -37.86 -26.53
CA ASN A 37 5.50 -38.00 -25.39
C ASN A 37 5.25 -36.82 -24.44
N ARG A 38 6.28 -36.02 -24.20
CA ARG A 38 6.15 -34.87 -23.30
C ARG A 38 7.03 -33.67 -23.70
N TYR A 39 6.44 -32.46 -23.63
CA TYR A 39 7.15 -31.21 -23.94
C TYR A 39 6.83 -30.15 -22.89
N SER A 40 5.53 -29.97 -22.67
CA SER A 40 4.99 -29.00 -21.74
C SER A 40 5.39 -27.58 -22.17
N GLY A 44 0.40 -24.92 -26.53
CA GLY A 44 -0.74 -24.65 -25.67
C GLY A 44 -1.54 -25.86 -25.21
N ILE A 45 -2.19 -25.74 -24.05
CA ILE A 45 -2.96 -26.85 -23.50
C ILE A 45 -4.35 -26.99 -24.10
N SER A 46 -5.13 -27.89 -23.50
CA SER A 46 -6.50 -28.20 -23.91
C SER A 46 -6.58 -28.95 -25.24
N PHE A 47 -7.65 -28.73 -25.98
CA PHE A 47 -7.82 -29.44 -27.25
C PHE A 47 -6.98 -28.96 -28.44
N ILE A 48 -5.91 -28.23 -28.17
CA ILE A 48 -5.05 -27.73 -29.23
C ILE A 48 -3.89 -28.70 -29.40
N THR A 49 -3.63 -29.46 -28.35
CA THR A 49 -2.56 -30.45 -28.38
C THR A 49 -3.28 -31.78 -28.41
N MET A 50 -4.59 -31.71 -28.65
CA MET A 50 -5.42 -32.91 -28.70
C MET A 50 -5.51 -33.39 -30.14
N ASP A 51 -5.78 -34.69 -30.30
CA ASP A 51 -5.83 -35.34 -31.60
C ASP A 51 -7.17 -35.68 -32.22
N ASN A 52 -7.10 -35.84 -33.53
CA ASN A 52 -8.16 -36.18 -34.48
C ASN A 52 -9.56 -36.57 -33.95
N PRO A 53 -9.71 -37.75 -33.28
CA PRO A 53 -10.98 -38.25 -32.73
C PRO A 53 -11.39 -37.61 -31.43
N GLU A 54 -10.44 -37.57 -30.49
CA GLU A 54 -10.67 -36.98 -29.17
C GLU A 54 -10.77 -35.47 -29.32
N HIS A 55 -9.95 -34.89 -30.20
CA HIS A 55 -9.96 -33.45 -30.41
C HIS A 55 -11.36 -32.90 -30.54
N LYS A 56 -12.05 -33.31 -31.60
CA LYS A 56 -13.42 -32.85 -31.86
C LYS A 56 -14.36 -32.89 -30.68
N GLU A 57 -14.24 -33.93 -29.84
CA GLU A 57 -15.10 -34.10 -28.67
C GLU A 57 -14.96 -32.90 -27.71
N PHE A 58 -13.73 -32.42 -27.53
CA PHE A 58 -13.47 -31.29 -26.66
C PHE A 58 -13.85 -29.98 -27.33
N ARG A 59 -13.41 -29.81 -28.56
CA ARG A 59 -13.69 -28.58 -29.29
C ARG A 59 -15.19 -28.37 -29.49
N ASP A 60 -15.93 -29.47 -29.49
CA ASP A 60 -17.37 -29.37 -29.69
C ASP A 60 -18.02 -28.45 -28.68
N ILE A 61 -17.80 -28.71 -27.39
CA ILE A 61 -18.42 -27.94 -26.31
C ILE A 61 -18.56 -26.43 -26.50
N SER A 62 -17.45 -25.73 -26.69
CA SER A 62 -17.52 -24.29 -26.88
C SER A 62 -17.79 -23.92 -28.34
N ALA A 63 -17.50 -24.88 -29.21
CA ALA A 63 -17.66 -24.74 -30.67
C ALA A 63 -18.82 -23.93 -31.24
N PRO A 64 -20.02 -24.11 -30.70
CA PRO A 64 -21.11 -23.34 -31.26
C PRO A 64 -21.09 -21.89 -30.86
N TYR A 65 -20.26 -21.55 -29.88
CA TYR A 65 -20.22 -20.18 -29.40
C TYR A 65 -19.37 -19.19 -30.18
N PHE A 66 -18.57 -19.69 -31.11
CA PHE A 66 -17.74 -18.79 -31.87
C PHE A 66 -18.14 -18.77 -33.32
N LEU A 67 -19.32 -19.32 -33.62
CA LEU A 67 -19.79 -19.32 -34.98
C LEU A 67 -20.14 -17.91 -35.36
N PRO A 68 -19.73 -17.49 -36.58
CA PRO A 68 -20.00 -16.15 -37.10
C PRO A 68 -21.27 -15.52 -36.52
N SER A 69 -22.41 -16.11 -36.84
CA SER A 69 -23.69 -15.59 -36.37
C SER A 69 -23.67 -15.28 -34.88
N LYS A 70 -23.11 -16.20 -34.11
CA LYS A 70 -23.09 -16.04 -32.66
C LYS A 70 -22.15 -14.98 -32.14
N ILE A 71 -20.94 -14.93 -32.69
CA ILE A 71 -20.02 -13.92 -32.19
C ILE A 71 -20.54 -12.55 -32.57
N ASN A 72 -21.06 -12.42 -33.78
CA ASN A 72 -21.56 -11.14 -34.24
C ASN A 72 -22.67 -10.66 -33.32
N ASP A 73 -23.21 -11.58 -32.51
CA ASP A 73 -24.27 -11.23 -31.57
C ASP A 73 -23.65 -10.34 -30.50
N TYR A 74 -22.41 -9.93 -30.74
CA TYR A 74 -21.67 -9.06 -29.84
C TYR A 74 -21.25 -7.81 -30.60
N LYS A 75 -21.55 -7.76 -31.89
CA LYS A 75 -21.18 -6.66 -32.77
C LYS A 75 -21.13 -5.29 -32.09
N ASP A 76 -22.17 -4.95 -31.37
CA ASP A 76 -22.21 -3.67 -30.71
C ASP A 76 -21.22 -3.66 -29.56
N PHE A 77 -21.47 -4.43 -28.51
CA PHE A 77 -20.56 -4.43 -27.37
C PHE A 77 -19.11 -4.16 -27.72
N ILE A 78 -18.63 -4.78 -28.80
CA ILE A 78 -17.26 -4.57 -29.20
C ILE A 78 -17.03 -3.11 -29.56
N GLU A 79 -17.69 -2.64 -30.60
CA GLU A 79 -17.54 -1.24 -31.02
C GLU A 79 -17.79 -0.36 -29.80
N GLU A 80 -18.62 -0.86 -28.88
CA GLU A 80 -18.96 -0.17 -27.65
C GLU A 80 -17.66 0.04 -26.91
N THR A 81 -16.97 -1.07 -26.67
CA THR A 81 -15.70 -1.11 -25.96
C THR A 81 -14.59 -0.33 -26.67
N SER A 82 -14.50 -0.53 -27.98
CA SER A 82 -13.50 0.12 -28.83
C SER A 82 -13.54 1.63 -28.66
N ASN A 83 -14.74 2.20 -28.77
CA ASN A 83 -14.93 3.64 -28.64
C ASN A 83 -14.30 4.20 -27.38
N ASP A 84 -14.75 3.74 -26.23
CA ASP A 84 -14.22 4.23 -24.96
C ASP A 84 -12.70 4.14 -24.96
N LEU A 85 -12.17 3.01 -25.41
CA LEU A 85 -10.73 2.78 -25.47
C LEU A 85 -10.04 3.76 -26.41
N ILE A 86 -10.44 3.71 -27.68
CA ILE A 86 -9.88 4.58 -28.72
C ILE A 86 -10.35 6.03 -28.57
N LYS A 87 -11.01 6.35 -27.45
CA LYS A 87 -11.49 7.71 -27.27
C LYS A 87 -10.30 8.61 -26.95
N ASN A 88 -9.70 8.45 -25.79
CA ASN A 88 -8.54 9.27 -25.50
C ASN A 88 -7.36 8.50 -26.06
N ILE A 89 -6.73 7.67 -25.23
CA ILE A 89 -5.59 6.87 -25.66
C ILE A 89 -4.71 7.64 -26.66
N ASP A 90 -4.56 8.93 -26.41
CA ASP A 90 -3.74 9.75 -27.26
C ASP A 90 -2.35 9.83 -26.66
N ASN A 91 -1.36 10.02 -27.52
CA ASN A 91 0.03 10.12 -27.09
C ASN A 91 0.42 8.90 -26.27
N LYS A 92 -0.56 8.04 -26.00
CA LYS A 92 -0.35 6.84 -25.20
C LYS A 92 0.11 5.62 -26.00
N ASP A 93 0.61 4.60 -25.31
CA ASP A 93 1.03 3.39 -26.02
C ASP A 93 -0.22 2.73 -26.59
N ILE A 94 -0.35 2.72 -27.92
CA ILE A 94 -1.51 2.12 -28.57
C ILE A 94 -1.65 0.66 -28.26
N ILE A 95 -0.53 -0.04 -28.11
CA ILE A 95 -0.55 -1.45 -27.81
C ILE A 95 -1.18 -1.68 -26.44
N SER A 96 -0.42 -1.36 -25.40
CA SER A 96 -0.90 -1.53 -24.03
C SER A 96 -2.32 -1.03 -23.82
N GLU A 97 -2.54 0.24 -24.10
CA GLU A 97 -3.85 0.87 -23.91
C GLU A 97 -4.98 0.58 -24.92
N TYR A 98 -4.71 -0.14 -26.01
CA TYR A 98 -5.77 -0.42 -26.98
C TYR A 98 -5.86 -1.86 -27.45
N ALA A 99 -4.91 -2.24 -28.30
CA ALA A 99 -4.85 -3.56 -28.89
C ALA A 99 -4.94 -4.62 -27.81
N VAL A 100 -4.44 -4.28 -26.64
CA VAL A 100 -4.47 -5.20 -25.53
C VAL A 100 -5.84 -5.14 -24.89
N ARG A 101 -6.27 -3.94 -24.51
CA ARG A 101 -7.55 -3.73 -23.84
C ARG A 101 -8.76 -4.26 -24.59
N LEU A 102 -8.75 -4.16 -25.91
CA LEU A 102 -9.90 -4.62 -26.68
C LEU A 102 -10.13 -6.12 -26.59
N PRO A 103 -9.21 -6.95 -27.10
CA PRO A 103 -9.47 -8.38 -27.00
C PRO A 103 -9.51 -8.93 -25.56
N VAL A 104 -8.79 -8.27 -24.64
CA VAL A 104 -8.76 -8.69 -23.25
C VAL A 104 -10.12 -8.47 -22.63
N ASN A 105 -10.95 -7.67 -23.29
CA ASN A 105 -12.29 -7.34 -22.81
C ASN A 105 -13.30 -8.25 -23.47
N ILE A 106 -13.34 -8.19 -24.79
CA ILE A 106 -14.26 -8.99 -25.58
C ILE A 106 -14.21 -10.46 -25.14
N ILE A 107 -13.05 -10.95 -24.74
CA ILE A 107 -12.98 -12.35 -24.32
C ILE A 107 -13.37 -12.53 -22.87
N SER A 108 -12.93 -11.61 -22.01
CA SER A 108 -13.27 -11.70 -20.60
C SER A 108 -14.76 -11.86 -20.47
N LYS A 109 -15.52 -11.04 -21.20
CA LYS A 109 -16.98 -11.10 -21.18
C LYS A 109 -17.52 -12.36 -21.82
N ILE A 110 -17.11 -12.65 -23.05
CA ILE A 110 -17.60 -13.86 -23.68
C ILE A 110 -17.39 -15.05 -22.78
N LEU A 111 -16.43 -14.96 -21.86
CA LEU A 111 -16.13 -16.08 -20.94
C LEU A 111 -16.73 -16.02 -19.53
N GLY A 112 -16.66 -14.86 -18.88
CA GLY A 112 -17.19 -14.72 -17.53
C GLY A 112 -16.23 -14.06 -16.58
N ILE A 113 -15.10 -13.60 -17.13
CA ILE A 113 -14.02 -12.92 -16.40
C ILE A 113 -14.27 -11.45 -16.13
N PRO A 114 -14.54 -11.08 -14.87
CA PRO A 114 -14.81 -9.71 -14.44
C PRO A 114 -13.84 -8.65 -14.95
N ASP A 115 -14.17 -7.38 -14.71
CA ASP A 115 -13.33 -6.26 -15.13
C ASP A 115 -12.26 -6.03 -14.08
N SER A 116 -12.19 -6.95 -13.11
CA SER A 116 -11.21 -6.85 -12.03
C SER A 116 -10.09 -7.86 -12.20
N ASP A 117 -10.41 -8.97 -12.85
CA ASP A 117 -9.45 -10.05 -13.10
C ASP A 117 -8.65 -9.86 -14.39
N MET A 118 -9.16 -9.04 -15.31
CA MET A 118 -8.46 -8.83 -16.57
C MET A 118 -6.99 -8.44 -16.37
N PRO A 119 -6.69 -7.52 -15.43
CA PRO A 119 -5.28 -7.15 -15.22
C PRO A 119 -4.45 -8.38 -14.95
N LEU A 120 -4.89 -9.17 -14.00
CA LEU A 120 -4.19 -10.40 -13.67
C LEU A 120 -4.05 -11.27 -14.92
N PHE A 121 -5.18 -11.74 -15.44
CA PHE A 121 -5.22 -12.64 -16.60
C PHE A 121 -4.40 -12.28 -17.85
N LYS A 122 -4.55 -11.07 -18.37
CA LYS A 122 -3.75 -10.72 -19.52
C LYS A 122 -2.33 -10.86 -19.04
N LEU A 123 -2.07 -10.28 -17.88
CA LEU A 123 -0.76 -10.36 -17.26
C LEU A 123 -0.32 -11.82 -17.25
N TRP A 124 -1.26 -12.73 -16.97
CA TRP A 124 -0.96 -14.15 -16.94
C TRP A 124 -0.49 -14.64 -18.31
N SER A 125 -1.45 -14.74 -19.23
CA SER A 125 -1.16 -15.19 -20.58
C SER A 125 0.20 -14.69 -21.01
N ASP A 126 0.38 -13.37 -20.93
CA ASP A 126 1.64 -12.73 -21.33
C ASP A 126 2.87 -13.60 -21.00
N TYR A 127 2.83 -14.31 -19.87
CA TYR A 127 3.94 -15.18 -19.53
C TYR A 127 3.84 -16.39 -20.44
N ILE A 128 2.69 -17.04 -20.44
CA ILE A 128 2.50 -18.23 -21.25
C ILE A 128 3.00 -18.07 -22.68
N ILE A 129 2.58 -17.02 -23.39
CA ILE A 129 3.02 -16.86 -24.76
C ILE A 129 4.34 -16.17 -24.95
N GLY A 130 5.29 -16.47 -24.06
CA GLY A 130 6.62 -15.89 -24.16
C GLY A 130 6.78 -14.42 -24.51
N ASN A 131 6.23 -13.54 -23.67
CA ASN A 131 6.36 -12.10 -23.88
C ASN A 131 6.79 -11.37 -22.59
N LYS A 132 7.22 -12.16 -21.60
CA LYS A 132 7.71 -11.64 -20.31
C LYS A 132 7.95 -12.83 -19.37
N ARG A 133 9.17 -12.93 -18.82
CA ARG A 133 9.56 -14.03 -17.92
C ARG A 133 10.27 -13.55 -16.63
N ASP A 134 9.82 -14.04 -15.47
CA ASP A 134 10.41 -13.65 -14.18
C ASP A 134 10.17 -14.77 -13.15
N GLU A 135 10.73 -14.66 -11.95
CA GLU A 135 10.45 -15.73 -10.98
C GLU A 135 9.03 -15.48 -10.51
N ASN A 136 8.63 -14.21 -10.61
CA ASN A 136 7.31 -13.76 -10.20
C ASN A 136 6.13 -14.47 -10.90
N PHE A 137 6.42 -15.36 -11.85
CA PHE A 137 5.40 -16.10 -12.60
C PHE A 137 4.69 -17.19 -11.80
N ASN A 138 5.44 -17.93 -10.99
CA ASN A 138 4.88 -19.02 -10.20
C ASN A 138 3.67 -18.57 -9.42
N TYR A 139 3.63 -17.30 -9.01
CA TYR A 139 2.46 -16.84 -8.27
C TYR A 139 1.75 -15.73 -8.99
N VAL A 140 1.20 -16.18 -10.11
CA VAL A 140 0.43 -15.45 -11.09
C VAL A 140 -0.37 -16.66 -11.55
N ASN A 141 0.34 -17.74 -11.89
CA ASN A 141 -0.27 -18.98 -12.30
C ASN A 141 -1.18 -19.40 -11.15
N ASN A 142 -0.60 -19.40 -9.95
CA ASN A 142 -1.35 -19.74 -8.76
C ASN A 142 -2.37 -18.64 -8.51
N ARG A 143 -1.88 -17.42 -8.36
CA ARG A 143 -2.73 -16.28 -8.10
C ARG A 143 -3.88 -16.10 -9.12
N MET A 144 -3.91 -16.93 -10.16
CA MET A 144 -4.96 -16.81 -11.18
C MET A 144 -5.87 -18.01 -11.25
N VAL A 145 -5.28 -19.19 -11.36
CA VAL A 145 -6.06 -20.40 -11.45
C VAL A 145 -7.11 -20.34 -10.35
N SER A 146 -6.70 -19.81 -9.20
CA SER A 146 -7.57 -19.65 -8.03
C SER A 146 -8.75 -18.77 -8.40
N ARG A 147 -8.46 -17.66 -9.04
CA ARG A 147 -9.49 -16.72 -9.46
C ARG A 147 -10.40 -17.39 -10.46
N LEU A 148 -9.84 -18.31 -11.22
CA LEU A 148 -10.61 -19.03 -12.23
C LEU A 148 -11.47 -20.06 -11.54
N LEU A 149 -10.84 -20.79 -10.63
CA LEU A 149 -11.50 -21.82 -9.88
C LEU A 149 -12.77 -21.29 -9.26
N GLU A 150 -12.75 -20.02 -8.87
CA GLU A 150 -13.91 -19.37 -8.27
C GLU A 150 -15.00 -19.04 -9.30
N ILE A 151 -14.59 -18.49 -10.44
CA ILE A 151 -15.55 -18.12 -11.47
C ILE A 151 -16.42 -19.29 -11.92
N PHE A 152 -15.88 -20.49 -11.90
CA PHE A 152 -16.68 -21.64 -12.32
C PHE A 152 -17.87 -21.73 -11.35
N LYS A 153 -17.61 -21.46 -10.07
CA LYS A 153 -18.65 -21.50 -9.06
C LYS A 153 -19.70 -20.43 -9.39
N SER A 154 -19.31 -19.15 -9.29
CA SER A 154 -20.17 -17.99 -9.57
C SER A 154 -21.47 -18.35 -10.32
N ASP A 155 -21.55 -17.95 -11.58
CA ASP A 155 -22.74 -18.28 -12.39
C ASP A 155 -22.71 -17.87 -13.86
N SER A 156 -23.70 -17.05 -14.23
CA SER A 156 -23.88 -16.56 -15.59
C SER A 156 -24.18 -17.73 -16.52
N HIS A 157 -23.86 -17.55 -17.78
CA HIS A 157 -24.13 -18.56 -18.78
C HIS A 157 -23.04 -18.42 -19.87
N GLY A 158 -21.97 -17.72 -19.48
CA GLY A 158 -20.84 -17.48 -20.37
C GLY A 158 -20.02 -18.74 -20.46
N ILE A 159 -19.20 -18.86 -21.50
CA ILE A 159 -18.37 -20.04 -21.73
C ILE A 159 -17.94 -20.80 -20.46
N ILE A 160 -17.46 -20.08 -19.45
CA ILE A 160 -17.01 -20.68 -18.19
C ILE A 160 -18.14 -21.47 -17.53
N ASN A 161 -19.33 -20.88 -17.47
CA ASN A 161 -20.48 -21.55 -16.88
C ASN A 161 -20.83 -22.70 -17.80
N VAL A 162 -20.71 -22.44 -19.09
CA VAL A 162 -21.02 -23.46 -20.06
C VAL A 162 -20.01 -24.58 -19.90
N LEU A 163 -18.83 -24.26 -19.39
CA LEU A 163 -17.82 -25.30 -19.17
C LEU A 163 -18.04 -25.94 -17.80
N ALA A 164 -18.35 -25.11 -16.81
CA ALA A 164 -18.61 -25.56 -15.45
C ALA A 164 -19.37 -26.86 -15.48
N GLY A 165 -20.70 -26.79 -15.31
CA GLY A 165 -21.52 -28.00 -15.35
C GLY A 165 -21.53 -28.68 -16.71
N SER A 166 -20.44 -29.37 -17.02
CA SER A 166 -20.35 -30.01 -18.32
C SER A 166 -19.54 -31.30 -18.34
N SER A 167 -19.51 -31.89 -19.53
CA SER A 167 -18.80 -33.15 -19.80
C SER A 167 -19.28 -33.62 -21.15
N LEU A 168 -18.80 -34.76 -21.59
CA LEU A 168 -19.27 -35.27 -22.85
C LEU A 168 -18.87 -36.71 -23.01
N LYS A 169 -19.61 -37.42 -23.85
CA LYS A 169 -19.34 -38.84 -24.15
C LYS A 169 -19.63 -39.84 -23.05
N ASN A 170 -18.58 -40.57 -22.69
CA ASN A 170 -18.64 -41.61 -21.68
C ASN A 170 -17.69 -41.21 -20.56
N ARG A 171 -17.71 -39.92 -20.24
CA ARG A 171 -16.83 -39.35 -19.22
C ARG A 171 -17.36 -37.96 -18.84
N LYS A 172 -17.06 -37.52 -17.62
CA LYS A 172 -17.45 -36.20 -17.14
C LYS A 172 -16.17 -35.40 -17.30
N LEU A 173 -16.24 -34.22 -17.89
CA LEU A 173 -15.02 -33.44 -18.05
C LEU A 173 -14.41 -33.17 -16.66
N THR A 174 -13.10 -33.38 -16.55
CA THR A 174 -12.34 -33.15 -15.33
C THR A 174 -12.28 -31.65 -15.01
N MET A 175 -12.16 -31.29 -13.73
CA MET A 175 -12.08 -29.88 -13.32
C MET A 175 -10.82 -29.26 -13.89
N ASP A 176 -9.70 -29.97 -13.75
CA ASP A 176 -8.44 -29.49 -14.28
C ASP A 176 -8.59 -29.41 -15.79
N GLU A 177 -9.31 -30.38 -16.35
CA GLU A 177 -9.57 -30.42 -17.79
C GLU A 177 -10.37 -29.19 -18.17
N LYS A 178 -11.31 -28.81 -17.29
CA LYS A 178 -12.15 -27.64 -17.49
C LYS A 178 -11.35 -26.35 -17.39
N ILE A 179 -10.42 -26.30 -16.44
CA ILE A 179 -9.56 -25.14 -16.24
C ILE A 179 -8.73 -24.93 -17.49
N LYS A 180 -7.97 -25.95 -17.87
CA LYS A 180 -7.13 -25.90 -19.07
C LYS A 180 -7.96 -25.46 -20.28
N TYR A 181 -9.19 -25.95 -20.36
CA TYR A 181 -10.09 -25.61 -21.46
C TYR A 181 -10.19 -24.09 -21.57
N ILE A 182 -10.57 -23.46 -20.46
CA ILE A 182 -10.69 -22.01 -20.43
C ILE A 182 -9.34 -21.34 -20.65
N MET A 183 -8.30 -21.92 -20.07
CA MET A 183 -6.98 -21.34 -20.25
C MET A 183 -6.69 -21.29 -21.75
N LEU A 184 -7.32 -22.17 -22.53
CA LEU A 184 -7.08 -22.18 -23.97
C LEU A 184 -7.70 -21.00 -24.65
N LEU A 185 -8.88 -20.61 -24.21
CA LEU A 185 -9.56 -19.47 -24.80
C LEU A 185 -9.00 -18.15 -24.27
N ILE A 186 -8.37 -18.19 -23.10
CA ILE A 186 -7.80 -16.98 -22.53
C ILE A 186 -6.52 -16.65 -23.24
N ILE A 187 -5.76 -17.67 -23.59
CA ILE A 187 -4.50 -17.46 -24.28
C ILE A 187 -4.76 -17.15 -25.73
N GLY A 188 -5.99 -17.41 -26.17
CA GLY A 188 -6.35 -17.13 -27.55
C GLY A 188 -6.95 -15.74 -27.68
N GLY A 189 -7.78 -15.36 -26.70
CA GLY A 189 -8.41 -14.06 -26.72
C GLY A 189 -7.56 -12.89 -26.25
N ASN A 190 -6.84 -13.07 -25.15
CA ASN A 190 -6.00 -12.02 -24.62
C ASN A 190 -4.82 -11.78 -25.55
N GLU A 191 -4.46 -12.79 -26.34
CA GLU A 191 -3.31 -12.66 -27.23
C GLU A 191 -3.61 -12.69 -28.71
N THR A 192 -2.52 -12.71 -29.46
CA THR A 192 -2.53 -12.79 -30.92
C THR A 192 -3.40 -11.81 -31.68
N THR A 193 -4.46 -11.32 -31.06
CA THR A 193 -5.36 -10.38 -31.69
C THR A 193 -4.73 -9.00 -31.59
N THR A 194 -4.03 -8.81 -30.47
CA THR A 194 -3.34 -7.57 -30.16
C THR A 194 -2.41 -7.22 -31.29
N ASN A 195 -1.84 -8.24 -31.92
CA ASN A 195 -0.88 -8.02 -33.00
C ASN A 195 -1.47 -7.76 -34.39
N LEU A 196 -2.58 -8.40 -34.72
CA LEU A 196 -3.19 -8.18 -36.02
C LEU A 196 -3.62 -6.73 -36.10
N ILE A 197 -3.67 -6.06 -34.97
CA ILE A 197 -4.07 -4.65 -34.93
C ILE A 197 -2.82 -3.82 -35.09
N GLY A 198 -1.76 -4.22 -34.39
CA GLY A 198 -0.51 -3.50 -34.49
C GLY A 198 0.10 -3.62 -35.88
N ASN A 199 -0.25 -4.70 -36.56
CA ASN A 199 0.27 -4.96 -37.90
C ASN A 199 -0.51 -4.28 -39.01
N MET A 200 -1.73 -3.82 -38.71
CA MET A 200 -2.50 -3.13 -39.72
C MET A 200 -2.02 -1.70 -39.70
N ILE A 201 -1.77 -1.20 -38.48
CA ILE A 201 -1.26 0.15 -38.31
C ILE A 201 0.04 0.27 -39.07
N ARG A 202 0.91 -0.71 -38.86
CA ARG A 202 2.18 -0.73 -39.55
C ARG A 202 1.87 -0.53 -41.01
N VAL A 203 1.07 -1.42 -41.57
CA VAL A 203 0.73 -1.34 -42.99
C VAL A 203 0.45 0.10 -43.41
N ILE A 204 -0.17 0.88 -42.52
CA ILE A 204 -0.47 2.27 -42.82
C ILE A 204 0.79 3.16 -42.79
N ASP A 205 1.65 2.97 -41.79
CA ASP A 205 2.87 3.78 -41.74
C ASP A 205 3.69 3.59 -43.02
N GLU A 206 3.78 2.33 -43.48
CA GLU A 206 4.58 2.00 -44.66
C GLU A 206 3.88 2.22 -46.00
N ASN A 207 2.54 2.20 -46.01
CA ASN A 207 1.77 2.36 -47.25
C ASN A 207 0.69 3.45 -47.11
N PRO A 208 1.09 4.68 -46.73
CA PRO A 208 0.31 5.90 -46.49
C PRO A 208 -0.98 6.22 -47.24
N ASP A 209 -1.16 5.70 -48.46
CA ASP A 209 -2.38 6.01 -49.21
C ASP A 209 -3.26 4.84 -49.62
N ILE A 210 -3.33 3.82 -48.76
CA ILE A 210 -4.20 2.68 -49.00
C ILE A 210 -5.45 2.91 -48.13
N ILE A 211 -5.35 3.91 -47.26
CA ILE A 211 -6.43 4.26 -46.36
C ILE A 211 -7.80 4.17 -47.00
N ASP A 212 -8.16 5.22 -47.74
CA ASP A 212 -9.47 5.27 -48.38
C ASP A 212 -10.00 3.97 -48.96
N ASP A 213 -9.12 3.04 -49.36
CA ASP A 213 -9.61 1.76 -49.86
C ASP A 213 -9.97 0.88 -48.67
N ALA A 214 -9.04 0.80 -47.71
CA ALA A 214 -9.26 0.04 -46.49
C ALA A 214 -10.66 0.39 -45.95
N LEU A 215 -10.95 1.67 -45.71
CA LEU A 215 -12.26 2.10 -45.21
C LEU A 215 -13.33 1.34 -45.99
N LYS A 216 -13.29 1.53 -47.31
CA LYS A 216 -14.24 0.90 -48.19
C LYS A 216 -14.29 -0.62 -48.00
N ASN A 217 -13.14 -1.25 -47.81
CA ASN A 217 -13.13 -2.68 -47.59
C ASN A 217 -12.36 -3.00 -46.31
N ARG A 218 -12.98 -2.64 -45.19
CA ARG A 218 -12.38 -2.85 -43.89
C ARG A 218 -12.09 -4.33 -43.62
N SER A 219 -12.73 -5.22 -44.37
CA SER A 219 -12.55 -6.66 -44.22
C SER A 219 -11.43 -7.28 -45.03
N GLY A 220 -11.44 -6.99 -46.32
CA GLY A 220 -10.42 -7.53 -47.20
C GLY A 220 -9.09 -7.05 -46.71
N PHE A 221 -9.10 -5.83 -46.18
CA PHE A 221 -7.88 -5.22 -45.65
C PHE A 221 -7.35 -6.11 -44.52
N VAL A 222 -8.18 -6.32 -43.50
CA VAL A 222 -7.75 -7.16 -42.39
C VAL A 222 -7.24 -8.45 -43.00
N GLU A 223 -8.15 -9.12 -43.69
CA GLU A 223 -7.89 -10.38 -44.35
C GLU A 223 -6.53 -10.39 -45.02
N GLU A 224 -6.11 -9.23 -45.51
CA GLU A 224 -4.81 -9.14 -46.17
C GLU A 224 -3.69 -9.08 -45.14
N THR A 225 -3.85 -8.22 -44.14
CA THR A 225 -2.84 -8.07 -43.11
C THR A 225 -2.48 -9.43 -42.54
N LEU A 226 -3.46 -10.31 -42.43
CA LEU A 226 -3.23 -11.65 -41.91
C LEU A 226 -2.33 -12.49 -42.80
N ARG A 227 -2.21 -12.11 -44.07
CA ARG A 227 -1.34 -12.82 -44.98
C ARG A 227 0.05 -12.20 -45.03
N TYR A 228 0.05 -10.88 -45.06
CA TYR A 228 1.25 -10.05 -45.13
C TYR A 228 2.04 -10.02 -43.81
N TYR A 229 1.32 -9.96 -42.69
CA TYR A 229 1.94 -9.95 -41.37
C TYR A 229 1.29 -10.94 -40.44
N SER A 230 1.51 -12.22 -40.72
CA SER A 230 0.97 -13.30 -39.93
C SER A 230 1.27 -13.05 -38.46
N PRO A 231 0.24 -12.77 -37.64
CA PRO A 231 0.45 -12.52 -36.21
C PRO A 231 1.28 -13.62 -35.58
N ILE A 232 0.99 -14.87 -35.92
CA ILE A 232 1.74 -16.00 -35.42
C ILE A 232 2.63 -16.49 -36.55
N GLN A 233 3.93 -16.23 -36.44
CA GLN A 233 4.88 -16.61 -37.47
C GLN A 233 5.04 -18.08 -37.78
N PHE A 234 4.72 -18.95 -36.83
CA PHE A 234 4.82 -20.38 -37.09
C PHE A 234 4.35 -21.26 -35.94
N LEU A 235 3.94 -22.47 -36.29
CA LEU A 235 3.48 -23.44 -35.31
C LEU A 235 4.64 -24.42 -35.17
N PRO A 236 5.17 -24.53 -33.95
CA PRO A 236 6.29 -25.42 -33.65
C PRO A 236 5.96 -26.80 -33.15
N HIS A 237 4.76 -26.95 -32.60
CA HIS A 237 4.38 -28.23 -32.05
C HIS A 237 3.55 -29.16 -32.87
N ARG A 238 4.25 -29.89 -33.74
CA ARG A 238 3.70 -30.93 -34.61
C ARG A 238 4.76 -32.00 -34.69
N PHE A 239 4.35 -33.27 -34.70
CA PHE A 239 5.29 -34.40 -34.77
C PHE A 239 4.78 -35.57 -35.62
N ALA A 240 5.71 -36.19 -36.36
CA ALA A 240 5.42 -37.34 -37.22
C ALA A 240 4.93 -38.52 -36.40
N ALA A 241 3.73 -38.99 -36.72
CA ALA A 241 3.12 -40.11 -36.02
C ALA A 241 3.38 -41.41 -36.74
N GLU A 242 4.00 -41.29 -37.91
CA GLU A 242 4.30 -42.44 -38.77
C GLU A 242 5.20 -41.94 -39.88
N ASP A 243 6.00 -42.82 -40.49
CA ASP A 243 6.87 -42.36 -41.57
C ASP A 243 6.10 -41.88 -42.79
N SER A 244 6.37 -40.64 -43.18
CA SER A 244 5.73 -40.05 -44.33
C SER A 244 6.70 -39.13 -45.06
N TYR A 245 6.22 -38.53 -46.14
CA TYR A 245 7.03 -37.63 -46.95
C TYR A 245 6.51 -36.19 -46.90
N ILE A 246 7.26 -35.31 -47.57
CA ILE A 246 6.96 -33.89 -47.76
C ILE A 246 7.96 -33.60 -48.86
N ASN A 247 7.45 -33.23 -50.04
CA ASN A 247 8.31 -32.99 -51.19
C ASN A 247 9.08 -34.28 -51.40
N ASN A 248 10.40 -34.24 -51.22
CA ASN A 248 11.17 -35.47 -51.40
C ASN A 248 11.89 -35.79 -50.10
N LYS A 249 11.19 -35.54 -48.99
CA LYS A 249 11.73 -35.76 -47.65
C LYS A 249 10.99 -36.85 -46.87
N LYS A 250 11.77 -37.76 -46.27
CA LYS A 250 11.19 -38.84 -45.47
C LYS A 250 11.17 -38.49 -43.99
N ILE A 251 9.97 -38.29 -43.48
CA ILE A 251 9.80 -37.94 -42.09
C ILE A 251 9.73 -39.21 -41.27
N LYS A 252 10.54 -39.24 -40.22
CA LYS A 252 10.64 -40.38 -39.33
C LYS A 252 9.62 -40.22 -38.20
N LYS A 253 8.83 -41.27 -37.96
CA LYS A 253 7.79 -41.26 -36.92
C LYS A 253 8.35 -40.76 -35.59
N GLY A 254 7.90 -39.58 -35.20
CA GLY A 254 8.35 -38.95 -33.97
C GLY A 254 8.82 -37.57 -34.40
N ASP A 255 9.72 -37.54 -35.39
CA ASP A 255 10.24 -36.29 -35.94
C ASP A 255 9.33 -35.09 -35.69
N GLN A 256 9.92 -34.04 -35.13
CA GLN A 256 9.18 -32.83 -34.86
C GLN A 256 8.97 -32.13 -36.20
N VAL A 257 7.79 -31.54 -36.39
CA VAL A 257 7.46 -30.82 -37.62
C VAL A 257 7.18 -29.35 -37.34
N ILE A 258 8.13 -28.51 -37.73
CA ILE A 258 8.01 -27.07 -37.53
C ILE A 258 7.48 -26.49 -38.81
N VAL A 259 6.22 -26.10 -38.74
CA VAL A 259 5.53 -25.53 -39.87
C VAL A 259 5.52 -24.01 -39.77
N TYR A 260 6.28 -23.35 -40.64
CA TYR A 260 6.32 -21.91 -40.62
C TYR A 260 5.15 -21.35 -41.41
N LEU A 261 4.19 -20.80 -40.69
CA LEU A 261 3.06 -20.22 -41.34
C LEU A 261 3.57 -18.97 -42.06
N GLY A 262 3.97 -17.96 -41.28
CA GLY A 262 4.47 -16.71 -41.83
C GLY A 262 4.85 -16.79 -43.29
N SER A 263 5.99 -17.43 -43.55
CA SER A 263 6.50 -17.61 -44.91
C SER A 263 5.46 -18.11 -45.89
N ALA A 264 4.81 -19.22 -45.54
CA ALA A 264 3.78 -19.81 -46.41
C ALA A 264 2.82 -18.78 -47.00
N ASN A 265 2.54 -17.73 -46.25
CA ASN A 265 1.62 -16.69 -46.71
C ASN A 265 2.29 -15.78 -47.74
N ARG A 266 3.57 -16.03 -47.95
CA ARG A 266 4.35 -15.25 -48.89
C ARG A 266 4.76 -16.12 -50.09
N ASP A 267 4.37 -17.40 -50.06
CA ASP A 267 4.68 -18.31 -51.14
C ASP A 267 4.36 -17.64 -52.45
N GLU A 268 5.32 -17.67 -53.37
CA GLU A 268 5.16 -17.06 -54.67
C GLU A 268 4.29 -17.91 -55.61
N THR A 269 4.38 -19.23 -55.45
CA THR A 269 3.60 -20.16 -56.28
C THR A 269 2.10 -20.06 -55.97
N PHE A 270 1.73 -19.26 -54.98
CA PHE A 270 0.34 -19.12 -54.60
C PHE A 270 -0.24 -17.72 -54.65
N PHE A 271 0.59 -16.72 -54.37
CA PHE A 271 0.13 -15.33 -54.36
C PHE A 271 0.87 -14.47 -55.37
N ASP A 272 0.18 -13.99 -56.40
CA ASP A 272 0.82 -13.14 -57.40
C ASP A 272 1.49 -11.99 -56.67
N GLU A 273 2.74 -11.69 -57.02
CA GLU A 273 3.46 -10.60 -56.38
C GLU A 273 3.15 -10.64 -54.90
N PRO A 274 3.35 -11.79 -54.27
CA PRO A 274 3.08 -11.92 -52.83
C PRO A 274 3.51 -10.71 -52.02
N ASP A 275 4.81 -10.44 -52.04
CA ASP A 275 5.36 -9.34 -51.28
C ASP A 275 4.53 -8.05 -51.13
N LEU A 276 3.75 -7.66 -52.14
CA LEU A 276 2.95 -6.45 -52.02
C LEU A 276 1.73 -6.67 -51.10
N PHE A 277 0.96 -5.61 -50.87
CA PHE A 277 -0.23 -5.69 -50.00
C PHE A 277 -1.52 -5.74 -50.84
N LYS A 278 -1.42 -6.27 -52.05
CA LYS A 278 -2.59 -6.36 -52.93
C LYS A 278 -3.82 -6.75 -52.09
N ILE A 279 -4.86 -5.92 -52.06
CA ILE A 279 -6.07 -6.25 -51.28
C ILE A 279 -7.16 -6.92 -52.10
N GLY A 280 -7.55 -8.12 -51.68
CA GLY A 280 -8.60 -8.84 -52.37
C GLY A 280 -8.17 -10.12 -53.04
N ARG A 281 -6.89 -10.45 -52.92
CA ARG A 281 -6.33 -11.66 -53.51
C ARG A 281 -7.37 -12.80 -53.46
N ARG A 282 -7.26 -13.75 -54.37
CA ARG A 282 -8.24 -14.84 -54.39
C ARG A 282 -7.85 -16.17 -53.76
N GLU A 283 -6.92 -16.14 -52.80
CA GLU A 283 -6.50 -17.36 -52.12
C GLU A 283 -6.45 -17.19 -50.60
N MET A 284 -6.82 -18.24 -49.89
CA MET A 284 -6.82 -18.20 -48.43
C MET A 284 -5.40 -18.26 -47.85
N HIS A 285 -5.19 -17.54 -46.76
CA HIS A 285 -3.89 -17.51 -46.10
C HIS A 285 -3.94 -18.45 -44.89
N LEU A 286 -2.92 -19.29 -44.75
CA LEU A 286 -2.91 -20.21 -43.63
C LEU A 286 -2.50 -19.53 -42.33
N ALA A 287 -2.94 -18.29 -42.12
CA ALA A 287 -2.60 -17.55 -40.91
C ALA A 287 -3.40 -18.11 -39.75
N PHE A 288 -4.66 -18.42 -40.01
CA PHE A 288 -5.49 -19.02 -38.98
C PHE A 288 -5.36 -20.52 -39.12
N GLY A 289 -4.34 -20.95 -39.87
CA GLY A 289 -4.12 -22.37 -40.07
C GLY A 289 -5.09 -22.92 -41.09
N ILE A 290 -5.49 -24.16 -40.89
CA ILE A 290 -6.41 -24.84 -41.80
C ILE A 290 -6.52 -26.27 -41.31
N GLY A 291 -7.75 -26.72 -41.07
CA GLY A 291 -7.94 -28.08 -40.59
C GLY A 291 -8.76 -28.19 -39.31
N ILE A 292 -8.84 -29.39 -38.76
CA ILE A 292 -9.60 -29.62 -37.54
C ILE A 292 -9.13 -28.66 -36.46
N HIS A 293 -7.86 -28.30 -36.53
CA HIS A 293 -7.26 -27.41 -35.55
C HIS A 293 -7.34 -25.95 -35.90
N MET A 294 -8.05 -25.62 -36.98
CA MET A 294 -8.12 -24.22 -37.37
C MET A 294 -8.63 -23.37 -36.24
N CYS A 295 -8.24 -22.10 -36.21
CA CYS A 295 -8.65 -21.21 -35.13
C CYS A 295 -10.15 -21.08 -34.99
N LEU A 296 -10.61 -21.52 -33.83
CA LEU A 296 -12.00 -21.49 -33.46
C LEU A 296 -12.38 -20.04 -33.21
N GLY A 297 -11.38 -19.23 -32.90
CA GLY A 297 -11.64 -17.83 -32.62
C GLY A 297 -11.54 -16.98 -33.86
N ALA A 298 -11.31 -17.63 -34.99
CA ALA A 298 -11.19 -16.95 -36.24
C ALA A 298 -12.24 -15.86 -36.41
N PRO A 299 -13.53 -16.22 -36.38
CA PRO A 299 -14.62 -15.26 -36.54
C PRO A 299 -14.59 -14.13 -35.54
N LEU A 300 -14.11 -14.43 -34.35
CA LEU A 300 -14.02 -13.47 -33.28
C LEU A 300 -13.12 -12.30 -33.63
N ALA A 301 -11.88 -12.62 -33.98
CA ALA A 301 -10.86 -11.63 -34.34
C ALA A 301 -11.16 -10.85 -35.63
N ARG A 302 -11.71 -11.55 -36.62
CA ARG A 302 -12.04 -10.91 -37.88
C ARG A 302 -12.85 -9.65 -37.62
N LEU A 303 -13.75 -9.72 -36.65
CA LEU A 303 -14.61 -8.59 -36.27
C LEU A 303 -13.84 -7.55 -35.46
N GLU A 304 -13.34 -7.98 -34.30
CA GLU A 304 -12.56 -7.13 -33.41
C GLU A 304 -11.56 -6.38 -34.26
N ALA A 305 -10.95 -7.09 -35.20
CA ALA A 305 -9.98 -6.47 -36.09
C ALA A 305 -10.67 -5.32 -36.82
N SER A 306 -11.68 -5.69 -37.59
CA SER A 306 -12.47 -4.77 -38.38
C SER A 306 -13.00 -3.57 -37.62
N ILE A 307 -13.74 -3.81 -36.56
CA ILE A 307 -14.28 -2.72 -35.78
C ILE A 307 -13.18 -1.70 -35.44
N ALA A 308 -12.11 -2.19 -34.84
CA ALA A 308 -10.98 -1.34 -34.45
C ALA A 308 -10.37 -0.67 -35.65
N LEU A 309 -10.04 -1.46 -36.68
CA LEU A 309 -9.45 -0.89 -37.89
C LEU A 309 -10.18 0.41 -38.14
N ASN A 310 -11.49 0.30 -38.16
CA ASN A 310 -12.37 1.44 -38.37
C ASN A 310 -12.20 2.47 -37.24
N ASP A 311 -12.56 2.07 -36.02
CA ASP A 311 -12.43 2.97 -34.87
C ASP A 311 -11.12 3.74 -35.01
N ILE A 312 -10.06 3.04 -35.37
CA ILE A 312 -8.74 3.67 -35.54
C ILE A 312 -8.77 4.76 -36.58
N LEU A 313 -8.74 4.35 -37.84
CA LEU A 313 -8.73 5.25 -38.97
C LEU A 313 -9.60 6.48 -38.81
N ASN A 314 -10.83 6.28 -38.34
CA ASN A 314 -11.76 7.39 -38.15
C ASN A 314 -11.40 8.26 -36.95
N HIS A 315 -10.22 8.01 -36.36
CA HIS A 315 -9.79 8.78 -35.19
C HIS A 315 -8.47 9.48 -35.38
N PHE A 316 -7.78 9.15 -36.46
CA PHE A 316 -6.48 9.76 -36.73
C PHE A 316 -6.33 10.33 -38.13
N LYS A 317 -6.14 11.64 -38.22
CA LYS A 317 -5.94 12.28 -39.51
C LYS A 317 -4.97 11.38 -40.27
N ARG A 318 -3.67 11.52 -39.98
CA ARG A 318 -2.63 10.73 -40.62
C ARG A 318 -2.12 9.63 -39.68
N ILE A 319 -1.07 8.93 -40.08
CA ILE A 319 -0.52 7.86 -39.25
C ILE A 319 0.94 7.57 -39.45
N LYS A 320 1.79 8.13 -38.59
CA LYS A 320 3.23 7.92 -38.63
C LYS A 320 3.52 7.11 -37.38
N ILE A 321 4.61 6.37 -37.38
CA ILE A 321 4.96 5.57 -36.22
C ILE A 321 6.30 5.95 -35.62
N ASP A 322 6.27 6.89 -34.67
CA ASP A 322 7.50 7.30 -34.01
C ASP A 322 8.24 6.01 -33.69
N TYR A 323 9.33 5.76 -34.41
CA TYR A 323 10.11 4.56 -34.17
C TYR A 323 11.20 4.73 -33.12
N LYS A 324 11.49 5.98 -32.73
CA LYS A 324 12.51 6.22 -31.71
C LYS A 324 11.99 5.74 -30.36
N LYS A 325 10.69 5.42 -30.32
CA LYS A 325 10.03 4.94 -29.11
C LYS A 325 9.41 3.56 -29.23
N SER A 326 9.03 3.17 -30.46
CA SER A 326 8.37 1.90 -30.70
C SER A 326 9.34 0.74 -30.93
N ARG A 327 8.94 -0.47 -30.51
CA ARG A 327 9.76 -1.68 -30.68
C ARG A 327 8.91 -2.94 -30.87
N LEU A 328 9.25 -3.75 -31.88
CA LEU A 328 8.52 -4.99 -32.17
C LEU A 328 8.96 -6.03 -31.16
N LEU A 329 8.02 -6.78 -30.63
CA LEU A 329 8.36 -7.82 -29.68
C LEU A 329 9.50 -8.54 -30.36
N ASP A 330 10.44 -9.10 -29.60
CA ASP A 330 11.54 -9.80 -30.25
C ASP A 330 11.47 -11.32 -30.11
N ASN A 331 10.25 -11.85 -30.26
CA ASN A 331 10.01 -13.29 -30.19
C ASN A 331 9.71 -13.77 -31.60
N LYS A 332 10.74 -14.32 -32.25
CA LYS A 332 10.62 -14.79 -33.63
C LYS A 332 9.40 -15.65 -33.95
N MET A 333 8.72 -16.18 -32.94
CA MET A 333 7.55 -17.02 -33.22
C MET A 333 6.32 -16.19 -33.58
N VAL A 334 6.24 -14.98 -33.05
CA VAL A 334 5.12 -14.12 -33.35
C VAL A 334 5.60 -12.75 -33.78
N LEU A 335 4.81 -12.12 -34.63
CA LEU A 335 5.13 -10.81 -35.14
C LEU A 335 4.13 -9.76 -34.65
N GLY A 336 4.64 -8.73 -33.98
CA GLY A 336 3.81 -7.68 -33.47
C GLY A 336 4.64 -6.69 -32.71
N TYR A 337 4.02 -5.60 -32.31
CA TYR A 337 4.69 -4.55 -31.56
C TYR A 337 4.55 -4.74 -30.07
N ASP A 338 5.61 -4.39 -29.35
CA ASP A 338 5.63 -4.45 -27.90
C ASP A 338 5.10 -3.08 -27.48
N LYS A 339 5.66 -2.06 -28.11
CA LYS A 339 5.31 -0.67 -27.88
C LYS A 339 5.19 -0.04 -29.25
N LEU A 340 4.10 0.70 -29.46
CA LEU A 340 3.87 1.42 -30.70
C LEU A 340 3.33 2.80 -30.32
N PHE A 341 4.08 3.84 -30.66
CA PHE A 341 3.67 5.19 -30.36
C PHE A 341 3.55 5.92 -31.67
N LEU A 342 2.73 6.96 -31.71
CA LEU A 342 2.49 7.72 -32.93
C LEU A 342 3.21 9.07 -33.11
N SER A 343 2.88 9.73 -34.22
CA SER A 343 3.46 11.03 -34.63
C SER A 343 4.95 10.86 -34.96
N LEU B 3 16.96 22.08 -27.54
CA LEU B 3 17.23 21.29 -26.30
C LEU B 3 18.16 20.10 -26.58
N ASN B 4 18.05 19.03 -25.80
CA ASN B 4 18.94 17.88 -25.99
C ASN B 4 18.27 16.48 -25.90
N ASP B 5 18.94 15.48 -26.46
CA ASP B 5 18.41 14.13 -26.43
C ASP B 5 18.64 13.54 -25.03
N PRO B 6 17.56 13.17 -24.31
CA PRO B 6 17.54 12.60 -22.96
C PRO B 6 18.80 11.87 -22.52
N VAL B 7 19.45 12.47 -21.54
CA VAL B 7 20.70 11.97 -20.97
C VAL B 7 20.46 11.36 -19.61
N HIS B 8 21.27 10.35 -19.29
CA HIS B 8 21.17 9.68 -18.00
C HIS B 8 22.45 10.00 -17.24
N TYR B 9 22.32 10.16 -15.92
CA TYR B 9 23.46 10.43 -15.06
C TYR B 9 22.93 10.86 -13.70
N ASP B 10 23.82 10.94 -12.70
CA ASP B 10 23.39 11.30 -11.35
C ASP B 10 22.29 10.29 -10.98
N GLY B 11 22.21 9.24 -11.79
CA GLY B 11 21.25 8.18 -11.60
C GLY B 11 19.85 8.51 -12.01
N ALA B 12 19.68 9.00 -13.22
CA ALA B 12 18.34 9.33 -13.66
C ALA B 12 18.28 9.90 -15.07
N TRP B 13 17.20 9.59 -15.75
CA TRP B 13 17.02 10.10 -17.08
C TRP B 13 16.51 11.52 -16.93
N HIS B 14 17.01 12.38 -17.79
CA HIS B 14 16.63 13.76 -17.80
C HIS B 14 16.04 14.02 -19.19
N VAL B 15 14.80 14.47 -19.26
CA VAL B 15 14.19 14.75 -20.55
C VAL B 15 14.07 16.26 -20.69
N TYR B 16 14.44 16.78 -21.86
CA TYR B 16 14.40 18.22 -22.10
C TYR B 16 13.45 18.68 -23.19
N LYS B 17 13.18 17.83 -24.17
CA LYS B 17 12.29 18.21 -25.27
C LYS B 17 10.79 18.22 -24.96
N TYR B 18 10.06 19.05 -25.69
CA TYR B 18 8.63 19.14 -25.49
C TYR B 18 8.00 17.76 -25.60
N SER B 19 7.80 17.30 -26.82
CA SER B 19 7.19 15.99 -27.09
C SER B 19 7.65 14.87 -26.16
N ASP B 20 8.95 14.80 -25.91
CA ASP B 20 9.49 13.79 -25.03
C ASP B 20 8.94 14.02 -23.62
N VAL B 21 8.80 15.29 -23.25
CA VAL B 21 8.24 15.64 -21.95
C VAL B 21 6.77 15.27 -21.96
N LYS B 22 6.04 15.80 -22.93
CA LYS B 22 4.63 15.53 -23.07
C LYS B 22 4.48 14.02 -23.06
N HIS B 23 5.50 13.33 -23.54
CA HIS B 23 5.45 11.88 -23.61
C HIS B 23 5.48 11.20 -22.25
N VAL B 24 6.50 11.47 -21.45
CA VAL B 24 6.61 10.84 -20.16
C VAL B 24 5.46 11.18 -19.24
N LEU B 25 4.81 12.30 -19.46
CA LEU B 25 3.70 12.59 -18.60
C LEU B 25 2.59 11.67 -19.04
N MET B 26 1.98 11.98 -20.18
CA MET B 26 0.89 11.24 -20.80
C MET B 26 0.87 9.72 -20.63
N ASN B 27 2.00 9.11 -20.37
CA ASN B 27 2.00 7.66 -20.21
C ASN B 27 2.31 7.25 -18.77
N ASP B 28 1.40 7.58 -17.86
CA ASP B 28 1.55 7.28 -16.43
C ASP B 28 1.59 5.79 -16.15
N LYS B 29 1.15 5.00 -17.12
CA LYS B 29 1.15 3.55 -16.96
C LYS B 29 2.56 3.01 -17.22
N ILE B 30 3.40 3.85 -17.84
CA ILE B 30 4.78 3.49 -18.14
C ILE B 30 5.64 4.22 -17.13
N PHE B 31 5.23 5.42 -16.74
CA PHE B 31 6.01 6.19 -15.78
C PHE B 31 5.22 6.62 -14.56
N SER B 32 5.12 5.69 -13.61
CA SER B 32 4.42 5.89 -12.37
C SER B 32 4.73 7.27 -11.85
N SER B 33 3.77 7.87 -11.18
CA SER B 33 3.96 9.19 -10.60
C SER B 33 4.45 9.06 -9.16
N ASN B 34 5.40 8.15 -8.93
CA ASN B 34 5.94 7.91 -7.60
C ASN B 34 7.02 6.83 -7.53
N PRO B 35 7.85 6.85 -6.46
CA PRO B 35 8.94 5.90 -6.19
C PRO B 35 8.66 4.41 -6.41
N GLY B 36 9.71 3.60 -6.26
CA GLY B 36 9.62 2.16 -6.42
C GLY B 36 9.79 1.39 -5.11
N ASN B 37 9.54 2.11 -4.01
CA ASN B 37 9.61 1.62 -2.62
C ASN B 37 9.49 2.81 -1.67
N ARG B 38 10.65 3.40 -1.35
CA ARG B 38 10.72 4.57 -0.47
C ARG B 38 12.08 5.25 -0.61
N TYR B 39 12.06 6.52 -1.04
CA TYR B 39 13.28 7.32 -1.24
C TYR B 39 12.94 8.79 -1.06
N SER B 40 11.68 9.07 -0.71
CA SER B 40 11.16 10.43 -0.49
C SER B 40 11.85 11.51 -1.33
N GLY B 44 6.61 13.44 -1.77
CA GLY B 44 5.29 13.35 -2.35
C GLY B 44 4.24 12.89 -1.36
N ILE B 45 3.02 13.43 -1.48
CA ILE B 45 1.96 13.07 -0.56
C ILE B 45 0.56 13.19 -1.14
N SER B 46 -0.28 12.23 -0.80
CA SER B 46 -1.65 12.19 -1.30
C SER B 46 -1.57 11.69 -2.76
N PHE B 47 -2.64 11.88 -3.52
CA PHE B 47 -2.72 11.43 -4.93
C PHE B 47 -1.76 12.00 -5.99
N ILE B 48 -0.78 12.79 -5.59
CA ILE B 48 0.15 13.35 -6.57
C ILE B 48 1.16 12.26 -6.83
N THR B 49 1.36 11.44 -5.81
CA THR B 49 2.33 10.36 -5.88
C THR B 49 1.66 9.01 -6.02
N MET B 50 0.44 9.05 -6.56
CA MET B 50 -0.38 7.86 -6.80
C MET B 50 -0.58 7.58 -8.28
N ASP B 51 -1.06 6.37 -8.55
CA ASP B 51 -1.34 5.96 -9.92
C ASP B 51 -2.83 5.77 -10.08
N ASN B 52 -3.37 6.35 -11.14
CA ASN B 52 -4.79 6.36 -11.43
C ASN B 52 -5.71 5.38 -10.70
N PRO B 53 -5.46 4.05 -10.79
CA PRO B 53 -6.41 3.19 -10.05
C PRO B 53 -6.73 3.87 -8.71
N GLU B 54 -5.72 3.99 -7.84
CA GLU B 54 -5.93 4.70 -6.58
C GLU B 54 -6.23 6.15 -6.97
N HIS B 55 -5.15 6.85 -7.36
CA HIS B 55 -5.17 8.27 -7.74
C HIS B 55 -6.48 8.98 -8.11
N LYS B 56 -7.26 8.40 -9.01
CA LYS B 56 -8.52 9.03 -9.42
C LYS B 56 -9.51 9.23 -8.27
N GLU B 57 -9.87 8.14 -7.62
CA GLU B 57 -10.82 8.19 -6.53
C GLU B 57 -10.56 9.37 -5.59
N PHE B 58 -9.31 9.82 -5.54
CA PHE B 58 -8.90 10.97 -4.74
C PHE B 58 -9.14 12.25 -5.54
N ARG B 59 -8.36 12.44 -6.60
CA ARG B 59 -8.49 13.61 -7.48
C ARG B 59 -9.98 14.00 -7.58
N ASP B 60 -10.81 12.97 -7.60
CA ASP B 60 -12.24 13.12 -7.69
C ASP B 60 -12.76 13.94 -6.52
N ILE B 61 -12.45 13.49 -5.31
CA ILE B 61 -12.92 14.13 -4.08
C ILE B 61 -12.93 15.66 -4.08
N SER B 62 -12.36 16.28 -5.11
CA SER B 62 -12.37 17.73 -5.12
C SER B 62 -12.39 18.36 -6.48
N ALA B 63 -11.89 17.63 -7.48
CA ALA B 63 -11.85 18.16 -8.84
C ALA B 63 -13.02 19.09 -9.10
N PRO B 64 -14.25 18.55 -9.02
CA PRO B 64 -15.43 19.38 -9.27
C PRO B 64 -15.38 20.77 -8.68
N TYR B 65 -14.79 20.94 -7.50
CA TYR B 65 -14.75 22.27 -6.90
C TYR B 65 -13.65 23.19 -7.39
N PHE B 66 -12.80 22.72 -8.31
CA PHE B 66 -11.74 23.57 -8.84
C PHE B 66 -11.95 23.98 -10.29
N LEU B 67 -13.21 24.12 -10.71
CA LEU B 67 -13.49 24.51 -12.11
C LEU B 67 -13.65 26.01 -12.27
N PRO B 68 -13.20 26.55 -13.41
CA PRO B 68 -13.29 27.99 -13.67
C PRO B 68 -14.49 28.70 -13.06
N SER B 69 -15.68 28.11 -13.17
CA SER B 69 -16.88 28.74 -12.60
C SER B 69 -17.07 28.33 -11.16
N LYS B 70 -16.89 27.04 -10.89
CA LYS B 70 -16.98 26.53 -9.54
C LYS B 70 -15.69 26.92 -8.84
N ILE B 71 -15.23 28.15 -9.09
CA ILE B 71 -14.02 28.68 -8.50
C ILE B 71 -14.08 30.19 -8.66
N ASN B 72 -14.67 30.64 -9.77
CA ASN B 72 -14.81 32.06 -10.04
C ASN B 72 -15.49 32.71 -8.85
N ASP B 73 -16.25 31.90 -8.12
CA ASP B 73 -16.95 32.35 -6.93
C ASP B 73 -16.07 33.27 -6.10
N TYR B 74 -14.87 32.80 -5.75
CA TYR B 74 -13.93 33.59 -4.96
C TYR B 74 -13.25 34.69 -5.79
N LYS B 75 -13.81 35.01 -6.95
CA LYS B 75 -13.27 36.06 -7.79
C LYS B 75 -13.06 37.30 -6.92
N ASP B 76 -13.96 37.47 -5.94
CA ASP B 76 -13.95 38.62 -5.02
C ASP B 76 -13.04 38.53 -3.81
N PHE B 77 -13.00 37.36 -3.18
CA PHE B 77 -12.14 37.22 -2.02
C PHE B 77 -10.74 37.59 -2.50
N ILE B 78 -10.37 37.10 -3.67
CA ILE B 78 -9.06 37.38 -4.26
C ILE B 78 -8.92 38.84 -4.67
N GLU B 79 -10.03 39.45 -5.05
CA GLU B 79 -10.03 40.86 -5.44
C GLU B 79 -9.77 41.65 -4.15
N GLU B 80 -10.59 41.38 -3.14
CA GLU B 80 -10.47 42.01 -1.83
C GLU B 80 -9.05 41.82 -1.34
N THR B 81 -8.74 40.63 -0.85
CA THR B 81 -7.40 40.32 -0.32
C THR B 81 -6.22 40.99 -1.03
N SER B 82 -6.06 40.69 -2.31
CA SER B 82 -4.98 41.28 -3.11
C SER B 82 -4.94 42.79 -2.89
N ASN B 83 -5.92 43.47 -3.48
CA ASN B 83 -6.05 44.92 -3.36
C ASN B 83 -5.82 45.39 -1.92
N ASP B 84 -6.18 44.56 -0.96
CA ASP B 84 -5.94 44.92 0.42
C ASP B 84 -4.44 44.92 0.52
N LEU B 85 -3.84 43.74 0.66
CA LEU B 85 -2.39 43.60 0.74
C LEU B 85 -1.67 44.65 -0.10
N ILE B 86 -1.97 44.64 -1.39
CA ILE B 86 -1.36 45.56 -2.37
C ILE B 86 -1.23 47.03 -1.92
N LYS B 87 -2.03 47.44 -0.94
CA LYS B 87 -1.98 48.81 -0.43
C LYS B 87 -0.61 49.08 0.22
N ASN B 88 -0.52 48.86 1.53
CA ASN B 88 0.70 49.07 2.32
C ASN B 88 2.00 48.37 1.86
N ILE B 89 2.10 48.06 0.57
CA ILE B 89 3.31 47.41 0.04
C ILE B 89 4.24 48.50 -0.47
N ASP B 90 3.66 49.66 -0.75
CA ASP B 90 4.43 50.78 -1.28
C ASP B 90 5.81 50.82 -0.64
N ASN B 91 6.78 50.26 -1.37
CA ASN B 91 8.18 50.22 -0.98
C ASN B 91 8.70 48.97 -0.25
N LYS B 92 7.81 48.17 0.35
CA LYS B 92 8.24 46.96 1.05
C LYS B 92 8.62 45.81 0.09
N ASP B 93 9.03 44.67 0.64
CA ASP B 93 9.39 43.48 -0.17
C ASP B 93 8.18 42.74 -0.71
N ILE B 94 7.98 42.87 -2.02
CA ILE B 94 6.87 42.26 -2.76
C ILE B 94 6.59 40.80 -2.47
N ILE B 95 7.64 39.99 -2.45
CA ILE B 95 7.46 38.57 -2.21
C ILE B 95 7.03 38.29 -0.77
N SER B 96 7.77 38.82 0.18
CA SER B 96 7.42 38.62 1.59
C SER B 96 6.16 39.39 1.97
N GLU B 97 5.92 40.52 1.32
CA GLU B 97 4.74 41.34 1.66
C GLU B 97 3.59 41.27 0.66
N TYR B 98 3.50 40.18 -0.11
CA TYR B 98 2.41 40.01 -1.08
C TYR B 98 2.31 38.62 -1.71
N ALA B 99 3.29 38.30 -2.55
CA ALA B 99 3.34 37.04 -3.25
C ALA B 99 3.26 35.81 -2.35
N VAL B 100 3.73 35.94 -1.12
CA VAL B 100 3.68 34.82 -0.20
C VAL B 100 2.37 34.86 0.58
N ARG B 101 1.86 36.07 0.79
CA ARG B 101 0.62 36.29 1.53
C ARG B 101 -0.63 35.99 0.70
N LEU B 102 -0.70 36.65 -0.46
CA LEU B 102 -1.81 36.50 -1.37
C LEU B 102 -2.32 35.06 -1.48
N PRO B 103 -1.44 34.12 -1.88
CA PRO B 103 -1.89 32.75 -2.00
C PRO B 103 -2.45 32.19 -0.70
N VAL B 104 -1.59 31.91 0.28
CA VAL B 104 -2.02 31.35 1.56
C VAL B 104 -3.34 31.93 2.06
N ASN B 105 -3.51 33.23 1.96
CA ASN B 105 -4.76 33.82 2.42
C ASN B 105 -5.92 33.52 1.49
N ILE B 106 -5.78 32.48 0.67
CA ILE B 106 -6.83 32.10 -0.27
C ILE B 106 -7.12 30.62 -0.20
N ILE B 107 -6.09 29.82 0.03
CA ILE B 107 -6.31 28.39 0.13
C ILE B 107 -7.10 28.16 1.42
N SER B 108 -6.66 28.77 2.51
CA SER B 108 -7.33 28.67 3.80
C SER B 108 -8.83 28.96 3.63
N LYS B 109 -9.14 30.05 2.93
CA LYS B 109 -10.53 30.40 2.70
C LYS B 109 -11.21 29.47 1.71
N ILE B 110 -10.44 28.80 0.88
CA ILE B 110 -11.02 27.89 -0.09
C ILE B 110 -11.06 26.46 0.45
N LEU B 111 -10.68 26.30 1.71
CA LEU B 111 -10.70 24.99 2.38
C LEU B 111 -11.72 25.08 3.53
N GLY B 112 -11.74 26.23 4.19
CA GLY B 112 -12.65 26.43 5.30
C GLY B 112 -11.98 26.95 6.54
N ILE B 113 -10.66 26.86 6.57
CA ILE B 113 -9.91 27.34 7.72
C ILE B 113 -10.56 28.56 8.34
N PRO B 114 -11.25 28.37 9.47
CA PRO B 114 -11.96 29.41 10.20
C PRO B 114 -11.28 30.73 10.03
N ASP B 115 -11.94 31.63 9.29
CA ASP B 115 -11.45 32.98 9.04
C ASP B 115 -11.39 33.64 10.41
N SER B 116 -10.59 33.04 11.29
CA SER B 116 -10.40 33.51 12.64
C SER B 116 -9.27 32.71 13.28
N ASP B 117 -9.00 31.52 12.74
CA ASP B 117 -7.92 30.66 13.26
C ASP B 117 -6.67 30.82 12.41
N MET B 118 -6.80 31.66 11.38
CA MET B 118 -5.73 31.94 10.43
C MET B 118 -4.30 31.92 10.96
N PRO B 119 -4.03 32.55 12.11
CA PRO B 119 -2.64 32.52 12.60
C PRO B 119 -1.94 31.19 12.30
N LEU B 120 -2.42 30.14 12.97
CA LEU B 120 -1.86 28.82 12.80
C LEU B 120 -1.66 28.44 11.34
N PHE B 121 -2.75 28.30 10.61
CA PHE B 121 -2.63 27.93 9.21
C PHE B 121 -1.45 28.70 8.66
N LYS B 122 -1.62 30.01 8.51
CA LYS B 122 -0.58 30.90 8.01
C LYS B 122 0.74 30.34 8.45
N LEU B 123 0.79 29.92 9.70
CA LEU B 123 2.01 29.35 10.28
C LEU B 123 2.25 27.93 9.77
N TRP B 124 1.38 27.01 10.18
CA TRP B 124 1.48 25.61 9.77
C TRP B 124 1.93 25.56 8.31
N SER B 125 1.21 26.28 7.46
CA SER B 125 1.48 26.40 6.05
C SER B 125 2.92 26.80 5.78
N ASP B 126 3.36 27.89 6.40
CA ASP B 126 4.72 28.35 6.16
C ASP B 126 5.76 27.29 6.42
N TYR B 127 5.36 26.24 7.14
CA TYR B 127 6.26 25.11 7.38
C TYR B 127 5.93 24.13 6.24
N ILE B 128 4.65 23.79 6.14
CA ILE B 128 4.15 22.89 5.12
C ILE B 128 4.98 23.13 3.85
N ILE B 129 4.99 24.38 3.39
CA ILE B 129 5.74 24.69 2.20
C ILE B 129 7.20 24.39 2.43
N GLY B 130 7.84 25.15 3.32
CA GLY B 130 9.25 24.96 3.58
C GLY B 130 9.87 26.24 4.08
N ASN B 131 9.02 27.26 4.26
CA ASN B 131 9.46 28.56 4.75
C ASN B 131 9.79 28.40 6.26
N LYS B 132 9.57 29.48 7.03
CA LYS B 132 9.86 29.48 8.46
C LYS B 132 10.09 28.12 9.17
N ARG B 133 11.36 27.77 9.35
CA ARG B 133 11.71 26.54 10.04
C ARG B 133 12.04 26.98 11.47
N ASP B 134 11.12 26.60 12.37
CA ASP B 134 11.16 26.95 13.79
C ASP B 134 11.75 25.90 14.75
N GLU B 135 11.95 26.39 15.98
CA GLU B 135 12.49 25.66 17.11
C GLU B 135 11.43 24.68 17.60
N ASN B 136 10.29 24.63 16.92
CA ASN B 136 9.21 23.76 17.36
C ASN B 136 8.24 23.30 16.25
N PHE B 137 8.75 22.55 15.29
CA PHE B 137 7.89 22.05 14.22
C PHE B 137 6.84 21.19 14.89
N ASN B 138 7.31 20.08 15.45
CA ASN B 138 6.48 19.14 16.18
C ASN B 138 5.26 19.81 16.79
N TYR B 139 5.51 20.81 17.64
CA TYR B 139 4.47 21.57 18.33
C TYR B 139 3.34 22.09 17.46
N VAL B 140 3.68 22.94 16.50
CA VAL B 140 2.70 23.53 15.60
C VAL B 140 1.93 22.50 14.77
N ASN B 141 2.65 21.67 14.03
CA ASN B 141 2.03 20.65 13.21
C ASN B 141 0.86 20.02 13.97
N ASN B 142 1.12 19.66 15.22
CA ASN B 142 0.10 19.04 16.04
C ASN B 142 -1.05 19.96 16.45
N ARG B 143 -0.74 21.15 16.94
CA ARG B 143 -1.79 22.08 17.33
C ARG B 143 -2.83 22.11 16.20
N MET B 144 -2.35 22.15 14.96
CA MET B 144 -3.22 22.20 13.78
C MET B 144 -3.92 20.88 13.48
N VAL B 145 -3.14 19.81 13.31
CA VAL B 145 -3.68 18.49 13.04
C VAL B 145 -4.85 18.25 13.99
N SER B 146 -4.63 18.57 15.25
CA SER B 146 -5.67 18.40 16.26
C SER B 146 -6.78 19.40 15.97
N ARG B 147 -6.43 20.67 15.88
CA ARG B 147 -7.40 21.71 15.60
C ARG B 147 -8.21 21.43 14.34
N LEU B 148 -7.72 20.54 13.48
CA LEU B 148 -8.40 20.16 12.24
C LEU B 148 -9.21 18.89 12.43
N LEU B 149 -8.65 17.93 13.17
CA LEU B 149 -9.35 16.68 13.44
C LEU B 149 -10.52 17.09 14.32
N GLU B 150 -10.58 18.41 14.55
CA GLU B 150 -11.60 19.10 15.32
C GLU B 150 -12.59 19.70 14.30
N ILE B 151 -12.21 20.83 13.70
CA ILE B 151 -13.01 21.54 12.68
C ILE B 151 -13.82 20.65 11.77
N PHE B 152 -13.27 19.46 11.47
CA PHE B 152 -13.93 18.50 10.62
C PHE B 152 -15.38 18.28 11.05
N LYS B 153 -15.58 17.91 12.32
CA LYS B 153 -16.91 17.69 12.87
C LYS B 153 -17.86 18.84 12.51
N SER B 154 -17.44 20.08 12.69
CA SER B 154 -18.28 21.23 12.33
C SER B 154 -18.53 21.32 10.82
N ASP B 155 -19.26 22.34 10.40
CA ASP B 155 -19.54 22.56 8.98
C ASP B 155 -18.81 23.77 8.44
N SER B 156 -19.08 24.08 7.17
CA SER B 156 -18.49 25.21 6.45
C SER B 156 -18.66 24.92 4.96
N HIS B 157 -18.68 25.96 4.12
CA HIS B 157 -18.83 25.73 2.67
C HIS B 157 -17.51 25.26 2.02
N GLY B 158 -16.52 24.97 2.86
CA GLY B 158 -15.20 24.57 2.37
C GLY B 158 -14.87 23.11 2.11
N ILE B 159 -13.93 22.92 1.18
CA ILE B 159 -13.44 21.62 0.78
C ILE B 159 -13.33 20.69 1.98
N ILE B 160 -12.85 21.22 3.09
CA ILE B 160 -12.70 20.44 4.30
C ILE B 160 -14.03 19.77 4.65
N ASN B 161 -15.08 20.56 4.68
CA ASN B 161 -16.41 20.05 4.98
C ASN B 161 -16.73 18.94 4.00
N VAL B 162 -16.15 19.03 2.80
CA VAL B 162 -16.36 18.00 1.79
C VAL B 162 -15.48 16.82 2.20
N LEU B 163 -14.24 17.12 2.58
CA LEU B 163 -13.31 16.07 3.01
C LEU B 163 -13.94 15.18 4.06
N ALA B 164 -14.95 15.71 4.75
CA ALA B 164 -15.65 14.96 5.80
C ALA B 164 -16.53 13.89 5.16
N GLY B 165 -17.68 14.32 4.64
CA GLY B 165 -18.61 13.39 4.03
C GLY B 165 -18.08 12.72 2.78
N SER B 166 -16.84 13.05 2.42
CA SER B 166 -16.21 12.47 1.24
C SER B 166 -15.64 11.04 1.40
N SER B 167 -15.74 10.25 0.33
CA SER B 167 -15.23 8.86 0.27
C SER B 167 -15.71 8.18 -1.01
N LEU B 168 -15.11 7.03 -1.35
CA LEU B 168 -15.53 6.31 -2.56
C LEU B 168 -14.92 4.91 -2.60
N LYS B 169 -15.54 4.03 -3.39
CA LYS B 169 -15.06 2.64 -3.57
C LYS B 169 -15.36 1.68 -2.42
N ASN B 170 -16.63 1.60 -2.02
CA ASN B 170 -17.07 0.73 -0.94
C ASN B 170 -16.31 0.98 0.37
N ARG B 171 -15.04 1.37 0.27
CA ARG B 171 -14.17 1.64 1.43
C ARG B 171 -14.37 3.07 1.98
N LYS B 172 -13.55 3.45 2.98
CA LYS B 172 -13.62 4.78 3.58
C LYS B 172 -12.22 5.24 4.01
N LEU B 173 -11.76 6.34 3.42
CA LEU B 173 -10.45 6.93 3.69
C LEU B 173 -10.11 7.05 5.16
N THR B 174 -8.85 7.38 5.46
CA THR B 174 -8.40 7.56 6.84
C THR B 174 -8.62 9.01 7.24
N MET B 175 -8.47 9.29 8.54
CA MET B 175 -8.60 10.64 9.07
C MET B 175 -7.24 11.33 8.84
N ASP B 176 -6.22 10.52 8.60
CA ASP B 176 -4.89 11.02 8.35
C ASP B 176 -4.68 11.16 6.83
N GLU B 177 -5.29 10.28 6.04
CA GLU B 177 -5.17 10.41 4.58
C GLU B 177 -5.79 11.78 4.27
N LYS B 178 -6.78 12.14 5.07
CA LYS B 178 -7.44 13.42 4.90
C LYS B 178 -6.43 14.50 5.26
N ILE B 179 -5.85 14.41 6.46
CA ILE B 179 -4.86 15.38 6.90
C ILE B 179 -3.83 15.59 5.81
N LYS B 180 -3.37 14.49 5.22
CA LYS B 180 -2.38 14.56 4.15
C LYS B 180 -2.95 15.22 2.92
N TYR B 181 -4.14 14.79 2.53
CA TYR B 181 -4.81 15.35 1.37
C TYR B 181 -4.79 16.88 1.43
N ILE B 182 -5.16 17.42 2.58
CA ILE B 182 -5.23 18.86 2.82
C ILE B 182 -3.88 19.54 2.67
N MET B 183 -2.83 18.90 3.16
CA MET B 183 -1.48 19.46 3.06
C MET B 183 -1.05 19.67 1.60
N LEU B 184 -1.41 18.71 0.74
CA LEU B 184 -1.05 18.80 -0.67
C LEU B 184 -1.56 20.11 -1.23
N LEU B 185 -2.84 20.38 -1.05
CA LEU B 185 -3.41 21.63 -1.53
C LEU B 185 -2.62 22.84 -1.02
N ILE B 186 -2.32 22.84 0.28
CA ILE B 186 -1.56 23.92 0.88
C ILE B 186 -0.25 24.01 0.16
N ILE B 187 0.52 22.94 0.24
CA ILE B 187 1.82 22.93 -0.40
C ILE B 187 1.74 23.38 -1.85
N GLY B 188 1.10 22.56 -2.67
CA GLY B 188 0.97 22.87 -4.08
C GLY B 188 0.74 24.33 -4.34
N GLY B 189 -0.48 24.78 -4.06
CA GLY B 189 -0.81 26.17 -4.27
C GLY B 189 -0.23 26.98 -3.15
N ASN B 190 0.75 27.82 -3.49
CA ASN B 190 1.45 28.69 -2.54
C ASN B 190 2.81 29.13 -3.05
N GLU B 191 3.80 28.24 -3.02
CA GLU B 191 5.14 28.62 -3.48
C GLU B 191 5.16 28.80 -4.99
N THR B 192 4.38 27.99 -5.70
CA THR B 192 4.32 28.09 -7.14
C THR B 192 3.65 29.38 -7.53
N THR B 193 2.43 29.53 -7.04
CA THR B 193 1.63 30.70 -7.32
C THR B 193 2.44 31.93 -6.89
N THR B 194 3.03 31.87 -5.70
CA THR B 194 3.85 32.97 -5.20
C THR B 194 4.82 33.36 -6.29
N ASN B 195 5.79 32.49 -6.53
CA ASN B 195 6.80 32.73 -7.54
C ASN B 195 6.31 33.23 -8.88
N LEU B 196 5.26 32.61 -9.43
CA LEU B 196 4.69 33.06 -10.70
C LEU B 196 4.34 34.55 -10.69
N ILE B 197 4.13 35.11 -9.50
CA ILE B 197 3.81 36.53 -9.39
C ILE B 197 5.05 37.37 -9.69
N GLY B 198 6.16 37.03 -9.03
CA GLY B 198 7.41 37.72 -9.23
C GLY B 198 7.86 37.55 -10.67
N ASN B 199 7.73 36.33 -11.21
CA ASN B 199 8.12 36.02 -12.58
C ASN B 199 7.41 36.95 -13.53
N MET B 200 6.16 37.26 -13.23
CA MET B 200 5.40 38.17 -14.06
C MET B 200 6.07 39.52 -13.91
N ILE B 201 6.38 39.89 -12.66
CA ILE B 201 7.06 41.15 -12.41
C ILE B 201 8.36 41.13 -13.20
N ARG B 202 9.13 40.06 -13.03
CA ARG B 202 10.39 39.94 -13.75
C ARG B 202 10.21 40.17 -15.25
N VAL B 203 9.12 39.69 -15.82
CA VAL B 203 8.93 39.90 -17.25
C VAL B 203 8.70 41.37 -17.53
N ILE B 204 8.10 42.08 -16.57
CA ILE B 204 7.84 43.51 -16.72
C ILE B 204 9.15 44.29 -16.64
N ASP B 205 9.91 44.10 -15.58
CA ASP B 205 11.19 44.79 -15.47
C ASP B 205 12.02 44.57 -16.74
N GLU B 206 11.90 43.39 -17.34
CA GLU B 206 12.65 42.99 -18.53
C GLU B 206 12.06 43.35 -19.89
N ASN B 207 10.79 43.75 -19.92
CA ASN B 207 10.14 44.12 -21.17
C ASN B 207 9.19 45.29 -20.94
N PRO B 208 9.69 46.35 -20.29
CA PRO B 208 8.93 47.55 -19.97
C PRO B 208 7.77 47.86 -20.90
N ASP B 209 8.06 48.00 -22.19
CA ASP B 209 7.04 48.36 -23.16
C ASP B 209 5.91 47.37 -23.40
N ILE B 210 5.79 46.31 -22.59
CA ILE B 210 4.72 45.32 -22.77
C ILE B 210 3.49 45.63 -21.91
N ILE B 211 3.73 46.21 -20.74
CA ILE B 211 2.66 46.57 -19.81
C ILE B 211 1.32 46.73 -20.48
N ASP B 212 1.28 47.61 -21.46
CA ASP B 212 0.07 47.93 -22.20
C ASP B 212 -0.77 46.74 -22.63
N ASP B 213 -0.12 45.82 -23.34
CA ASP B 213 -0.80 44.62 -23.82
C ASP B 213 -1.15 43.68 -22.68
N ALA B 214 -0.39 43.76 -21.60
CA ALA B 214 -0.65 42.92 -20.45
C ALA B 214 -2.08 43.19 -20.03
N LEU B 215 -2.30 44.40 -19.54
CA LEU B 215 -3.62 44.82 -19.06
C LEU B 215 -4.75 44.43 -19.98
N LYS B 216 -4.57 44.66 -21.27
CA LYS B 216 -5.62 44.35 -22.24
C LYS B 216 -6.01 42.87 -22.22
N ASN B 217 -5.03 41.99 -22.04
CA ASN B 217 -5.33 40.58 -21.96
C ASN B 217 -4.56 39.99 -20.79
N ARG B 218 -5.11 40.16 -19.59
CA ARG B 218 -4.47 39.66 -18.39
C ARG B 218 -4.25 38.15 -18.45
N SER B 219 -5.25 37.44 -18.97
CA SER B 219 -5.19 36.01 -19.09
C SER B 219 -4.01 35.50 -19.94
N GLY B 220 -3.93 35.95 -21.18
CA GLY B 220 -2.87 35.52 -22.06
C GLY B 220 -1.46 35.85 -21.59
N PHE B 221 -1.33 36.99 -20.93
CA PHE B 221 -0.05 37.43 -20.41
C PHE B 221 0.37 36.40 -19.36
N VAL B 222 -0.52 36.16 -18.40
CA VAL B 222 -0.25 35.20 -17.35
C VAL B 222 0.27 33.96 -18.00
N GLU B 223 -0.58 33.36 -18.81
CA GLU B 223 -0.26 32.14 -19.52
C GLU B 223 1.15 32.16 -20.10
N GLU B 224 1.50 33.27 -20.71
CA GLU B 224 2.82 33.42 -21.31
C GLU B 224 3.93 33.36 -20.27
N THR B 225 3.71 34.05 -19.17
CA THR B 225 4.70 34.07 -18.13
C THR B 225 4.93 32.65 -17.63
N LEU B 226 3.93 31.80 -17.80
CA LEU B 226 3.98 30.41 -17.37
C LEU B 226 4.89 29.50 -18.21
N ARG B 227 5.00 29.84 -19.49
CA ARG B 227 5.79 29.09 -20.46
C ARG B 227 7.16 29.71 -20.59
N TYR B 228 7.25 30.99 -20.32
CA TYR B 228 8.51 31.72 -20.42
C TYR B 228 9.40 31.57 -19.18
N TYR B 229 8.79 31.77 -18.01
CA TYR B 229 9.50 31.65 -16.74
C TYR B 229 8.76 30.66 -15.83
N SER B 230 8.62 29.44 -16.31
CA SER B 230 7.96 28.38 -15.58
C SER B 230 8.39 28.30 -14.12
N PRO B 231 7.46 28.47 -13.17
CA PRO B 231 7.77 28.41 -11.74
C PRO B 231 8.50 27.14 -11.35
N ILE B 232 8.00 26.01 -11.83
CA ILE B 232 8.61 24.71 -11.58
C ILE B 232 9.40 24.41 -12.84
N GLN B 233 10.68 24.08 -12.72
CA GLN B 233 11.50 23.84 -13.89
C GLN B 233 11.57 22.39 -14.34
N PHE B 234 11.38 21.47 -13.40
CA PHE B 234 11.40 20.04 -13.69
C PHE B 234 10.72 19.26 -12.58
N LEU B 235 10.25 18.07 -12.93
CA LEU B 235 9.61 17.18 -11.98
C LEU B 235 10.54 15.97 -11.97
N PRO B 236 11.25 15.78 -10.85
CA PRO B 236 12.22 14.72 -10.60
C PRO B 236 11.66 13.40 -10.02
N HIS B 237 10.34 13.31 -9.93
CA HIS B 237 9.72 12.12 -9.38
C HIS B 237 8.89 11.34 -10.35
N ARG B 238 9.58 10.64 -11.24
CA ARG B 238 8.98 9.79 -12.26
C ARG B 238 9.79 8.51 -12.32
N PHE B 239 9.11 7.37 -12.19
CA PHE B 239 9.81 6.08 -12.23
C PHE B 239 9.12 5.11 -13.16
N ALA B 240 9.91 4.60 -14.10
CA ALA B 240 9.46 3.67 -15.12
C ALA B 240 8.81 2.41 -14.58
N ALA B 241 7.49 2.35 -14.68
CA ALA B 241 6.72 1.19 -14.25
C ALA B 241 7.27 0.00 -15.03
N GLU B 242 8.11 0.31 -16.02
CA GLU B 242 8.77 -0.68 -16.85
C GLU B 242 9.45 -0.06 -18.04
N ASP B 243 9.97 -0.92 -18.90
CA ASP B 243 10.70 -0.49 -20.06
C ASP B 243 9.84 0.04 -21.19
N SER B 244 10.47 0.84 -22.05
CA SER B 244 9.83 1.43 -23.23
C SER B 244 10.97 2.21 -23.86
N TYR B 245 10.70 2.96 -24.92
CA TYR B 245 11.79 3.70 -25.57
C TYR B 245 11.52 5.19 -25.86
N ILE B 246 12.54 6.02 -25.66
CA ILE B 246 12.45 7.46 -25.93
C ILE B 246 13.69 7.91 -26.69
N ASN B 247 13.48 8.63 -27.79
CA ASN B 247 14.57 9.13 -28.64
C ASN B 247 15.64 8.06 -28.74
N ASN B 248 15.18 6.83 -28.89
CA ASN B 248 15.99 5.62 -29.02
C ASN B 248 16.75 5.18 -27.77
N LYS B 249 16.85 6.05 -26.78
CA LYS B 249 17.54 5.68 -25.56
C LYS B 249 16.63 4.78 -24.72
N LYS B 250 17.10 3.57 -24.45
CA LYS B 250 16.39 2.56 -23.66
C LYS B 250 16.14 2.98 -22.19
N ILE B 251 14.88 3.01 -21.78
CA ILE B 251 14.55 3.37 -20.39
C ILE B 251 14.06 2.13 -19.62
N LYS B 252 15.03 1.38 -19.07
CA LYS B 252 14.75 0.18 -18.28
C LYS B 252 13.82 0.46 -17.12
N LYS B 253 13.07 -0.55 -16.69
CA LYS B 253 12.15 -0.38 -15.59
C LYS B 253 12.89 0.01 -14.33
N GLY B 254 12.25 0.83 -13.51
CA GLY B 254 12.86 1.25 -12.27
C GLY B 254 13.65 2.52 -12.44
N ASP B 255 14.03 2.81 -13.69
CA ASP B 255 14.79 4.01 -13.97
C ASP B 255 13.98 5.24 -13.56
N GLN B 256 14.67 6.21 -12.98
CA GLN B 256 14.04 7.45 -12.56
C GLN B 256 14.05 8.35 -13.81
N VAL B 257 13.05 9.20 -13.93
CA VAL B 257 13.00 10.09 -15.09
C VAL B 257 12.63 11.52 -14.67
N ILE B 258 13.64 12.39 -14.64
CA ILE B 258 13.44 13.79 -14.27
C ILE B 258 13.01 14.49 -15.53
N VAL B 259 11.78 14.93 -15.57
CA VAL B 259 11.32 15.62 -16.75
C VAL B 259 11.50 17.10 -16.51
N TYR B 260 11.95 17.81 -17.53
CA TYR B 260 12.18 19.24 -17.42
C TYR B 260 11.15 20.06 -18.17
N LEU B 261 10.14 20.52 -17.44
CA LEU B 261 9.03 21.31 -17.96
C LEU B 261 9.48 22.62 -18.54
N GLY B 262 10.27 23.36 -17.78
CA GLY B 262 10.75 24.63 -18.27
C GLY B 262 11.34 24.48 -19.66
N SER B 263 12.43 23.73 -19.75
CA SER B 263 13.08 23.50 -21.03
C SER B 263 12.03 23.30 -22.10
N ALA B 264 11.31 22.19 -21.99
CA ALA B 264 10.27 21.87 -22.95
C ALA B 264 9.55 23.11 -23.46
N ASN B 265 9.39 24.13 -22.62
CA ASN B 265 8.68 25.34 -23.03
C ASN B 265 9.41 26.28 -23.93
N ARG B 266 10.70 26.01 -24.13
CA ARG B 266 11.54 26.81 -25.00
C ARG B 266 11.89 25.97 -26.20
N ASP B 267 11.19 24.86 -26.35
CA ASP B 267 11.46 23.97 -27.46
C ASP B 267 11.20 24.67 -28.78
N GLU B 268 12.26 24.86 -29.56
CA GLU B 268 12.13 25.52 -30.84
C GLU B 268 11.10 24.83 -31.72
N THR B 269 11.07 23.51 -31.64
CA THR B 269 10.15 22.68 -32.42
C THR B 269 8.68 22.91 -32.11
N PHE B 270 8.38 23.49 -30.95
CA PHE B 270 6.98 23.75 -30.59
C PHE B 270 6.63 25.21 -30.32
N PHE B 271 7.59 26.12 -30.41
CA PHE B 271 7.30 27.52 -30.18
C PHE B 271 8.13 28.46 -31.06
N ASP B 272 7.49 29.01 -32.09
CA ASP B 272 8.13 29.92 -33.02
C ASP B 272 8.72 31.08 -32.23
N GLU B 273 10.04 31.24 -32.30
CA GLU B 273 10.68 32.31 -31.58
C GLU B 273 10.34 32.07 -30.12
N PRO B 274 10.70 30.87 -29.61
CA PRO B 274 10.47 30.40 -28.25
C PRO B 274 11.02 31.28 -27.15
N ASP B 275 12.11 32.00 -27.43
CA ASP B 275 12.69 32.85 -26.40
C ASP B 275 12.03 34.23 -26.36
N LEU B 276 10.99 34.42 -27.15
CA LEU B 276 10.31 35.70 -27.13
C LEU B 276 9.04 35.58 -26.30
N PHE B 277 8.77 36.56 -25.44
CA PHE B 277 7.56 36.56 -24.65
C PHE B 277 6.56 37.13 -25.65
N LYS B 278 5.57 36.32 -26.03
CA LYS B 278 4.56 36.74 -26.99
C LYS B 278 3.20 36.44 -26.42
N ILE B 279 2.46 37.46 -26.01
CA ILE B 279 1.14 37.23 -25.46
C ILE B 279 0.27 36.53 -26.50
N GLY B 280 -0.65 35.70 -26.04
CA GLY B 280 -1.55 35.01 -26.94
C GLY B 280 -0.83 34.09 -27.93
N ARG B 281 -0.57 32.87 -27.49
CA ARG B 281 0.09 31.87 -28.33
C ARG B 281 -0.78 30.64 -28.58
N ARG B 282 -0.85 30.23 -29.84
CA ARG B 282 -1.65 29.09 -30.25
C ARG B 282 -1.22 27.77 -29.62
N GLU B 283 -0.01 27.71 -29.08
CA GLU B 283 0.46 26.45 -28.53
C GLU B 283 0.55 26.35 -27.02
N MET B 284 0.06 25.22 -26.50
CA MET B 284 0.03 24.90 -25.06
C MET B 284 1.38 24.62 -24.38
N HIS B 285 1.57 25.20 -23.20
CA HIS B 285 2.78 24.99 -22.43
C HIS B 285 2.54 23.82 -21.50
N LEU B 286 3.61 23.32 -20.90
CA LEU B 286 3.50 22.21 -19.98
C LEU B 286 3.98 22.66 -18.60
N ALA B 287 3.66 23.90 -18.23
CA ALA B 287 4.05 24.45 -16.93
C ALA B 287 3.11 23.94 -15.85
N PHE B 288 1.86 23.69 -16.22
CA PHE B 288 0.91 23.14 -15.28
C PHE B 288 1.10 21.63 -15.34
N GLY B 289 1.77 21.20 -16.40
CA GLY B 289 2.00 19.78 -16.61
C GLY B 289 1.11 19.34 -17.75
N ILE B 290 0.61 18.12 -17.70
CA ILE B 290 -0.26 17.60 -18.73
C ILE B 290 -0.48 16.16 -18.34
N GLY B 291 -1.68 15.66 -18.59
CA GLY B 291 -1.97 14.28 -18.25
C GLY B 291 -3.01 14.21 -17.15
N ILE B 292 -3.10 13.06 -16.50
CA ILE B 292 -4.07 12.90 -15.43
C ILE B 292 -3.66 13.66 -14.18
N HIS B 293 -2.37 13.96 -14.07
CA HIS B 293 -1.87 14.72 -12.94
C HIS B 293 -1.93 16.22 -13.20
N MET B 294 -2.46 16.61 -14.36
CA MET B 294 -2.61 18.02 -14.72
C MET B 294 -2.98 18.78 -13.46
N CYS B 295 -2.26 19.86 -13.17
CA CYS B 295 -2.51 20.64 -11.95
C CYS B 295 -3.99 20.77 -11.69
N LEU B 296 -4.39 20.41 -10.49
CA LEU B 296 -5.77 20.48 -10.09
C LEU B 296 -6.08 21.87 -9.57
N GLY B 297 -5.09 22.76 -9.65
CA GLY B 297 -5.29 24.11 -9.17
C GLY B 297 -4.98 25.15 -10.24
N ALA B 298 -4.80 24.69 -11.47
CA ALA B 298 -4.48 25.58 -12.57
C ALA B 298 -5.47 26.75 -12.68
N PRO B 299 -6.78 26.47 -12.52
CA PRO B 299 -7.72 27.57 -12.61
C PRO B 299 -7.54 28.54 -11.45
N LEU B 300 -7.57 28.01 -10.23
CA LEU B 300 -7.40 28.85 -9.06
C LEU B 300 -6.11 29.62 -9.26
N ALA B 301 -5.08 28.88 -9.65
CA ALA B 301 -3.75 29.42 -9.91
C ALA B 301 -3.75 30.59 -10.90
N ARG B 302 -4.51 30.43 -11.99
CA ARG B 302 -4.61 31.45 -13.01
C ARG B 302 -5.33 32.68 -12.50
N LEU B 303 -6.55 32.48 -12.01
CA LEU B 303 -7.39 33.56 -11.50
C LEU B 303 -6.58 34.46 -10.57
N GLU B 304 -6.08 33.83 -9.50
CA GLU B 304 -5.28 34.55 -8.52
C GLU B 304 -4.28 35.44 -9.26
N ALA B 305 -3.59 34.87 -10.24
CA ALA B 305 -2.60 35.58 -11.03
C ALA B 305 -3.16 36.82 -11.75
N SER B 306 -4.26 36.63 -12.47
CA SER B 306 -4.87 37.74 -13.20
C SER B 306 -5.23 38.89 -12.26
N ILE B 307 -5.78 38.58 -11.09
CA ILE B 307 -6.11 39.63 -10.13
C ILE B 307 -4.83 40.35 -9.69
N ALA B 308 -3.78 39.56 -9.45
CA ALA B 308 -2.49 40.07 -9.02
C ALA B 308 -1.85 40.92 -10.10
N LEU B 309 -1.70 40.36 -11.29
CA LEU B 309 -1.11 41.10 -12.40
C LEU B 309 -1.81 42.44 -12.55
N ASN B 310 -3.14 42.39 -12.45
CA ASN B 310 -3.98 43.56 -12.57
C ASN B 310 -3.55 44.64 -11.59
N ASP B 311 -3.75 44.36 -10.30
CA ASP B 311 -3.39 45.34 -9.28
C ASP B 311 -1.92 45.77 -9.33
N ILE B 312 -1.04 44.93 -9.85
CA ILE B 312 0.39 45.28 -9.94
C ILE B 312 0.59 46.39 -10.97
N LEU B 313 -0.06 46.25 -12.12
CA LEU B 313 0.05 47.24 -13.20
C LEU B 313 -0.88 48.41 -12.96
N ASN B 314 -1.18 48.66 -11.69
CA ASN B 314 -2.07 49.75 -11.29
C ASN B 314 -1.61 50.42 -10.03
N HIS B 315 -0.60 49.85 -9.36
CA HIS B 315 -0.10 50.41 -8.11
C HIS B 315 1.37 50.83 -8.18
N PHE B 316 2.09 50.40 -9.20
CA PHE B 316 3.51 50.74 -9.26
C PHE B 316 4.05 51.40 -10.54
N LYS B 317 3.64 52.64 -10.78
CA LYS B 317 4.07 53.40 -11.96
C LYS B 317 5.43 52.93 -12.47
N ARG B 318 5.44 52.39 -13.68
CA ARG B 318 6.64 51.86 -14.32
C ARG B 318 7.42 50.99 -13.37
N ILE B 319 7.55 49.72 -13.74
CA ILE B 319 8.23 48.77 -12.89
C ILE B 319 9.67 48.47 -13.23
N LYS B 320 10.56 48.77 -12.29
CA LYS B 320 11.98 48.48 -12.45
C LYS B 320 12.25 47.49 -11.34
N ILE B 321 13.49 47.09 -11.15
CA ILE B 321 13.80 46.10 -10.11
C ILE B 321 15.15 46.35 -9.47
N ASP B 322 15.15 46.66 -8.18
CA ASP B 322 16.41 46.89 -7.48
C ASP B 322 17.14 45.56 -7.35
N TYR B 323 18.12 45.33 -8.22
CA TYR B 323 18.86 44.10 -8.20
C TYR B 323 19.88 43.92 -7.09
N LYS B 324 20.07 44.95 -6.28
CA LYS B 324 21.00 44.82 -5.17
C LYS B 324 20.21 44.36 -3.97
N LYS B 325 18.91 44.68 -4.00
CA LYS B 325 17.98 44.34 -2.92
C LYS B 325 17.38 42.95 -3.13
N SER B 326 17.01 42.69 -4.38
CA SER B 326 16.38 41.44 -4.80
C SER B 326 17.33 40.26 -4.96
N ARG B 327 16.74 39.06 -4.96
CA ARG B 327 17.52 37.84 -5.11
C ARG B 327 16.70 36.61 -5.53
N LEU B 328 17.17 35.95 -6.59
CA LEU B 328 16.52 34.75 -7.08
C LEU B 328 16.59 33.61 -6.09
N LEU B 329 16.15 32.44 -6.53
CA LEU B 329 16.12 31.24 -5.72
C LEU B 329 17.20 30.26 -6.13
N ASP B 330 17.98 29.85 -5.14
CA ASP B 330 19.09 28.90 -5.30
C ASP B 330 18.64 27.61 -5.97
N ASN B 331 17.69 26.91 -5.31
CA ASN B 331 17.08 25.64 -5.76
C ASN B 331 16.64 25.71 -7.22
N LYS B 332 17.38 25.04 -8.09
CA LYS B 332 17.08 25.05 -9.51
C LYS B 332 15.78 24.34 -9.90
N MET B 333 15.11 23.72 -8.94
CA MET B 333 13.86 23.01 -9.25
C MET B 333 12.74 23.96 -9.61
N VAL B 334 12.87 25.18 -9.08
CA VAL B 334 11.89 26.22 -9.30
C VAL B 334 12.57 27.48 -9.83
N LEU B 335 11.78 28.51 -10.13
CA LEU B 335 12.27 29.79 -10.64
C LEU B 335 11.43 30.97 -10.11
N GLY B 336 12.04 31.78 -9.26
CA GLY B 336 11.33 32.91 -8.71
C GLY B 336 12.28 33.75 -7.88
N TYR B 337 11.75 34.59 -7.00
CA TYR B 337 12.61 35.42 -6.15
C TYR B 337 12.48 35.12 -4.67
N ASP B 338 13.58 35.23 -3.95
CA ASP B 338 13.55 35.02 -2.51
C ASP B 338 13.27 36.39 -1.88
N LYS B 339 13.48 37.43 -2.67
CA LYS B 339 13.29 38.81 -2.24
C LYS B 339 13.16 39.64 -3.51
N LEU B 340 12.17 40.51 -3.59
CA LEU B 340 12.02 41.33 -4.76
C LEU B 340 11.68 42.74 -4.37
N PHE B 341 12.28 43.70 -5.07
CA PHE B 341 12.00 45.11 -4.82
C PHE B 341 11.98 45.89 -6.11
N LEU B 342 11.24 46.99 -6.12
CA LEU B 342 11.15 47.80 -7.32
C LEU B 342 12.00 49.03 -7.31
N SER B 343 11.87 49.78 -8.40
CA SER B 343 12.60 51.02 -8.64
C SER B 343 14.12 50.83 -8.76
N LEU C 3 10.69 -3.75 16.24
CA LEU C 3 11.60 -4.81 15.70
C LEU C 3 12.81 -4.13 14.99
N ASN C 4 13.70 -4.88 14.33
CA ASN C 4 14.87 -4.26 13.67
C ASN C 4 15.76 -5.15 12.76
N ASP C 5 17.01 -5.42 13.19
CA ASP C 5 17.92 -6.28 12.40
C ASP C 5 18.02 -7.64 13.07
N PRO C 6 18.82 -8.57 12.50
CA PRO C 6 18.94 -9.89 13.11
C PRO C 6 19.79 -9.84 14.37
N VAL C 7 19.19 -10.26 15.49
CA VAL C 7 19.87 -10.29 16.78
C VAL C 7 20.23 -11.73 17.08
N HIS C 8 21.02 -11.94 18.12
CA HIS C 8 21.45 -13.27 18.48
C HIS C 8 21.27 -13.41 19.97
N TYR C 9 20.35 -14.26 20.39
CA TYR C 9 20.14 -14.39 21.82
C TYR C 9 19.45 -15.69 22.22
N ASP C 10 19.45 -15.96 23.52
CA ASP C 10 18.84 -17.16 24.09
C ASP C 10 19.17 -18.41 23.26
N GLY C 11 20.24 -18.33 22.48
CA GLY C 11 20.64 -19.46 21.67
C GLY C 11 21.16 -19.18 20.28
N ALA C 12 20.25 -18.91 19.35
CA ALA C 12 20.65 -18.68 17.97
C ALA C 12 20.38 -17.30 17.42
N TRP C 13 20.31 -17.25 16.09
CA TRP C 13 20.07 -16.04 15.34
C TRP C 13 18.59 -15.86 15.05
N HIS C 14 18.13 -14.63 15.16
CA HIS C 14 16.74 -14.31 14.89
C HIS C 14 16.72 -13.32 13.74
N VAL C 15 16.00 -13.69 12.69
CA VAL C 15 15.91 -12.85 11.50
C VAL C 15 14.47 -12.40 11.32
N TYR C 16 14.17 -11.19 11.78
CA TYR C 16 12.82 -10.65 11.70
C TYR C 16 12.41 -9.90 10.43
N LYS C 17 13.34 -9.17 9.81
CA LYS C 17 13.04 -8.40 8.59
C LYS C 17 12.68 -9.34 7.42
N TYR C 18 12.26 -8.77 6.29
CA TYR C 18 11.84 -9.57 5.13
C TYR C 18 12.93 -10.11 4.21
N SER C 19 13.76 -9.21 3.69
CA SER C 19 14.83 -9.60 2.78
C SER C 19 15.69 -10.66 3.44
N ASP C 20 15.93 -10.45 4.73
CA ASP C 20 16.77 -11.32 5.53
C ASP C 20 16.13 -12.66 5.82
N VAL C 21 14.88 -12.84 5.43
CA VAL C 21 14.24 -14.13 5.64
C VAL C 21 14.28 -14.80 4.29
N LYS C 22 13.73 -14.10 3.29
CA LYS C 22 13.72 -14.62 1.94
C LYS C 22 15.13 -15.12 1.63
N HIS C 23 16.12 -14.37 2.11
CA HIS C 23 17.52 -14.73 1.93
C HIS C 23 17.74 -16.09 2.59
N VAL C 24 17.91 -16.09 3.91
CA VAL C 24 18.13 -17.32 4.66
C VAL C 24 17.36 -18.48 4.08
N LEU C 25 16.16 -18.20 3.61
CA LEU C 25 15.34 -19.25 3.03
C LEU C 25 15.81 -19.72 1.66
N MET C 26 15.86 -18.84 0.67
CA MET C 26 16.31 -19.23 -0.67
C MET C 26 17.59 -20.07 -0.69
N ASN C 27 18.65 -19.52 -0.11
CA ASN C 27 19.95 -20.17 -0.06
C ASN C 27 19.98 -21.38 0.86
N ASP C 28 19.61 -22.55 0.37
CA ASP C 28 19.62 -23.73 1.22
C ASP C 28 21.02 -24.29 1.37
N LYS C 29 21.90 -23.99 0.44
CA LYS C 29 23.24 -24.49 0.55
C LYS C 29 23.85 -23.83 1.77
N ILE C 30 23.80 -22.50 1.82
CA ILE C 30 24.33 -21.74 2.94
C ILE C 30 23.74 -22.11 4.29
N PHE C 31 22.41 -22.21 4.35
CA PHE C 31 21.68 -22.55 5.57
C PHE C 31 20.92 -23.83 5.38
N SER C 32 21.37 -24.88 6.03
CA SER C 32 20.76 -26.18 5.89
C SER C 32 19.43 -26.34 6.61
N SER C 33 18.81 -27.50 6.35
CA SER C 33 17.52 -27.85 6.91
C SER C 33 17.59 -28.98 7.96
N ASN C 34 18.75 -29.15 8.61
CA ASN C 34 18.90 -30.15 9.67
C ASN C 34 20.20 -30.01 10.49
N PRO C 35 20.20 -30.53 11.73
CA PRO C 35 21.32 -30.51 12.68
C PRO C 35 22.25 -31.74 12.63
N GLY C 36 23.49 -31.50 12.22
CA GLY C 36 24.51 -32.54 12.11
C GLY C 36 24.37 -33.68 13.12
N ASN C 37 24.83 -33.43 14.35
CA ASN C 37 24.73 -34.42 15.42
C ASN C 37 23.23 -34.52 15.70
N ARG C 38 22.72 -33.54 16.42
CA ARG C 38 21.31 -33.53 16.76
C ARG C 38 21.02 -32.40 17.71
N TYR C 39 20.19 -31.46 17.25
CA TYR C 39 19.75 -30.32 18.04
C TYR C 39 18.28 -30.67 18.32
N SER C 40 17.67 -31.31 17.33
CA SER C 40 16.30 -31.76 17.46
C SER C 40 15.38 -30.67 18.01
N GLY C 44 8.79 -33.52 13.77
CA GLY C 44 8.88 -33.57 12.31
C GLY C 44 10.24 -34.01 11.72
N ILE C 45 10.20 -34.75 10.61
CA ILE C 45 11.43 -35.18 9.97
C ILE C 45 11.26 -35.51 8.50
N SER C 46 11.86 -36.61 8.06
CA SER C 46 11.81 -37.01 6.66
C SER C 46 12.38 -35.92 5.77
N PHE C 47 11.81 -35.71 4.59
CA PHE C 47 12.39 -34.73 3.69
C PHE C 47 12.28 -33.25 4.01
N ILE C 48 11.65 -32.92 5.14
CA ILE C 48 11.52 -31.52 5.53
C ILE C 48 12.80 -31.09 6.26
N THR C 49 13.75 -32.02 6.32
CA THR C 49 15.05 -31.80 6.93
C THR C 49 16.13 -32.37 6.00
N MET C 50 15.73 -32.60 4.76
CA MET C 50 16.64 -33.11 3.73
C MET C 50 17.29 -31.86 3.12
N ASP C 51 18.34 -32.06 2.33
CA ASP C 51 19.02 -30.92 1.74
C ASP C 51 19.22 -30.96 0.26
N ASN C 52 19.77 -29.84 -0.19
CA ASN C 52 20.10 -29.57 -1.58
C ASN C 52 19.64 -30.70 -2.50
N PRO C 53 20.46 -31.78 -2.63
CA PRO C 53 20.19 -32.94 -3.49
C PRO C 53 19.10 -33.93 -3.06
N GLU C 54 19.23 -34.44 -1.83
CA GLU C 54 18.30 -35.41 -1.27
C GLU C 54 16.88 -34.90 -1.21
N HIS C 55 16.73 -33.66 -0.79
CA HIS C 55 15.43 -33.01 -0.67
C HIS C 55 14.52 -33.27 -1.85
N LYS C 56 15.08 -33.19 -3.06
CA LYS C 56 14.32 -33.41 -4.29
C LYS C 56 14.09 -34.88 -4.62
N GLU C 57 15.03 -35.75 -4.29
CA GLU C 57 14.85 -37.17 -4.59
C GLU C 57 13.70 -37.68 -3.78
N PHE C 58 13.57 -37.14 -2.57
CA PHE C 58 12.48 -37.50 -1.66
C PHE C 58 11.19 -36.77 -1.99
N ARG C 59 11.25 -35.44 -2.00
CA ARG C 59 10.08 -34.65 -2.31
C ARG C 59 9.55 -35.01 -3.67
N ASP C 60 10.44 -35.28 -4.62
CA ASP C 60 9.98 -35.64 -5.96
C ASP C 60 9.27 -36.99 -6.00
N ILE C 61 9.44 -37.81 -4.97
CA ILE C 61 8.78 -39.10 -4.97
C ILE C 61 7.27 -38.97 -4.95
N SER C 62 6.75 -37.80 -4.59
CA SER C 62 5.30 -37.63 -4.53
C SER C 62 4.82 -36.19 -4.78
N ALA C 63 5.70 -35.34 -5.26
CA ALA C 63 5.28 -33.97 -5.51
C ALA C 63 4.22 -33.81 -6.60
N PRO C 64 4.40 -34.49 -7.75
CA PRO C 64 3.41 -34.35 -8.83
C PRO C 64 2.02 -34.35 -8.27
N TYR C 65 1.80 -35.24 -7.32
CA TYR C 65 0.49 -35.40 -6.69
C TYR C 65 -0.03 -34.20 -5.95
N PHE C 66 0.85 -33.37 -5.43
CA PHE C 66 0.38 -32.21 -4.71
C PHE C 66 0.40 -30.94 -5.51
N LEU C 67 0.53 -31.05 -6.82
CA LEU C 67 0.53 -29.88 -7.69
C LEU C 67 -0.88 -29.54 -8.08
N PRO C 68 -1.17 -28.23 -8.23
CA PRO C 68 -2.51 -27.76 -8.59
C PRO C 68 -3.28 -28.77 -9.44
N SER C 69 -2.67 -29.22 -10.53
CA SER C 69 -3.33 -30.19 -11.41
C SER C 69 -4.10 -31.22 -10.60
N LYS C 70 -3.41 -32.26 -10.14
CA LYS C 70 -4.08 -33.29 -9.38
C LYS C 70 -4.87 -32.71 -8.23
N ILE C 71 -4.33 -31.68 -7.57
CA ILE C 71 -5.01 -31.08 -6.42
C ILE C 71 -6.39 -30.53 -6.76
N ASN C 72 -6.47 -29.59 -7.70
CA ASN C 72 -7.77 -29.01 -8.02
C ASN C 72 -8.81 -30.05 -8.48
N ASP C 73 -8.39 -31.29 -8.68
CA ASP C 73 -9.32 -32.33 -9.10
C ASP C 73 -10.09 -32.86 -7.89
N TYR C 74 -9.97 -32.13 -6.79
CA TYR C 74 -10.63 -32.52 -5.55
C TYR C 74 -11.71 -31.51 -5.15
N LYS C 75 -11.88 -30.44 -5.92
CA LYS C 75 -12.87 -29.41 -5.60
C LYS C 75 -14.17 -29.95 -5.01
N ASP C 76 -14.62 -31.09 -5.55
CA ASP C 76 -15.85 -31.75 -5.13
C ASP C 76 -15.78 -32.37 -3.75
N PHE C 77 -14.82 -33.27 -3.59
CA PHE C 77 -14.66 -33.96 -2.32
C PHE C 77 -14.60 -32.92 -1.22
N ILE C 78 -14.12 -31.73 -1.55
CA ILE C 78 -14.02 -30.68 -0.56
C ILE C 78 -15.34 -30.03 -0.21
N GLU C 79 -15.89 -29.24 -1.13
CA GLU C 79 -17.18 -28.58 -0.89
C GLU C 79 -18.16 -29.62 -0.32
N GLU C 80 -18.02 -30.85 -0.82
CA GLU C 80 -18.85 -31.99 -0.44
C GLU C 80 -18.58 -32.39 1.01
N THR C 81 -17.31 -32.38 1.39
CA THR C 81 -16.90 -32.72 2.74
C THR C 81 -17.25 -31.55 3.62
N SER C 82 -16.83 -30.38 3.17
CA SER C 82 -17.07 -29.13 3.85
C SER C 82 -18.55 -28.94 4.13
N ASN C 83 -19.40 -29.30 3.17
CA ASN C 83 -20.83 -29.16 3.33
C ASN C 83 -21.40 -30.08 4.41
N ASP C 84 -21.10 -31.36 4.30
CA ASP C 84 -21.61 -32.33 5.25
C ASP C 84 -21.09 -32.04 6.67
N LEU C 85 -20.22 -31.03 6.79
CA LEU C 85 -19.70 -30.66 8.08
C LEU C 85 -20.30 -29.31 8.46
N ILE C 86 -20.66 -28.55 7.43
CA ILE C 86 -21.23 -27.24 7.66
C ILE C 86 -22.73 -27.25 7.98
N LYS C 87 -23.35 -28.43 7.93
CA LYS C 87 -24.76 -28.52 8.24
C LYS C 87 -25.05 -28.05 9.68
N ASN C 88 -25.19 -28.98 10.62
CA ASN C 88 -25.48 -28.62 12.02
C ASN C 88 -24.26 -28.35 12.89
N ILE C 89 -23.61 -27.21 12.64
CA ILE C 89 -22.42 -26.80 13.39
C ILE C 89 -22.72 -25.60 14.27
N ASP C 90 -23.80 -24.89 13.96
CA ASP C 90 -24.20 -23.70 14.70
C ASP C 90 -24.12 -23.85 16.21
N ASN C 91 -23.50 -22.87 16.85
CA ASN C 91 -23.36 -22.85 18.29
C ASN C 91 -22.39 -23.91 18.83
N LYS C 92 -21.60 -24.51 17.95
CA LYS C 92 -20.64 -25.52 18.38
C LYS C 92 -19.24 -24.95 18.36
N ASP C 93 -18.24 -25.79 18.53
CA ASP C 93 -16.84 -25.35 18.49
C ASP C 93 -16.46 -25.46 17.01
N ILE C 94 -16.16 -24.32 16.41
CA ILE C 94 -15.80 -24.27 15.01
C ILE C 94 -14.59 -25.13 14.72
N ILE C 95 -13.63 -25.05 15.63
CA ILE C 95 -12.38 -25.79 15.50
C ILE C 95 -12.67 -27.29 15.28
N SER C 96 -12.51 -28.05 16.35
CA SER C 96 -12.69 -29.51 16.38
C SER C 96 -13.96 -30.12 15.78
N GLU C 97 -14.84 -29.29 15.21
CA GLU C 97 -16.09 -29.76 14.61
C GLU C 97 -16.12 -29.50 13.12
N TYR C 98 -15.22 -28.62 12.69
CA TYR C 98 -15.15 -28.25 11.28
C TYR C 98 -13.71 -27.96 10.81
N ALA C 99 -13.20 -26.83 11.28
CA ALA C 99 -11.85 -26.38 10.93
C ALA C 99 -10.84 -27.51 11.06
N VAL C 100 -11.11 -28.41 11.98
CA VAL C 100 -10.22 -29.51 12.20
C VAL C 100 -10.70 -30.80 11.59
N ARG C 101 -11.99 -31.00 11.55
CA ARG C 101 -12.44 -32.25 11.02
C ARG C 101 -12.37 -32.29 9.49
N LEU C 102 -12.18 -31.14 8.88
CA LEU C 102 -12.10 -31.03 7.42
C LEU C 102 -10.71 -31.38 6.85
N PRO C 103 -9.69 -30.57 7.16
CA PRO C 103 -8.36 -30.89 6.64
C PRO C 103 -7.93 -32.33 6.88
N VAL C 104 -8.30 -32.89 8.02
CA VAL C 104 -7.96 -34.28 8.33
C VAL C 104 -8.76 -35.17 7.39
N ASN C 105 -10.09 -35.05 7.49
CA ASN C 105 -10.98 -35.83 6.66
C ASN C 105 -10.49 -35.84 5.21
N ILE C 106 -9.83 -34.75 4.80
CA ILE C 106 -9.31 -34.62 3.43
C ILE C 106 -7.97 -35.32 3.25
N ILE C 107 -6.96 -34.74 3.88
CA ILE C 107 -5.60 -35.26 3.81
C ILE C 107 -5.58 -36.79 3.93
N SER C 108 -6.41 -37.31 4.82
CA SER C 108 -6.49 -38.74 5.04
C SER C 108 -6.90 -39.47 3.79
N LYS C 109 -7.81 -38.87 3.04
CA LYS C 109 -8.31 -39.46 1.79
C LYS C 109 -7.22 -39.42 0.75
N ILE C 110 -6.41 -38.37 0.78
CA ILE C 110 -5.35 -38.27 -0.19
C ILE C 110 -4.20 -39.19 0.17
N LEU C 111 -3.82 -39.22 1.43
CA LEU C 111 -2.73 -40.11 1.82
C LEU C 111 -3.21 -41.54 1.68
N GLY C 112 -4.52 -41.73 1.84
CA GLY C 112 -5.10 -43.04 1.72
C GLY C 112 -5.41 -43.68 3.07
N ILE C 113 -5.49 -42.86 4.12
CA ILE C 113 -5.76 -43.35 5.47
C ILE C 113 -7.23 -43.71 5.68
N PRO C 114 -7.50 -44.97 6.05
CA PRO C 114 -8.84 -45.51 6.30
C PRO C 114 -9.72 -44.66 7.22
N ASP C 115 -10.90 -44.34 6.70
CA ASP C 115 -11.91 -43.58 7.42
C ASP C 115 -11.91 -43.94 8.90
N SER C 116 -12.04 -45.22 9.17
CA SER C 116 -12.07 -45.73 10.54
C SER C 116 -10.90 -45.27 11.39
N ASP C 117 -9.76 -45.05 10.74
CA ASP C 117 -8.57 -44.64 11.46
C ASP C 117 -8.46 -43.11 11.62
N MET C 118 -9.47 -42.39 11.14
CA MET C 118 -9.47 -40.93 11.25
C MET C 118 -9.13 -40.46 12.65
N PRO C 119 -9.96 -40.78 13.65
CA PRO C 119 -9.69 -40.36 15.02
C PRO C 119 -8.25 -40.65 15.38
N LEU C 120 -7.94 -41.93 15.33
CA LEU C 120 -6.62 -42.42 15.63
C LEU C 120 -5.51 -41.41 15.31
N PHE C 121 -5.30 -41.13 14.03
CA PHE C 121 -4.23 -40.21 13.62
C PHE C 121 -4.23 -38.76 14.11
N LYS C 122 -5.29 -37.98 13.87
CA LYS C 122 -5.30 -36.61 14.36
C LYS C 122 -4.82 -36.57 15.81
N LEU C 123 -5.20 -37.60 16.57
CA LEU C 123 -4.79 -37.71 17.95
C LEU C 123 -3.31 -37.41 17.94
N TRP C 124 -2.61 -38.30 17.24
CA TRP C 124 -1.17 -38.23 17.05
C TRP C 124 -0.74 -36.84 16.62
N SER C 125 -1.61 -36.19 15.86
CA SER C 125 -1.31 -34.87 15.37
C SER C 125 -1.28 -33.87 16.51
N ASP C 126 -2.43 -33.62 17.16
CA ASP C 126 -2.44 -32.67 18.27
C ASP C 126 -1.18 -32.94 19.08
N TYR C 127 -0.93 -34.22 19.34
CA TYR C 127 0.26 -34.65 20.07
C TYR C 127 1.54 -34.17 19.40
N ILE C 128 1.90 -34.83 18.30
CA ILE C 128 3.11 -34.50 17.56
C ILE C 128 3.16 -33.01 17.26
N ILE C 129 1.97 -32.41 17.33
CA ILE C 129 1.76 -30.99 17.11
C ILE C 129 2.31 -30.18 18.30
N GLY C 130 2.38 -30.81 19.46
CA GLY C 130 2.92 -30.13 20.62
C GLY C 130 1.93 -29.32 21.42
N ASN C 131 0.79 -29.00 20.81
CA ASN C 131 -0.24 -28.24 21.51
C ASN C 131 -0.75 -29.20 22.57
N LYS C 132 -0.46 -30.49 22.32
CA LYS C 132 -0.81 -31.59 23.20
C LYS C 132 0.48 -31.98 23.94
N ARG C 133 0.34 -32.77 25.01
CA ARG C 133 1.46 -33.25 25.85
C ARG C 133 1.00 -34.30 26.89
N ASP C 134 0.61 -35.48 26.42
CA ASP C 134 0.16 -36.56 27.33
C ASP C 134 1.17 -37.72 27.44
N GLU C 135 1.98 -37.65 28.49
CA GLU C 135 3.02 -38.64 28.81
C GLU C 135 2.97 -39.97 28.02
N ASN C 136 1.88 -40.71 28.18
CA ASN C 136 1.68 -42.01 27.52
C ASN C 136 1.69 -41.94 25.97
N PHE C 137 1.73 -40.73 25.41
CA PHE C 137 1.73 -40.58 23.95
C PHE C 137 2.72 -41.52 23.29
N ASN C 138 3.76 -41.86 24.04
CA ASN C 138 4.81 -42.77 23.57
C ASN C 138 4.23 -43.90 22.74
N TYR C 139 3.05 -44.35 23.16
CA TYR C 139 2.41 -45.45 22.49
C TYR C 139 1.33 -45.10 21.51
N VAL C 140 0.61 -44.03 21.80
CA VAL C 140 -0.43 -43.60 20.89
C VAL C 140 0.34 -43.53 19.57
N ASN C 141 1.58 -43.06 19.69
CA ASN C 141 2.49 -42.94 18.56
C ASN C 141 2.77 -44.32 17.95
N ASN C 142 3.06 -45.28 18.83
CA ASN C 142 3.34 -46.65 18.40
C ASN C 142 2.11 -47.17 17.68
N ARG C 143 0.98 -47.21 18.38
CA ARG C 143 -0.27 -47.66 17.82
C ARG C 143 -0.30 -47.14 16.39
N MET C 144 0.04 -45.88 16.25
CA MET C 144 0.03 -45.25 14.95
C MET C 144 0.82 -46.04 13.92
N VAL C 145 2.13 -46.10 14.10
CA VAL C 145 2.99 -46.78 13.15
C VAL C 145 2.74 -48.27 12.98
N SER C 146 2.02 -48.87 13.92
CA SER C 146 1.73 -50.28 13.80
C SER C 146 0.64 -50.44 12.74
N ARG C 147 -0.28 -49.48 12.71
CA ARG C 147 -1.39 -49.48 11.76
C ARG C 147 -0.93 -48.93 10.42
N LEU C 148 -0.01 -47.97 10.47
CA LEU C 148 0.48 -47.39 9.24
C LEU C 148 1.13 -48.52 8.45
N LEU C 149 1.71 -49.48 9.17
CA LEU C 149 2.36 -50.63 8.55
C LEU C 149 1.36 -51.56 7.87
N GLU C 150 0.20 -51.77 8.51
CA GLU C 150 -0.84 -52.64 7.93
C GLU C 150 -1.21 -52.02 6.59
N ILE C 151 -1.44 -50.70 6.61
CA ILE C 151 -1.81 -50.00 5.40
C ILE C 151 -0.77 -50.26 4.29
N PHE C 152 0.50 -50.09 4.61
CA PHE C 152 1.55 -50.29 3.63
C PHE C 152 1.46 -51.69 3.08
N LYS C 153 1.22 -52.65 3.97
CA LYS C 153 1.08 -54.05 3.57
C LYS C 153 -0.18 -54.22 2.72
N SER C 154 -1.21 -53.43 3.03
CA SER C 154 -2.44 -53.49 2.26
C SER C 154 -2.25 -52.72 0.95
N ASP C 155 -2.72 -51.47 0.93
CA ASP C 155 -2.61 -50.61 -0.26
C ASP C 155 -3.74 -49.58 -0.22
N SER C 156 -3.68 -48.61 -1.15
CA SER C 156 -4.72 -47.57 -1.24
C SER C 156 -4.53 -46.74 -2.52
N HIS C 157 -5.31 -45.68 -2.63
CA HIS C 157 -5.24 -44.80 -3.80
C HIS C 157 -4.45 -43.55 -3.45
N GLY C 158 -3.97 -43.52 -2.21
CA GLY C 158 -3.24 -42.36 -1.75
C GLY C 158 -1.75 -42.48 -1.91
N ILE C 159 -1.06 -41.49 -1.40
CA ILE C 159 0.39 -41.45 -1.46
C ILE C 159 0.92 -42.71 -0.81
N ILE C 160 0.05 -43.36 -0.03
CA ILE C 160 0.42 -44.58 0.67
C ILE C 160 0.70 -45.76 -0.22
N ASN C 161 0.04 -45.87 -1.36
CA ASN C 161 0.34 -47.01 -2.24
C ASN C 161 1.46 -46.50 -3.13
N VAL C 162 1.51 -45.19 -3.27
CA VAL C 162 2.52 -44.56 -4.10
C VAL C 162 3.88 -44.88 -3.49
N LEU C 163 4.02 -44.58 -2.21
CA LEU C 163 5.28 -44.81 -1.52
C LEU C 163 5.85 -46.23 -1.55
N ALA C 164 5.06 -47.23 -1.19
CA ALA C 164 5.57 -48.61 -1.20
C ALA C 164 6.36 -48.87 -2.49
N GLY C 165 5.65 -49.01 -3.59
CA GLY C 165 6.36 -49.21 -4.83
C GLY C 165 7.10 -47.92 -5.13
N SER C 166 8.26 -47.72 -4.50
CA SER C 166 9.02 -46.51 -4.77
C SER C 166 10.43 -46.42 -4.15
N SER C 167 11.27 -45.61 -4.81
CA SER C 167 12.64 -45.36 -4.39
C SER C 167 13.24 -44.22 -5.23
N LEU C 168 14.37 -44.50 -5.89
CA LEU C 168 15.05 -43.55 -6.78
C LEU C 168 16.54 -43.78 -6.79
N LYS C 169 17.18 -43.50 -7.92
CA LYS C 169 18.61 -43.66 -8.08
C LYS C 169 19.06 -44.96 -7.43
N ASN C 170 18.73 -46.09 -8.07
CA ASN C 170 19.12 -47.41 -7.59
C ASN C 170 19.31 -47.43 -6.07
N ARG C 171 18.21 -47.48 -5.35
CA ARG C 171 18.20 -47.52 -3.88
C ARG C 171 16.73 -47.57 -3.45
N LYS C 172 16.39 -48.51 -2.58
CA LYS C 172 15.03 -48.63 -2.10
C LYS C 172 14.91 -48.10 -0.67
N LEU C 173 13.87 -47.29 -0.44
CA LEU C 173 13.59 -46.70 0.87
C LEU C 173 13.39 -47.66 2.04
N THR C 174 13.83 -47.21 3.21
CA THR C 174 13.69 -47.97 4.43
C THR C 174 12.21 -47.94 4.77
N MET C 175 11.76 -48.97 5.48
CA MET C 175 10.38 -48.99 5.91
C MET C 175 10.26 -47.69 6.68
N ASP C 176 11.27 -47.45 7.50
CA ASP C 176 11.40 -46.27 8.32
C ASP C 176 11.13 -45.02 7.47
N GLU C 177 11.93 -44.85 6.41
CA GLU C 177 11.77 -43.71 5.53
C GLU C 177 10.34 -43.66 5.01
N LYS C 178 9.83 -44.83 4.64
CA LYS C 178 8.48 -44.95 4.14
C LYS C 178 7.56 -44.29 5.14
N ILE C 179 7.66 -44.71 6.39
CA ILE C 179 6.84 -44.16 7.45
C ILE C 179 7.10 -42.70 7.71
N LYS C 180 8.32 -42.39 8.13
CA LYS C 180 8.67 -41.02 8.41
C LYS C 180 8.11 -40.13 7.32
N TYR C 181 7.92 -40.68 6.13
CA TYR C 181 7.39 -39.90 5.00
C TYR C 181 5.94 -39.52 5.32
N ILE C 182 5.12 -40.55 5.46
CA ILE C 182 3.73 -40.35 5.77
C ILE C 182 3.59 -39.55 7.05
N MET C 183 4.42 -39.85 8.04
CA MET C 183 4.35 -39.10 9.28
C MET C 183 4.35 -37.65 8.90
N LEU C 184 5.23 -37.28 7.98
CA LEU C 184 5.38 -35.90 7.54
C LEU C 184 4.10 -35.31 6.96
N LEU C 185 3.62 -35.89 5.87
CA LEU C 185 2.41 -35.43 5.21
C LEU C 185 1.22 -35.26 6.14
N ILE C 186 1.18 -36.09 7.17
CA ILE C 186 0.10 -36.05 8.13
C ILE C 186 0.19 -34.83 9.05
N ILE C 187 1.34 -34.63 9.66
CA ILE C 187 1.50 -33.48 10.52
C ILE C 187 1.12 -32.24 9.76
N GLY C 188 1.81 -32.01 8.66
CA GLY C 188 1.55 -30.85 7.84
C GLY C 188 0.14 -30.78 7.28
N GLY C 189 -0.35 -31.91 6.79
CA GLY C 189 -1.67 -31.92 6.22
C GLY C 189 -2.78 -31.63 7.20
N ASN C 190 -2.50 -31.83 8.49
CA ASN C 190 -3.53 -31.66 9.50
C ASN C 190 -3.75 -30.40 10.34
N GLU C 191 -2.73 -29.86 11.03
CA GLU C 191 -2.97 -28.67 11.88
C GLU C 191 -3.00 -27.25 11.30
N THR C 192 -1.83 -26.71 10.96
CA THR C 192 -1.75 -25.37 10.43
C THR C 192 -2.87 -25.01 9.44
N THR C 193 -3.47 -26.02 8.82
CA THR C 193 -4.57 -25.79 7.89
C THR C 193 -5.69 -25.24 8.74
N THR C 194 -5.82 -25.81 9.92
CA THR C 194 -6.82 -25.41 10.89
C THR C 194 -6.62 -23.93 11.17
N ASN C 195 -5.56 -23.61 11.90
CA ASN C 195 -5.27 -22.25 12.26
C ASN C 195 -5.76 -21.24 11.25
N LEU C 196 -5.24 -21.34 10.04
CA LEU C 196 -5.61 -20.44 8.95
C LEU C 196 -7.08 -20.03 9.00
N ILE C 197 -7.94 -21.04 9.09
CA ILE C 197 -9.39 -20.88 9.16
C ILE C 197 -9.85 -20.02 10.32
N GLY C 198 -9.58 -20.46 11.54
CA GLY C 198 -9.95 -19.67 12.70
C GLY C 198 -9.25 -18.34 12.58
N ASN C 199 -8.17 -18.33 11.79
CA ASN C 199 -7.40 -17.12 11.54
C ASN C 199 -8.16 -16.27 10.53
N MET C 200 -8.88 -16.94 9.63
CA MET C 200 -9.68 -16.23 8.63
C MET C 200 -10.80 -15.55 9.35
N ILE C 201 -11.56 -16.37 10.08
CA ILE C 201 -12.71 -15.92 10.85
C ILE C 201 -12.40 -14.71 11.71
N ARG C 202 -11.22 -14.71 12.33
CA ARG C 202 -10.79 -13.61 13.19
C ARG C 202 -10.88 -12.33 12.39
N VAL C 203 -10.20 -12.29 11.25
CA VAL C 203 -10.27 -11.11 10.40
C VAL C 203 -11.73 -10.71 10.29
N ILE C 204 -12.53 -11.60 9.72
CA ILE C 204 -13.94 -11.36 9.55
C ILE C 204 -14.55 -10.60 10.72
N ASP C 205 -14.17 -10.98 11.93
CA ASP C 205 -14.67 -10.32 13.12
C ASP C 205 -14.05 -8.95 13.19
N GLU C 206 -12.73 -8.92 13.31
CA GLU C 206 -11.97 -7.68 13.40
C GLU C 206 -12.14 -6.72 12.19
N ASN C 207 -12.68 -7.23 11.11
CA ASN C 207 -12.89 -6.43 9.90
C ASN C 207 -14.23 -6.81 9.28
N PRO C 208 -15.35 -6.45 9.97
CA PRO C 208 -16.72 -6.73 9.54
C PRO C 208 -17.01 -6.24 8.12
N ASP C 209 -16.95 -4.93 7.96
CA ASP C 209 -17.20 -4.29 6.68
C ASP C 209 -16.09 -4.59 5.65
N ILE C 210 -16.31 -5.67 4.90
CA ILE C 210 -15.40 -6.13 3.85
C ILE C 210 -15.81 -7.55 3.45
N ILE C 211 -16.75 -8.11 4.22
CA ILE C 211 -17.27 -9.43 3.94
C ILE C 211 -17.60 -9.51 2.44
N ASP C 212 -18.02 -8.37 1.88
CA ASP C 212 -18.36 -8.26 0.46
C ASP C 212 -17.09 -8.45 -0.39
N ASP C 213 -16.07 -7.65 -0.11
CA ASP C 213 -14.82 -7.79 -0.84
C ASP C 213 -14.35 -9.22 -0.65
N ALA C 214 -14.55 -9.74 0.55
CA ALA C 214 -14.16 -11.11 0.86
C ALA C 214 -14.74 -12.00 -0.23
N LEU C 215 -16.04 -12.23 -0.17
CA LEU C 215 -16.75 -13.06 -1.15
C LEU C 215 -16.18 -12.91 -2.56
N LYS C 216 -16.42 -11.76 -3.16
CA LYS C 216 -15.96 -11.46 -4.50
C LYS C 216 -14.51 -11.86 -4.71
N ASN C 217 -13.83 -12.26 -3.64
CA ASN C 217 -12.44 -12.67 -3.71
C ASN C 217 -11.94 -13.57 -2.58
N ARG C 218 -12.44 -14.79 -2.54
CA ARG C 218 -12.02 -15.76 -1.52
C ARG C 218 -10.50 -16.02 -1.66
N SER C 219 -10.01 -16.09 -2.89
CA SER C 219 -8.60 -16.31 -3.13
C SER C 219 -7.82 -15.23 -2.41
N GLY C 220 -8.04 -13.99 -2.84
CA GLY C 220 -7.37 -12.83 -2.27
C GLY C 220 -7.41 -12.82 -0.75
N PHE C 221 -8.60 -13.09 -0.19
CA PHE C 221 -8.76 -13.13 1.25
C PHE C 221 -7.74 -14.10 1.85
N VAL C 222 -7.86 -15.37 1.49
CA VAL C 222 -6.94 -16.40 1.97
C VAL C 222 -5.48 -15.95 1.97
N GLU C 223 -4.96 -15.62 0.79
CA GLU C 223 -3.58 -15.19 0.62
C GLU C 223 -3.17 -14.05 1.51
N GLU C 224 -3.96 -12.97 1.51
CA GLU C 224 -3.69 -11.80 2.34
C GLU C 224 -3.95 -12.13 3.81
N THR C 225 -4.76 -13.15 4.04
CA THR C 225 -5.04 -13.56 5.40
C THR C 225 -3.78 -14.27 5.91
N LEU C 226 -3.34 -15.30 5.19
CA LEU C 226 -2.12 -16.01 5.55
C LEU C 226 -1.02 -15.01 5.94
N ARG C 227 -0.83 -14.00 5.10
CA ARG C 227 0.16 -12.96 5.34
C ARG C 227 -0.04 -12.18 6.65
N TYR C 228 -1.26 -11.69 6.88
CA TYR C 228 -1.59 -10.92 8.09
C TYR C 228 -1.34 -11.80 9.32
N TYR C 229 -2.21 -12.79 9.55
CA TYR C 229 -2.06 -13.71 10.67
C TYR C 229 -1.49 -15.03 10.18
N SER C 230 -0.18 -15.05 9.93
CA SER C 230 0.52 -16.23 9.45
C SER C 230 0.37 -17.44 10.39
N PRO C 231 -0.08 -18.58 9.87
CA PRO C 231 -0.27 -19.79 10.67
C PRO C 231 0.96 -20.20 11.44
N ILE C 232 2.09 -20.23 10.75
CA ILE C 232 3.35 -20.57 11.38
C ILE C 232 4.02 -19.21 11.51
N GLN C 233 4.44 -18.85 12.72
CA GLN C 233 5.03 -17.54 12.94
C GLN C 233 6.54 -17.46 12.72
N PHE C 234 7.15 -18.62 12.55
CA PHE C 234 8.59 -18.73 12.33
C PHE C 234 9.03 -20.20 12.25
N LEU C 235 10.24 -20.41 11.72
CA LEU C 235 10.84 -21.73 11.57
C LEU C 235 12.17 -21.71 12.32
N PRO C 236 12.40 -22.69 13.18
CA PRO C 236 13.64 -22.76 13.97
C PRO C 236 14.76 -23.60 13.38
N HIS C 237 14.44 -24.85 13.06
CA HIS C 237 15.43 -25.76 12.54
C HIS C 237 16.01 -25.48 11.17
N ARG C 238 17.01 -24.61 11.21
CA ARG C 238 17.80 -24.16 10.07
C ARG C 238 19.14 -23.84 10.70
N PHE C 239 20.21 -24.36 10.10
CA PHE C 239 21.53 -24.16 10.68
C PHE C 239 22.61 -23.74 9.69
N ALA C 240 23.34 -22.68 10.02
CA ALA C 240 24.40 -22.22 9.15
C ALA C 240 25.25 -23.47 8.85
N ALA C 241 25.59 -23.65 7.59
CA ALA C 241 26.39 -24.79 7.17
C ALA C 241 27.77 -24.27 6.76
N GLU C 242 28.04 -23.01 7.10
CA GLU C 242 29.30 -22.37 6.78
C GLU C 242 29.18 -20.88 7.10
N ASP C 243 30.31 -20.22 7.30
CA ASP C 243 30.30 -18.79 7.60
C ASP C 243 29.55 -18.05 6.48
N SER C 244 29.12 -16.83 6.75
CA SER C 244 28.40 -16.01 5.77
C SER C 244 28.00 -14.73 6.48
N TYR C 245 27.55 -13.72 5.72
CA TYR C 245 27.15 -12.46 6.35
C TYR C 245 25.78 -11.94 5.95
N ILE C 246 25.16 -11.23 6.89
CA ILE C 246 23.86 -10.59 6.71
C ILE C 246 23.90 -9.38 7.63
N ASN C 247 23.63 -8.20 7.09
CA ASN C 247 23.65 -6.99 7.89
C ASN C 247 25.03 -6.79 8.50
N ASN C 248 25.99 -7.51 7.94
CA ASN C 248 27.39 -7.50 8.36
C ASN C 248 27.66 -8.46 9.52
N LYS C 249 26.62 -8.84 10.25
CA LYS C 249 26.81 -9.80 11.32
C LYS C 249 26.96 -11.14 10.59
N LYS C 250 28.04 -11.85 10.89
CA LYS C 250 28.32 -13.13 10.23
C LYS C 250 27.85 -14.38 10.99
N ILE C 251 26.99 -15.14 10.33
CA ILE C 251 26.44 -16.35 10.91
C ILE C 251 27.49 -17.40 10.70
N LYS C 252 28.29 -17.63 11.74
CA LYS C 252 29.37 -18.64 11.69
C LYS C 252 28.75 -19.99 11.39
N LYS C 253 29.52 -20.88 10.78
CA LYS C 253 29.00 -22.19 10.46
C LYS C 253 28.49 -22.87 11.73
N GLY C 254 27.70 -23.94 11.57
CA GLY C 254 27.19 -24.67 12.73
C GLY C 254 26.05 -24.02 13.49
N ASP C 255 25.96 -22.69 13.42
CA ASP C 255 24.91 -21.97 14.11
C ASP C 255 23.56 -22.31 13.56
N GLN C 256 22.53 -21.89 14.29
CA GLN C 256 21.14 -22.11 13.93
C GLN C 256 20.54 -20.77 13.56
N VAL C 257 19.78 -20.76 12.47
CA VAL C 257 19.15 -19.55 12.02
C VAL C 257 17.65 -19.64 12.16
N ILE C 258 17.07 -18.65 12.83
CA ILE C 258 15.63 -18.63 13.02
C ILE C 258 14.96 -17.55 12.18
N VAL C 259 14.05 -18.01 11.32
CA VAL C 259 13.32 -17.18 10.38
C VAL C 259 11.89 -16.90 10.84
N TYR C 260 11.59 -15.63 11.07
CA TYR C 260 10.27 -15.25 11.53
C TYR C 260 9.30 -14.85 10.45
N LEU C 261 8.50 -15.83 10.04
CA LEU C 261 7.50 -15.68 9.00
C LEU C 261 6.49 -14.57 9.25
N GLY C 262 5.91 -14.57 10.45
CA GLY C 262 4.93 -13.55 10.80
C GLY C 262 5.44 -12.13 10.67
N SER C 263 6.71 -11.91 11.01
CA SER C 263 7.34 -10.59 10.93
C SER C 263 7.67 -10.17 9.52
N ALA C 264 7.96 -11.15 8.66
CA ALA C 264 8.30 -10.90 7.27
C ALA C 264 7.13 -10.47 6.39
N ASN C 265 5.93 -10.95 6.70
CA ASN C 265 4.77 -10.57 5.92
C ASN C 265 4.29 -9.24 6.46
N ARG C 266 4.94 -8.79 7.53
CA ARG C 266 4.60 -7.54 8.20
C ARG C 266 5.66 -6.46 8.04
N ASP C 267 6.70 -6.74 7.27
CA ASP C 267 7.76 -5.75 7.08
C ASP C 267 7.21 -4.49 6.43
N GLU C 268 7.30 -3.39 7.17
CA GLU C 268 6.79 -2.10 6.72
C GLU C 268 7.38 -1.68 5.39
N THR C 269 8.59 -2.20 5.13
CA THR C 269 9.36 -1.93 3.92
C THR C 269 8.90 -2.64 2.66
N PHE C 270 8.69 -3.94 2.77
CA PHE C 270 8.26 -4.75 1.65
C PHE C 270 6.76 -4.69 1.44
N PHE C 271 6.01 -4.45 2.50
CA PHE C 271 4.57 -4.36 2.37
C PHE C 271 4.06 -2.96 2.68
N ASP C 272 3.11 -2.52 1.87
CA ASP C 272 2.53 -1.20 2.01
C ASP C 272 1.50 -1.12 3.12
N GLU C 273 1.83 -0.41 4.19
CA GLU C 273 0.94 -0.32 5.35
C GLU C 273 0.61 -1.75 5.69
N PRO C 274 1.65 -2.58 5.92
CA PRO C 274 1.56 -4.00 6.25
C PRO C 274 0.63 -4.39 7.39
N ASP C 275 -0.02 -3.41 8.01
CA ASP C 275 -0.90 -3.71 9.13
C ASP C 275 -2.38 -3.38 8.88
N LEU C 276 -2.85 -3.81 7.72
CA LEU C 276 -4.24 -3.61 7.31
C LEU C 276 -4.64 -4.80 6.44
N PHE C 277 -5.92 -5.12 6.38
CA PHE C 277 -6.33 -6.26 5.55
C PHE C 277 -6.66 -5.79 4.14
N LYS C 278 -5.76 -6.07 3.22
CA LYS C 278 -5.93 -5.64 1.86
C LYS C 278 -6.05 -6.74 0.82
N ILE C 279 -7.28 -7.18 0.52
CA ILE C 279 -7.38 -8.18 -0.53
C ILE C 279 -6.73 -7.50 -1.72
N GLY C 280 -5.95 -8.26 -2.49
CA GLY C 280 -5.29 -7.70 -3.65
C GLY C 280 -3.86 -7.18 -3.47
N ARG C 281 -3.11 -7.79 -2.57
CA ARG C 281 -1.73 -7.39 -2.33
C ARG C 281 -0.97 -7.90 -3.53
N ARG C 282 0.08 -7.20 -3.92
CA ARG C 282 0.85 -7.65 -5.07
C ARG C 282 2.08 -8.50 -4.70
N GLU C 283 3.00 -7.96 -3.91
CA GLU C 283 4.19 -8.74 -3.56
C GLU C 283 3.76 -9.99 -2.80
N MET C 284 4.56 -11.05 -2.87
CA MET C 284 4.25 -12.31 -2.22
C MET C 284 4.71 -12.46 -0.78
N HIS C 285 3.80 -13.00 0.05
CA HIS C 285 4.04 -13.26 1.46
C HIS C 285 4.84 -14.57 1.60
N LEU C 286 5.28 -14.87 2.81
CA LEU C 286 6.08 -16.06 3.07
C LEU C 286 5.45 -17.06 4.03
N ALA C 287 4.15 -16.92 4.27
CA ALA C 287 3.46 -17.81 5.16
C ALA C 287 3.70 -19.29 4.81
N PHE C 288 4.06 -19.56 3.56
CA PHE C 288 4.31 -20.93 3.12
C PHE C 288 5.82 -21.20 3.00
N GLY C 289 6.64 -20.19 3.27
CA GLY C 289 8.07 -20.33 3.14
C GLY C 289 8.47 -19.80 1.76
N ILE C 290 9.44 -20.44 1.13
CA ILE C 290 9.91 -20.06 -0.21
C ILE C 290 11.30 -20.64 -0.37
N GLY C 291 11.71 -20.87 -1.62
CA GLY C 291 13.00 -21.50 -1.87
C GLY C 291 12.72 -22.96 -2.19
N ILE C 292 13.73 -23.82 -2.13
CA ILE C 292 13.47 -25.24 -2.44
C ILE C 292 12.66 -25.86 -1.29
N HIS C 293 12.59 -25.12 -0.19
CA HIS C 293 11.83 -25.59 0.95
C HIS C 293 10.56 -24.75 1.15
N MET C 294 9.65 -24.88 0.20
CA MET C 294 8.39 -24.15 0.28
C MET C 294 7.38 -25.26 0.51
N CYS C 295 6.23 -24.90 1.10
CA CYS C 295 5.20 -25.89 1.39
C CYS C 295 4.75 -26.66 0.16
N LEU C 296 5.00 -27.96 0.14
CA LEU C 296 4.57 -28.76 -1.00
C LEU C 296 3.06 -28.69 -1.07
N GLY C 297 2.45 -28.72 0.10
CA GLY C 297 1.00 -28.70 0.19
C GLY C 297 0.32 -27.34 0.09
N ALA C 298 0.98 -26.36 -0.51
CA ALA C 298 0.36 -25.04 -0.65
C ALA C 298 -0.93 -25.14 -1.46
N PRO C 299 -0.87 -25.64 -2.70
CA PRO C 299 -2.08 -25.74 -3.50
C PRO C 299 -3.21 -26.41 -2.74
N LEU C 300 -2.89 -27.48 -2.04
CA LEU C 300 -3.88 -28.22 -1.28
C LEU C 300 -4.58 -27.41 -0.22
N ALA C 301 -3.82 -26.62 0.52
CA ALA C 301 -4.40 -25.83 1.59
C ALA C 301 -5.21 -24.65 1.07
N ARG C 302 -4.74 -24.05 -0.02
CA ARG C 302 -5.42 -22.92 -0.61
C ARG C 302 -6.86 -23.27 -0.98
N LEU C 303 -7.04 -24.46 -1.56
CA LEU C 303 -8.36 -24.90 -1.99
C LEU C 303 -9.28 -25.00 -0.80
N GLU C 304 -8.87 -25.80 0.18
CA GLU C 304 -9.68 -25.98 1.38
C GLU C 304 -10.13 -24.64 1.98
N ALA C 305 -9.19 -23.72 2.16
CA ALA C 305 -9.45 -22.38 2.74
C ALA C 305 -10.39 -21.53 1.91
N SER C 306 -10.32 -21.68 0.59
CA SER C 306 -11.18 -20.93 -0.32
C SER C 306 -12.58 -21.51 -0.24
N ILE C 307 -12.67 -22.83 -0.15
CA ILE C 307 -13.95 -23.52 -0.04
C ILE C 307 -14.48 -23.42 1.40
N ALA C 308 -13.57 -23.44 2.37
CA ALA C 308 -13.96 -23.32 3.77
C ALA C 308 -14.44 -21.88 3.98
N LEU C 309 -13.74 -20.93 3.36
CA LEU C 309 -14.12 -19.54 3.48
C LEU C 309 -15.51 -19.39 2.88
N ASN C 310 -15.64 -19.82 1.62
CA ASN C 310 -16.93 -19.75 0.96
C ASN C 310 -17.97 -20.27 1.95
N ASP C 311 -17.90 -21.57 2.21
CA ASP C 311 -18.83 -22.26 3.12
C ASP C 311 -19.04 -21.62 4.50
N ILE C 312 -18.07 -20.87 5.00
CA ILE C 312 -18.25 -20.23 6.31
C ILE C 312 -19.07 -18.96 6.17
N LEU C 313 -18.84 -18.23 5.08
CA LEU C 313 -19.55 -16.97 4.79
C LEU C 313 -20.98 -17.17 4.31
N ASN C 314 -21.32 -18.41 4.01
CA ASN C 314 -22.66 -18.72 3.55
C ASN C 314 -23.53 -19.10 4.73
N HIS C 315 -22.95 -19.91 5.61
CA HIS C 315 -23.65 -20.39 6.78
C HIS C 315 -23.94 -19.30 7.79
N PHE C 316 -22.88 -18.63 8.24
CA PHE C 316 -23.02 -17.55 9.21
C PHE C 316 -23.45 -16.25 8.56
N LYS C 317 -24.50 -15.66 9.13
CA LYS C 317 -25.04 -14.43 8.62
C LYS C 317 -24.71 -13.25 9.52
N ARG C 318 -23.69 -13.41 10.38
CA ARG C 318 -23.21 -12.37 11.29
C ARG C 318 -22.03 -12.98 12.06
N ILE C 319 -20.96 -13.29 11.34
CA ILE C 319 -19.78 -13.91 11.94
C ILE C 319 -19.10 -13.07 13.01
N LYS C 320 -19.15 -13.55 14.24
CA LYS C 320 -18.53 -12.90 15.39
C LYS C 320 -18.19 -13.92 16.45
N ILE C 321 -16.96 -13.84 16.94
CA ILE C 321 -16.47 -14.75 17.96
C ILE C 321 -17.20 -14.56 19.29
N ASP C 322 -16.47 -14.73 20.39
CA ASP C 322 -16.98 -14.59 21.75
C ASP C 322 -15.79 -15.03 22.56
N TYR C 323 -14.90 -14.11 22.89
CA TYR C 323 -13.74 -14.48 23.66
C TYR C 323 -14.12 -14.90 25.07
N LYS C 324 -15.42 -14.87 25.32
CA LYS C 324 -15.96 -15.26 26.61
C LYS C 324 -16.08 -16.78 26.69
N LYS C 325 -16.03 -17.41 25.52
CA LYS C 325 -16.13 -18.87 25.41
C LYS C 325 -15.05 -19.40 24.48
N SER C 326 -14.25 -18.50 23.90
CA SER C 326 -13.18 -18.88 22.96
C SER C 326 -11.80 -18.41 23.36
N ARG C 327 -10.81 -19.28 23.22
CA ARG C 327 -9.44 -18.91 23.56
C ARG C 327 -8.41 -19.38 22.52
N LEU C 328 -7.41 -18.53 22.30
CA LEU C 328 -6.34 -18.76 21.34
C LEU C 328 -5.35 -19.77 21.87
N LEU C 329 -4.52 -20.28 20.96
CA LEU C 329 -3.49 -21.25 21.29
C LEU C 329 -2.28 -20.58 21.97
N ASP C 330 -1.42 -21.38 22.57
CA ASP C 330 -0.23 -20.85 23.24
C ASP C 330 0.96 -20.77 22.30
N ASN C 331 1.56 -21.93 22.03
CA ASN C 331 2.71 -22.05 21.13
C ASN C 331 2.88 -20.82 20.25
N LYS C 332 3.79 -19.91 20.61
CA LYS C 332 4.01 -18.70 19.82
C LYS C 332 4.53 -19.06 18.43
N MET C 333 4.76 -20.35 18.18
CA MET C 333 5.24 -20.82 16.87
C MET C 333 4.10 -20.85 15.85
N VAL C 334 2.90 -21.21 16.31
CA VAL C 334 1.73 -21.24 15.45
C VAL C 334 0.74 -20.22 15.99
N LEU C 335 -0.06 -19.66 15.09
CA LEU C 335 -1.07 -18.67 15.44
C LEU C 335 -2.39 -19.26 14.95
N GLY C 336 -3.27 -19.59 15.87
CA GLY C 336 -4.53 -20.17 15.47
C GLY C 336 -5.45 -20.22 16.65
N TYR C 337 -6.46 -21.09 16.59
CA TYR C 337 -7.37 -21.20 17.71
C TYR C 337 -7.35 -22.58 18.34
N ASP C 338 -7.90 -22.62 19.55
CA ASP C 338 -8.00 -23.83 20.34
C ASP C 338 -9.50 -24.13 20.37
N LYS C 339 -10.24 -23.14 20.87
CA LYS C 339 -11.69 -23.22 20.98
C LYS C 339 -12.21 -21.88 20.46
N LEU C 340 -13.16 -21.93 19.53
CA LEU C 340 -13.72 -20.72 18.94
C LEU C 340 -15.21 -20.82 18.68
N PHE C 341 -16.00 -20.30 19.60
CA PHE C 341 -17.45 -20.32 19.45
C PHE C 341 -17.85 -18.95 18.93
N LEU C 342 -18.88 -18.89 18.10
CA LEU C 342 -19.30 -17.62 17.54
C LEU C 342 -20.56 -17.13 18.17
N SER C 343 -20.48 -15.93 18.75
CA SER C 343 -21.65 -15.30 19.39
C SER C 343 -21.31 -13.94 20.06
N LEU D 3 8.72 39.93 33.06
CA LEU D 3 8.77 39.43 34.47
C LEU D 3 9.96 39.97 35.29
N ASN D 4 10.50 39.13 36.15
CA ASN D 4 11.64 39.51 36.98
C ASN D 4 12.89 38.95 36.29
N ASP D 5 13.84 38.41 37.06
CA ASP D 5 15.07 37.86 36.49
C ASP D 5 15.75 36.74 37.28
N PRO D 6 16.29 35.73 36.56
CA PRO D 6 17.00 34.54 37.07
C PRO D 6 17.99 34.78 38.18
N VAL D 7 17.46 34.96 39.39
CA VAL D 7 18.29 35.19 40.56
C VAL D 7 18.59 33.84 41.18
N HIS D 8 19.73 33.74 41.85
CA HIS D 8 20.10 32.50 42.49
C HIS D 8 19.86 32.70 43.96
N TYR D 9 19.33 31.67 44.59
CA TYR D 9 19.08 31.67 46.02
C TYR D 9 18.52 30.34 46.49
N ASP D 10 18.86 29.98 47.72
CA ASP D 10 18.45 28.72 48.33
C ASP D 10 19.18 27.62 47.56
N GLY D 11 20.35 28.00 47.05
CA GLY D 11 21.20 27.07 46.33
C GLY D 11 20.69 26.71 44.96
N ALA D 12 19.95 27.60 44.33
CA ALA D 12 19.46 27.27 43.02
C ALA D 12 19.28 28.51 42.16
N TRP D 13 18.98 28.25 40.89
CA TRP D 13 18.74 29.31 39.92
C TRP D 13 17.27 29.27 39.50
N HIS D 14 16.58 30.40 39.64
CA HIS D 14 15.18 30.50 39.26
C HIS D 14 15.11 31.25 37.96
N VAL D 15 14.32 30.77 37.01
CA VAL D 15 14.19 31.45 35.74
C VAL D 15 12.72 31.74 35.51
N TYR D 16 12.43 33.00 35.25
CA TYR D 16 11.07 33.48 35.04
C TYR D 16 10.74 33.94 33.61
N LYS D 17 11.77 34.12 32.79
CA LYS D 17 11.55 34.57 31.43
C LYS D 17 11.57 33.47 30.37
N TYR D 18 10.52 33.48 29.56
CA TYR D 18 10.29 32.54 28.46
C TYR D 18 11.62 32.20 27.76
N SER D 19 12.18 33.23 27.14
CA SER D 19 13.44 33.11 26.44
C SER D 19 14.41 32.36 27.34
N ASP D 20 14.57 32.90 28.55
CA ASP D 20 15.47 32.34 29.54
C ASP D 20 15.18 30.90 29.84
N VAL D 21 13.89 30.56 29.80
CA VAL D 21 13.42 29.21 30.07
C VAL D 21 13.63 28.34 28.85
N LYS D 22 13.10 28.80 27.73
CA LYS D 22 13.24 28.07 26.49
C LYS D 22 14.68 27.60 26.29
N HIS D 23 15.61 28.47 26.67
CA HIS D 23 17.03 28.18 26.57
C HIS D 23 17.30 26.97 27.41
N VAL D 24 17.44 27.20 28.71
CA VAL D 24 17.69 26.16 29.69
C VAL D 24 17.13 24.81 29.26
N LEU D 25 15.90 24.84 28.76
CA LEU D 25 15.22 23.62 28.36
C LEU D 25 15.71 23.00 27.07
N MET D 26 15.73 23.77 25.98
CA MET D 26 16.21 23.26 24.69
C MET D 26 17.63 22.71 24.84
N ASN D 27 18.49 23.53 25.42
CA ASN D 27 19.88 23.19 25.65
C ASN D 27 20.05 22.11 26.72
N ASP D 28 19.82 20.85 26.34
CA ASP D 28 19.93 19.76 27.28
C ASP D 28 21.35 19.32 27.59
N LYS D 29 22.22 19.31 26.60
CA LYS D 29 23.60 18.91 26.83
C LYS D 29 24.20 19.90 27.82
N ILE D 30 23.58 21.05 27.93
CA ILE D 30 24.06 22.07 28.83
C ILE D 30 23.42 21.91 30.21
N PHE D 31 22.24 21.29 30.25
CA PHE D 31 21.55 21.11 31.52
C PHE D 31 20.96 19.71 31.68
N SER D 32 21.62 18.90 32.49
CA SER D 32 21.17 17.53 32.73
C SER D 32 19.75 17.48 33.25
N SER D 33 19.10 16.34 33.06
CA SER D 33 17.74 16.16 33.56
C SER D 33 17.87 15.04 34.60
N ASN D 34 19.12 14.65 34.85
CA ASN D 34 19.44 13.61 35.81
C ASN D 34 20.04 14.17 37.08
N PRO D 35 19.53 13.71 38.23
CA PRO D 35 20.09 14.20 39.49
C PRO D 35 21.34 13.31 39.61
N GLY D 36 22.48 13.88 39.21
CA GLY D 36 23.76 13.18 39.22
C GLY D 36 23.93 11.96 40.10
N ASN D 37 23.25 11.93 41.25
CA ASN D 37 23.36 10.84 42.22
C ASN D 37 22.02 10.25 42.74
N ARG D 38 21.28 11.05 43.51
CA ARG D 38 19.99 10.65 44.09
C ARG D 38 19.25 11.92 44.56
N TYR D 39 17.99 12.08 44.18
CA TYR D 39 17.28 13.31 44.54
C TYR D 39 15.75 13.28 44.62
N SER D 40 15.12 12.42 43.81
CA SER D 40 13.64 12.28 43.81
C SER D 40 12.91 13.59 44.15
N GLY D 44 10.53 11.03 39.78
CA GLY D 44 10.65 10.89 38.34
C GLY D 44 11.61 9.77 37.94
N ILE D 45 11.05 8.71 37.37
CA ILE D 45 11.87 7.59 36.94
C ILE D 45 11.92 7.52 35.43
N SER D 46 12.76 6.63 34.94
CA SER D 46 12.91 6.45 33.50
C SER D 46 13.53 7.66 32.80
N PHE D 47 13.20 7.79 31.52
CA PHE D 47 13.74 8.85 30.69
C PHE D 47 13.38 10.33 30.95
N ILE D 48 12.70 10.64 32.04
CA ILE D 48 12.38 12.03 32.29
C ILE D 48 13.51 12.61 33.13
N THR D 49 14.52 11.79 33.35
CA THR D 49 15.68 12.23 34.13
C THR D 49 16.93 11.86 33.34
N MET D 50 16.70 11.27 32.18
CA MET D 50 17.80 10.88 31.30
C MET D 50 18.23 12.03 30.38
N ASP D 51 19.34 11.83 29.67
CA ASP D 51 19.81 12.87 28.79
C ASP D 51 20.01 12.44 27.36
N ASN D 52 19.60 13.36 26.48
CA ASN D 52 19.62 13.24 25.02
C ASN D 52 19.86 11.82 24.43
N PRO D 53 21.11 11.28 24.50
CA PRO D 53 21.48 9.95 23.98
C PRO D 53 20.70 8.73 24.47
N GLU D 54 20.57 8.60 25.79
CA GLU D 54 19.83 7.47 26.37
C GLU D 54 18.34 7.80 26.34
N HIS D 55 18.04 9.07 26.60
CA HIS D 55 16.69 9.54 26.59
C HIS D 55 15.97 9.06 25.34
N LYS D 56 16.54 9.31 24.17
CA LYS D 56 15.91 8.88 22.94
C LYS D 56 15.57 7.39 22.92
N GLU D 57 16.59 6.54 22.83
CA GLU D 57 16.41 5.09 22.78
C GLU D 57 15.22 4.67 23.60
N PHE D 58 15.14 5.20 24.82
CA PHE D 58 14.05 4.91 25.74
C PHE D 58 12.71 5.52 25.35
N ARG D 59 12.68 6.81 25.09
CA ARG D 59 11.42 7.44 24.72
C ARG D 59 10.81 6.74 23.49
N ASP D 60 11.69 6.29 22.60
CA ASP D 60 11.29 5.62 21.35
C ASP D 60 10.33 4.46 21.57
N ILE D 61 10.71 3.57 22.46
CA ILE D 61 9.91 2.41 22.77
C ILE D 61 8.41 2.67 22.71
N SER D 62 7.99 3.91 22.96
CA SER D 62 6.56 4.23 22.98
C SER D 62 6.13 5.48 22.21
N ALA D 63 7.09 6.36 21.99
CA ALA D 63 6.87 7.63 21.28
C ALA D 63 5.71 7.70 20.30
N PRO D 64 5.62 6.74 19.36
CA PRO D 64 4.55 6.70 18.35
C PRO D 64 3.14 6.47 18.88
N TYR D 65 2.98 5.53 19.80
CA TYR D 65 1.67 5.26 20.35
C TYR D 65 1.01 6.48 20.96
N PHE D 66 1.76 7.56 21.05
CA PHE D 66 1.22 8.79 21.57
C PHE D 66 1.21 9.85 20.50
N LEU D 67 0.95 9.44 19.27
CA LEU D 67 0.90 10.37 18.15
C LEU D 67 -0.53 10.90 17.98
N PRO D 68 -0.68 12.19 17.66
CA PRO D 68 -1.99 12.81 17.48
C PRO D 68 -2.91 11.96 16.62
N SER D 69 -2.29 11.13 15.78
CA SER D 69 -2.99 10.23 14.88
C SER D 69 -3.37 8.92 15.58
N LYS D 70 -2.38 8.21 16.14
CA LYS D 70 -2.70 6.98 16.84
C LYS D 70 -3.63 7.29 17.98
N ILE D 71 -3.38 8.42 18.65
CA ILE D 71 -4.20 8.84 19.80
C ILE D 71 -5.68 9.07 19.45
N ASN D 72 -5.99 9.28 18.17
CA ASN D 72 -7.36 9.47 17.70
C ASN D 72 -8.17 8.16 17.85
N ASP D 73 -7.46 7.05 18.03
CA ASP D 73 -8.05 5.72 18.20
C ASP D 73 -8.68 5.60 19.57
N TYR D 74 -8.93 6.72 20.22
CA TYR D 74 -9.52 6.69 21.54
C TYR D 74 -10.65 7.69 21.71
N LYS D 75 -10.98 8.39 20.62
CA LYS D 75 -12.05 9.38 20.66
C LYS D 75 -13.25 8.75 21.31
N ASP D 76 -13.85 7.81 20.58
CA ASP D 76 -15.01 7.05 21.02
C ASP D 76 -14.84 6.59 22.46
N PHE D 77 -13.63 6.18 22.82
CA PHE D 77 -13.43 5.72 24.17
C PHE D 77 -13.47 6.84 25.19
N ILE D 78 -12.78 7.92 24.88
CA ILE D 78 -12.75 9.04 25.82
C ILE D 78 -14.11 9.71 25.98
N GLU D 79 -14.90 9.77 24.93
CA GLU D 79 -16.20 10.37 25.06
C GLU D 79 -17.04 9.52 26.00
N GLU D 80 -17.33 8.30 25.58
CA GLU D 80 -18.13 7.37 26.38
C GLU D 80 -17.71 7.48 27.82
N THR D 81 -16.42 7.31 28.06
CA THR D 81 -15.87 7.38 29.41
C THR D 81 -16.25 8.72 30.03
N SER D 82 -16.01 9.80 29.29
CA SER D 82 -16.33 11.14 29.73
C SER D 82 -17.81 11.22 30.02
N ASN D 83 -18.59 10.85 29.02
CA ASN D 83 -20.04 10.88 29.16
C ASN D 83 -20.51 10.04 30.33
N ASP D 84 -20.34 8.73 30.22
CA ASP D 84 -20.77 7.81 31.26
C ASP D 84 -20.41 8.35 32.64
N LEU D 85 -19.38 9.18 32.71
CA LEU D 85 -18.99 9.77 33.98
C LEU D 85 -19.83 11.00 34.18
N ILE D 86 -19.50 12.05 33.45
CA ILE D 86 -20.19 13.32 33.53
C ILE D 86 -21.66 13.15 33.96
N LYS D 87 -22.39 12.29 33.24
CA LYS D 87 -23.81 12.00 33.53
C LYS D 87 -24.22 12.64 34.81
N ASN D 88 -24.45 11.84 35.85
CA ASN D 88 -24.83 12.37 37.15
C ASN D 88 -23.57 12.81 37.90
N ILE D 89 -23.42 14.12 38.06
CA ILE D 89 -22.24 14.69 38.75
C ILE D 89 -22.68 16.01 39.38
N ASP D 90 -23.79 16.52 38.85
CA ASP D 90 -24.34 17.77 39.33
C ASP D 90 -24.33 17.78 40.88
N ASN D 91 -23.75 18.84 41.42
CA ASN D 91 -23.65 19.03 42.86
C ASN D 91 -22.53 18.24 43.49
N LYS D 92 -21.91 17.33 42.73
CA LYS D 92 -20.82 16.52 43.24
C LYS D 92 -19.49 17.28 43.26
N ASP D 93 -18.39 16.55 43.48
CA ASP D 93 -17.06 17.16 43.48
C ASP D 93 -16.42 16.96 42.11
N ILE D 94 -16.59 17.96 41.25
CA ILE D 94 -16.07 17.96 39.89
C ILE D 94 -14.72 17.28 39.78
N ILE D 95 -13.88 17.55 40.78
CA ILE D 95 -12.54 17.01 40.85
C ILE D 95 -12.54 15.51 41.16
N SER D 96 -12.93 15.14 42.37
CA SER D 96 -12.94 13.73 42.74
C SER D 96 -13.88 12.84 41.92
N GLU D 97 -15.02 13.35 41.48
CA GLU D 97 -15.95 12.52 40.72
C GLU D 97 -15.75 12.47 39.22
N TYR D 98 -15.32 13.59 38.64
CA TYR D 98 -15.10 13.67 37.20
C TYR D 98 -13.63 13.74 36.78
N ALA D 99 -12.97 14.86 37.03
CA ALA D 99 -11.56 15.03 36.67
C ALA D 99 -10.75 13.80 37.09
N VAL D 100 -10.34 13.79 38.35
CA VAL D 100 -9.59 12.68 38.90
C VAL D 100 -9.82 11.37 38.18
N ARG D 101 -11.09 11.03 37.95
CA ARG D 101 -11.43 9.79 37.28
C ARG D 101 -11.14 9.65 35.80
N LEU D 102 -11.70 10.54 35.00
CA LEU D 102 -11.52 10.49 33.56
C LEU D 102 -10.13 9.96 33.12
N PRO D 103 -9.07 10.73 33.38
CA PRO D 103 -7.75 10.27 32.97
C PRO D 103 -7.32 8.87 33.39
N VAL D 104 -7.69 8.46 34.59
CA VAL D 104 -7.27 7.14 35.05
C VAL D 104 -7.74 6.00 34.14
N ASN D 105 -8.98 6.09 33.66
CA ASN D 105 -9.52 5.06 32.79
C ASN D 105 -8.77 5.19 31.51
N ILE D 106 -8.80 6.40 31.00
CA ILE D 106 -8.12 6.71 29.77
C ILE D 106 -6.74 6.08 29.88
N ILE D 107 -5.87 6.78 30.59
CA ILE D 107 -4.50 6.36 30.80
C ILE D 107 -4.37 4.87 31.10
N SER D 108 -5.28 4.36 31.91
CA SER D 108 -5.31 2.95 32.29
C SER D 108 -5.57 2.04 31.09
N LYS D 109 -6.62 2.35 30.33
CA LYS D 109 -6.98 1.55 29.16
C LYS D 109 -5.91 1.63 28.10
N ILE D 110 -5.04 2.63 28.20
CA ILE D 110 -4.01 2.76 27.20
C ILE D 110 -2.80 1.91 27.55
N LEU D 111 -2.46 1.86 28.83
CA LEU D 111 -1.35 1.01 29.25
C LEU D 111 -1.91 -0.41 29.20
N GLY D 112 -3.17 -0.52 29.62
CA GLY D 112 -3.84 -1.81 29.62
C GLY D 112 -4.09 -2.35 31.00
N ILE D 113 -4.25 -1.46 31.98
CA ILE D 113 -4.51 -1.92 33.35
C ILE D 113 -5.90 -2.56 33.34
N PRO D 114 -5.98 -3.87 33.61
CA PRO D 114 -7.31 -4.51 33.61
C PRO D 114 -8.21 -3.82 34.62
N ASP D 115 -9.43 -3.50 34.20
CA ASP D 115 -10.40 -2.81 35.04
C ASP D 115 -10.35 -3.13 36.53
N SER D 116 -10.45 -4.42 36.85
CA SER D 116 -10.43 -4.95 38.22
C SER D 116 -9.23 -4.43 39.03
N ASP D 117 -8.09 -4.32 38.37
CA ASP D 117 -6.89 -3.84 39.03
C ASP D 117 -6.90 -2.32 39.11
N MET D 118 -7.68 -1.70 38.23
CA MET D 118 -7.76 -0.26 38.21
C MET D 118 -7.83 0.38 39.61
N PRO D 119 -8.72 -0.12 40.47
CA PRO D 119 -8.83 0.44 41.83
C PRO D 119 -7.46 0.60 42.46
N LEU D 120 -6.64 -0.45 42.31
CA LEU D 120 -5.30 -0.48 42.88
C LEU D 120 -4.49 0.70 42.43
N PHE D 121 -4.32 0.83 41.13
CA PHE D 121 -3.52 1.92 40.59
C PHE D 121 -4.12 3.29 40.84
N LYS D 122 -5.45 3.39 40.78
CA LYS D 122 -6.08 4.68 41.04
C LYS D 122 -5.75 5.03 42.48
N LEU D 123 -5.35 4.04 43.25
CA LEU D 123 -4.96 4.28 44.63
C LEU D 123 -3.53 4.76 44.48
N TRP D 124 -2.66 3.84 44.08
CA TRP D 124 -1.25 4.17 43.85
C TRP D 124 -1.17 5.52 43.15
N SER D 125 -2.26 5.88 42.48
CA SER D 125 -2.41 7.13 41.74
C SER D 125 -1.83 8.32 42.49
N ASP D 126 -2.55 8.71 43.54
CA ASP D 126 -2.14 9.81 44.40
C ASP D 126 -0.74 9.48 44.92
N TYR D 127 -0.70 8.97 46.16
CA TYR D 127 0.50 8.57 46.87
C TYR D 127 1.82 9.11 46.31
N ILE D 128 2.21 8.66 45.11
CA ILE D 128 3.43 9.16 44.49
C ILE D 128 3.30 10.67 44.57
N ILE D 129 2.05 11.10 44.70
CA ILE D 129 1.65 12.50 44.84
C ILE D 129 2.20 13.12 46.17
N GLY D 130 3.27 12.51 46.69
CA GLY D 130 3.92 13.00 47.89
C GLY D 130 3.00 13.40 49.03
N ASN D 131 1.74 12.99 48.98
CA ASN D 131 0.77 13.31 50.03
C ASN D 131 1.08 12.41 51.24
N LYS D 132 1.29 11.13 50.96
CA LYS D 132 1.64 10.13 51.98
C LYS D 132 2.91 9.40 51.52
N ARG D 133 3.51 8.60 52.42
CA ARG D 133 4.72 7.83 52.09
C ARG D 133 5.14 6.91 53.25
N ASP D 134 4.20 6.07 53.69
CA ASP D 134 4.46 5.17 54.81
C ASP D 134 4.53 3.68 54.46
N GLU D 135 4.54 2.87 55.51
CA GLU D 135 4.58 1.44 55.32
C GLU D 135 3.32 1.04 54.56
N ASN D 136 2.21 1.74 54.80
CA ASN D 136 0.95 1.47 54.11
C ASN D 136 1.02 1.86 52.63
N PHE D 137 1.76 2.94 52.33
CA PHE D 137 1.95 3.40 50.96
C PHE D 137 2.89 2.36 50.35
N ASN D 138 3.90 2.03 51.14
CA ASN D 138 4.90 1.04 50.77
C ASN D 138 4.22 -0.23 50.24
N TYR D 139 3.15 -0.64 50.91
CA TYR D 139 2.38 -1.82 50.53
C TYR D 139 1.81 -1.60 49.13
N VAL D 140 0.98 -0.58 49.02
CA VAL D 140 0.36 -0.22 47.77
C VAL D 140 1.43 -0.26 46.71
N ASN D 141 2.54 0.38 47.03
CA ASN D 141 3.66 0.43 46.11
C ASN D 141 3.94 -0.96 45.55
N ASN D 142 4.42 -1.85 46.40
CA ASN D 142 4.72 -3.19 45.93
C ASN D 142 3.51 -3.93 45.40
N ARG D 143 2.45 -3.95 46.19
CA ARG D 143 1.24 -4.65 45.79
C ARG D 143 0.98 -4.35 44.30
N MET D 144 1.38 -3.15 43.89
CA MET D 144 1.22 -2.69 42.52
C MET D 144 2.33 -3.22 41.62
N VAL D 145 3.52 -3.29 42.18
CA VAL D 145 4.66 -3.78 41.46
C VAL D 145 4.39 -5.25 41.19
N SER D 146 3.59 -5.85 42.05
CA SER D 146 3.23 -7.25 41.93
C SER D 146 2.36 -7.43 40.70
N ARG D 147 1.16 -6.89 40.74
CA ARG D 147 0.23 -6.98 39.61
C ARG D 147 0.95 -6.60 38.34
N LEU D 148 1.58 -5.43 38.37
CA LEU D 148 2.30 -4.91 37.23
C LEU D 148 3.14 -5.97 36.51
N LEU D 149 3.78 -6.81 37.30
CA LEU D 149 4.62 -7.87 36.75
C LEU D 149 3.72 -8.94 36.14
N GLU D 150 2.82 -9.50 36.96
CA GLU D 150 1.88 -10.54 36.55
C GLU D 150 1.11 -10.17 35.27
N ILE D 151 0.91 -8.86 35.09
CA ILE D 151 0.22 -8.36 33.92
C ILE D 151 1.10 -8.48 32.69
N PHE D 152 2.42 -8.38 32.89
CA PHE D 152 3.36 -8.46 31.79
C PHE D 152 3.34 -9.85 31.19
N LYS D 153 3.57 -10.87 32.02
CA LYS D 153 3.54 -12.25 31.55
C LYS D 153 2.28 -12.50 30.72
N SER D 154 1.21 -11.76 31.07
CA SER D 154 -0.08 -11.88 30.40
C SER D 154 -0.01 -11.40 28.96
N ASP D 155 -0.46 -10.16 28.70
CA ASP D 155 -0.44 -9.57 27.35
C ASP D 155 -1.10 -8.21 27.32
N SER D 156 -1.56 -7.78 26.13
CA SER D 156 -2.24 -6.48 25.99
C SER D 156 -2.25 -5.86 24.58
N HIS D 157 -2.93 -4.71 24.49
CA HIS D 157 -3.07 -3.85 23.29
C HIS D 157 -2.56 -2.53 23.87
N GLY D 158 -2.42 -2.55 25.19
CA GLY D 158 -1.92 -1.41 25.92
C GLY D 158 -0.42 -1.31 25.86
N ILE D 159 0.09 -0.10 26.12
CA ILE D 159 1.51 0.17 26.10
C ILE D 159 2.26 -0.91 26.85
N ILE D 160 1.64 -1.43 27.91
CA ILE D 160 2.22 -2.49 28.73
C ILE D 160 2.96 -3.51 27.89
N ASN D 161 2.31 -4.03 26.86
CA ASN D 161 2.98 -5.01 26.03
C ASN D 161 3.98 -4.36 25.08
N VAL D 162 3.65 -3.17 24.58
CA VAL D 162 4.54 -2.46 23.68
C VAL D 162 5.93 -2.61 24.27
N LEU D 163 6.01 -2.35 25.58
CA LEU D 163 7.26 -2.42 26.32
C LEU D 163 7.84 -3.83 26.39
N ALA D 164 7.37 -4.59 27.37
CA ALA D 164 7.82 -5.96 27.61
C ALA D 164 8.50 -6.67 26.43
N GLY D 165 8.01 -6.45 25.20
CA GLY D 165 8.60 -7.08 24.03
C GLY D 165 9.14 -6.10 23.00
N SER D 166 10.46 -5.91 23.01
CA SER D 166 11.22 -5.01 22.10
C SER D 166 12.35 -4.35 22.91
N SER D 167 13.36 -3.81 22.22
CA SER D 167 14.49 -3.19 22.92
C SER D 167 15.25 -2.12 22.14
N LEU D 168 16.26 -1.53 22.81
CA LEU D 168 17.06 -0.47 22.19
C LEU D 168 18.55 -0.78 22.21
N LYS D 169 19.26 -0.35 21.17
CA LYS D 169 20.70 -0.56 21.02
C LYS D 169 21.25 -1.86 21.58
N ASN D 170 20.92 -2.99 20.96
CA ASN D 170 21.43 -4.27 21.43
C ASN D 170 21.45 -4.36 22.99
N ARG D 171 20.30 -4.12 23.62
CA ARG D 171 20.19 -4.19 25.10
C ARG D 171 18.74 -4.36 25.59
N LYS D 172 18.29 -5.62 25.71
CA LYS D 172 16.93 -5.89 26.17
C LYS D 172 16.72 -5.34 27.59
N LEU D 173 15.77 -4.42 27.71
CA LEU D 173 15.41 -3.75 28.96
C LEU D 173 15.18 -4.64 30.17
N THR D 174 15.27 -4.03 31.34
CA THR D 174 15.07 -4.74 32.58
C THR D 174 13.61 -4.72 32.99
N MET D 175 13.24 -5.71 33.81
CA MET D 175 11.89 -5.85 34.34
C MET D 175 11.65 -4.64 35.24
N ASP D 176 12.74 -4.05 35.71
CA ASP D 176 12.70 -2.88 36.59
C ASP D 176 12.46 -1.65 35.73
N GLU D 177 13.11 -1.61 34.58
CA GLU D 177 12.96 -0.49 33.67
C GLU D 177 11.52 -0.54 33.19
N LYS D 178 11.12 -1.73 32.73
CA LYS D 178 9.78 -1.97 32.24
C LYS D 178 8.77 -1.45 33.26
N ILE D 179 8.98 -1.75 34.54
CA ILE D 179 8.07 -1.30 35.60
C ILE D 179 8.03 0.22 35.64
N LYS D 180 9.16 0.79 36.03
CA LYS D 180 9.35 2.23 36.17
C LYS D 180 8.81 3.01 34.97
N TYR D 181 9.18 2.56 33.79
CA TYR D 181 8.74 3.18 32.55
C TYR D 181 7.23 3.41 32.64
N ILE D 182 6.50 2.36 33.01
CA ILE D 182 5.03 2.41 33.15
C ILE D 182 4.59 3.33 34.29
N MET D 183 5.42 3.41 35.32
CA MET D 183 5.15 4.26 36.46
C MET D 183 5.16 5.71 36.01
N LEU D 184 6.17 6.06 35.20
CA LEU D 184 6.33 7.41 34.67
C LEU D 184 5.10 7.82 33.86
N LEU D 185 4.67 6.94 32.95
CA LEU D 185 3.50 7.22 32.11
C LEU D 185 2.24 7.37 32.92
N ILE D 186 2.13 6.58 33.97
CA ILE D 186 0.95 6.69 34.84
C ILE D 186 1.01 8.03 35.53
N ILE D 187 2.03 8.22 36.38
CA ILE D 187 2.23 9.49 37.08
C ILE D 187 1.83 10.66 36.18
N GLY D 188 2.22 10.59 34.90
CA GLY D 188 1.90 11.65 33.98
C GLY D 188 0.44 11.77 33.57
N GLY D 189 -0.11 10.70 33.02
CA GLY D 189 -1.49 10.72 32.56
C GLY D 189 -2.53 11.12 33.56
N ASN D 190 -2.14 11.37 34.81
CA ASN D 190 -3.11 11.71 35.84
C ASN D 190 -3.06 13.13 36.44
N GLU D 191 -2.35 13.23 37.57
CA GLU D 191 -2.18 14.47 38.34
C GLU D 191 -2.45 15.77 37.58
N THR D 192 -1.53 16.10 36.69
CA THR D 192 -1.58 17.32 35.88
C THR D 192 -2.82 17.45 34.97
N THR D 193 -3.21 16.32 34.38
CA THR D 193 -4.34 16.29 33.46
C THR D 193 -5.64 16.69 34.17
N THR D 194 -5.66 16.52 35.49
CA THR D 194 -6.82 16.87 36.28
C THR D 194 -6.85 18.37 36.48
N ASN D 195 -5.81 18.88 37.15
CA ASN D 195 -5.69 20.31 37.39
C ASN D 195 -6.25 21.12 36.23
N LEU D 196 -5.73 20.86 35.05
CA LEU D 196 -6.18 21.56 33.86
C LEU D 196 -7.70 21.63 33.79
N ILE D 197 -8.34 20.47 33.65
CA ILE D 197 -9.79 20.44 33.54
C ILE D 197 -10.50 21.45 34.41
N GLY D 198 -10.00 21.65 35.61
CA GLY D 198 -10.64 22.61 36.49
C GLY D 198 -10.17 24.01 36.15
N ASN D 199 -8.92 24.11 35.73
CA ASN D 199 -8.34 25.39 35.34
C ASN D 199 -9.19 25.89 34.22
N MET D 200 -9.74 24.96 33.47
CA MET D 200 -10.62 25.29 32.36
C MET D 200 -11.95 25.82 32.89
N ILE D 201 -12.62 25.00 33.70
CA ILE D 201 -13.89 25.34 34.30
C ILE D 201 -13.74 26.61 35.13
N ARG D 202 -12.50 26.95 35.46
CA ARG D 202 -12.23 28.15 36.22
C ARG D 202 -12.25 29.39 35.34
N VAL D 203 -11.63 29.27 34.16
CA VAL D 203 -11.52 30.31 33.14
C VAL D 203 -12.92 30.75 32.77
N ILE D 204 -13.79 29.76 32.57
CA ILE D 204 -15.19 30.00 32.23
C ILE D 204 -15.78 30.83 33.36
N ASP D 205 -15.64 30.33 34.58
CA ASP D 205 -16.14 31.01 35.77
C ASP D 205 -15.83 32.49 35.67
N GLU D 206 -14.54 32.77 35.46
CA GLU D 206 -14.04 34.14 35.36
C GLU D 206 -14.43 34.87 34.07
N ASN D 207 -14.90 34.10 33.08
CA ASN D 207 -15.26 34.68 31.79
C ASN D 207 -16.45 34.00 31.12
N PRO D 208 -17.66 34.50 31.37
CA PRO D 208 -18.83 33.89 30.74
C PRO D 208 -18.85 34.25 29.26
N ASP D 209 -18.37 35.45 28.95
CA ASP D 209 -18.35 35.92 27.58
C ASP D 209 -17.45 35.10 26.68
N ILE D 210 -16.78 34.11 27.24
CA ILE D 210 -15.88 33.26 26.44
C ILE D 210 -16.53 31.98 25.90
N ILE D 211 -17.49 31.48 26.67
CA ILE D 211 -18.17 30.25 26.36
C ILE D 211 -18.39 29.80 24.92
N ASP D 212 -19.22 30.52 24.17
CA ASP D 212 -19.47 30.11 22.79
C ASP D 212 -18.19 30.11 21.99
N ASP D 213 -17.41 31.18 22.09
CA ASP D 213 -16.13 31.31 21.39
C ASP D 213 -15.41 29.97 21.41
N ALA D 214 -15.27 29.44 22.62
CA ALA D 214 -14.60 28.16 22.87
C ALA D 214 -15.38 26.96 22.33
N LEU D 215 -16.68 27.13 22.18
CA LEU D 215 -17.54 26.07 21.64
C LEU D 215 -17.25 25.92 20.16
N LYS D 216 -16.89 27.04 19.54
CA LYS D 216 -16.57 27.08 18.12
C LYS D 216 -15.15 26.57 17.89
N ASN D 217 -14.27 26.76 18.88
CA ASN D 217 -12.91 26.22 18.80
C ASN D 217 -12.49 25.72 20.20
N ARG D 218 -12.40 24.42 20.34
CA ARG D 218 -12.03 23.86 21.63
C ARG D 218 -10.53 23.70 21.80
N SER D 219 -9.85 23.27 20.74
CA SER D 219 -8.41 23.10 20.84
C SER D 219 -7.90 24.48 21.21
N GLY D 220 -8.49 25.47 20.58
CA GLY D 220 -8.10 26.83 20.83
C GLY D 220 -8.20 27.14 22.29
N PHE D 221 -9.31 26.75 22.91
CA PHE D 221 -9.54 27.01 24.33
C PHE D 221 -8.52 26.33 25.26
N VAL D 222 -8.41 25.00 25.18
CA VAL D 222 -7.46 24.28 26.02
C VAL D 222 -6.08 24.90 25.89
N GLU D 223 -5.68 25.11 24.65
CA GLU D 223 -4.36 25.65 24.37
C GLU D 223 -4.09 26.94 25.12
N GLU D 224 -4.95 27.94 24.92
CA GLU D 224 -4.79 29.22 25.59
C GLU D 224 -4.73 29.00 27.09
N THR D 225 -5.65 28.21 27.60
CA THR D 225 -5.68 27.96 29.02
C THR D 225 -4.28 27.58 29.50
N LEU D 226 -3.84 26.36 29.20
CA LEU D 226 -2.52 25.86 29.59
C LEU D 226 -1.46 26.93 29.80
N ARG D 227 -1.31 27.83 28.85
CA ARG D 227 -0.34 28.92 28.98
C ARG D 227 -0.77 29.86 30.10
N TYR D 228 -2.08 30.10 30.16
CA TYR D 228 -2.69 30.97 31.16
C TYR D 228 -2.57 30.37 32.55
N TYR D 229 -3.16 29.19 32.74
CA TYR D 229 -3.12 28.49 34.03
C TYR D 229 -2.42 27.15 33.86
N SER D 230 -1.09 27.15 34.00
CA SER D 230 -0.32 25.95 33.84
C SER D 230 -0.50 25.00 35.00
N PRO D 231 -0.83 23.73 34.72
CA PRO D 231 -1.01 22.76 35.80
C PRO D 231 0.30 22.59 36.57
N ILE D 232 1.43 22.54 35.84
CA ILE D 232 2.72 22.42 36.50
C ILE D 232 3.34 23.77 36.32
N GLN D 233 3.58 24.47 37.43
CA GLN D 233 4.13 25.81 37.42
C GLN D 233 5.60 25.95 37.09
N PHE D 234 6.40 24.98 37.56
CA PHE D 234 7.83 25.04 37.31
C PHE D 234 8.50 23.68 37.41
N LEU D 235 9.65 23.55 36.76
CA LEU D 235 10.39 22.30 36.77
C LEU D 235 11.71 22.55 37.44
N PRO D 236 12.00 21.82 38.53
CA PRO D 236 13.23 21.93 39.32
C PRO D 236 14.39 20.97 39.01
N HIS D 237 14.14 19.85 38.35
CA HIS D 237 15.21 18.91 38.09
C HIS D 237 16.02 19.18 36.84
N ARG D 238 16.90 20.16 36.96
CA ARG D 238 17.80 20.57 35.89
C ARG D 238 19.06 21.03 36.59
N PHE D 239 20.19 20.71 35.99
CA PHE D 239 21.46 21.10 36.59
C PHE D 239 22.54 21.37 35.56
N ALA D 240 23.40 22.32 35.91
CA ALA D 240 24.50 22.69 35.06
C ALA D 240 25.30 21.44 34.70
N ALA D 241 25.32 21.09 33.42
CA ALA D 241 26.07 19.93 32.94
C ALA D 241 27.50 20.38 32.71
N GLU D 242 27.71 21.65 33.06
CA GLU D 242 29.00 22.33 32.92
C GLU D 242 28.70 23.80 33.15
N ASP D 243 29.58 24.68 32.67
CA ASP D 243 29.36 26.11 32.84
C ASP D 243 28.85 26.80 31.59
N SER D 244 28.28 27.98 31.81
CA SER D 244 27.75 28.82 30.73
C SER D 244 27.05 30.00 31.37
N TYR D 245 26.61 30.94 30.55
CA TYR D 245 25.95 32.15 31.03
C TYR D 245 24.50 32.35 30.57
N ILE D 246 23.82 33.24 31.28
CA ILE D 246 22.43 33.66 31.00
C ILE D 246 22.36 35.09 31.51
N ASN D 247 22.06 36.03 30.61
CA ASN D 247 22.04 37.44 30.94
C ASN D 247 23.35 37.78 31.65
N ASN D 248 24.43 37.86 30.86
CA ASN D 248 25.78 38.15 31.34
C ASN D 248 25.89 37.81 32.80
N LYS D 249 25.66 36.54 33.12
CA LYS D 249 25.71 36.03 34.48
C LYS D 249 26.04 34.56 34.37
N LYS D 250 27.02 34.14 35.16
CA LYS D 250 27.49 32.77 35.15
C LYS D 250 26.58 31.87 35.98
N ILE D 251 26.58 30.60 35.60
CA ILE D 251 25.84 29.55 36.29
C ILE D 251 26.89 28.45 36.31
N LYS D 252 27.53 28.27 37.46
CA LYS D 252 28.57 27.25 37.66
C LYS D 252 28.14 25.88 37.13
N LYS D 253 29.02 24.90 37.18
CA LYS D 253 28.65 23.57 36.70
C LYS D 253 27.91 22.89 37.83
N GLY D 254 27.18 21.83 37.53
CA GLY D 254 26.44 21.11 38.57
C GLY D 254 25.47 21.94 39.42
N ASP D 255 24.92 23.00 38.86
CA ASP D 255 24.00 23.85 39.59
C ASP D 255 22.53 23.45 39.45
N GLN D 256 21.73 23.90 40.42
CA GLN D 256 20.29 23.65 40.48
C GLN D 256 19.56 24.81 39.81
N VAL D 257 19.08 24.59 38.60
CA VAL D 257 18.34 25.62 37.89
C VAL D 257 16.85 25.32 38.01
N ILE D 258 16.03 26.36 38.08
CA ILE D 258 14.59 26.19 38.19
C ILE D 258 13.87 27.14 37.26
N VAL D 259 13.22 26.61 36.23
CA VAL D 259 12.51 27.46 35.29
C VAL D 259 11.03 27.47 35.65
N TYR D 260 10.41 28.64 35.65
CA TYR D 260 9.01 28.70 36.01
C TYR D 260 8.13 28.92 34.79
N LEU D 261 7.47 27.82 34.41
CA LEU D 261 6.57 27.78 33.25
C LEU D 261 5.47 28.80 33.38
N GLY D 262 4.74 28.69 34.50
CA GLY D 262 3.64 29.60 34.76
C GLY D 262 4.05 31.04 34.67
N SER D 263 5.26 31.35 35.15
CA SER D 263 5.78 32.70 35.08
C SER D 263 6.08 32.99 33.62
N ALA D 264 6.84 32.09 33.02
CA ALA D 264 7.20 32.19 31.62
C ALA D 264 5.98 32.44 30.73
N ASN D 265 4.94 31.63 30.89
CA ASN D 265 3.76 31.77 30.07
C ASN D 265 2.94 33.03 30.33
N ARG D 266 3.55 33.97 31.03
CA ARG D 266 2.90 35.23 31.34
C ARG D 266 3.93 36.36 31.12
N ASP D 267 4.96 36.04 30.34
CA ASP D 267 6.02 37.00 30.01
C ASP D 267 5.55 37.85 28.84
N GLU D 268 5.44 39.17 29.08
CA GLU D 268 5.00 40.15 28.07
C GLU D 268 5.86 40.04 26.83
N THR D 269 7.17 40.02 27.03
CA THR D 269 8.15 39.89 25.96
C THR D 269 7.63 39.04 24.79
N PHE D 270 7.05 37.89 25.11
CA PHE D 270 6.52 37.00 24.08
C PHE D 270 5.01 37.02 23.95
N PHE D 271 4.32 37.55 24.95
CA PHE D 271 2.86 37.58 24.91
C PHE D 271 2.18 38.95 25.02
N ASP D 272 1.44 39.29 23.97
CA ASP D 272 0.70 40.55 23.89
C ASP D 272 -0.42 40.50 24.94
N GLU D 273 -0.60 41.57 25.72
CA GLU D 273 -1.64 41.59 26.76
C GLU D 273 -1.47 40.32 27.57
N PRO D 274 -0.24 39.98 27.91
CA PRO D 274 0.08 38.79 28.69
C PRO D 274 -0.92 38.25 29.71
N ASP D 275 -1.85 39.08 30.19
CA ASP D 275 -2.78 38.61 31.19
C ASP D 275 -4.22 38.37 30.82
N LEU D 276 -4.51 38.12 29.55
CA LEU D 276 -5.90 37.91 29.18
C LEU D 276 -6.10 36.77 28.22
N PHE D 277 -7.15 35.98 28.50
CA PHE D 277 -7.48 34.80 27.71
C PHE D 277 -7.86 35.16 26.30
N LYS D 278 -6.97 34.85 25.37
CA LYS D 278 -7.16 35.13 23.96
C LYS D 278 -7.08 33.80 23.21
N ILE D 279 -8.24 33.23 22.90
CA ILE D 279 -8.27 31.95 22.19
C ILE D 279 -7.60 31.97 20.82
N GLY D 280 -6.51 31.21 20.69
CA GLY D 280 -5.82 31.13 19.41
C GLY D 280 -4.76 32.18 19.20
N ARG D 281 -3.53 31.84 19.57
CA ARG D 281 -2.44 32.75 19.38
C ARG D 281 -1.49 32.03 18.43
N ARG D 282 -0.44 32.71 18.00
CA ARG D 282 0.55 32.10 17.10
C ARG D 282 1.75 31.74 17.95
N GLU D 283 1.87 32.45 19.07
CA GLU D 283 2.95 32.23 20.02
C GLU D 283 2.79 30.95 20.84
N MET D 284 3.84 30.14 20.86
CA MET D 284 3.83 28.89 21.59
C MET D 284 4.01 29.14 23.10
N HIS D 285 3.50 28.22 23.91
CA HIS D 285 3.63 28.33 25.36
C HIS D 285 4.51 27.21 25.90
N LEU D 286 5.01 27.37 27.11
CA LEU D 286 5.88 26.36 27.70
C LEU D 286 5.17 25.46 28.71
N ALA D 287 3.86 25.35 28.57
CA ALA D 287 3.05 24.54 29.45
C ALA D 287 3.50 23.08 29.42
N PHE D 288 3.45 22.46 28.25
CA PHE D 288 3.86 21.07 28.10
C PHE D 288 5.37 21.05 28.08
N GLY D 289 5.96 22.23 28.27
CA GLY D 289 7.39 22.39 28.29
C GLY D 289 7.90 22.75 26.92
N ILE D 290 9.10 22.27 26.61
CA ILE D 290 9.75 22.50 25.33
C ILE D 290 11.03 21.66 25.37
N GLY D 291 11.54 21.26 24.21
CA GLY D 291 12.75 20.46 24.17
C GLY D 291 12.58 18.95 24.02
N ILE D 292 13.66 18.20 24.18
CA ILE D 292 13.61 16.75 24.06
C ILE D 292 12.78 16.12 25.19
N HIS D 293 12.45 16.89 26.20
CA HIS D 293 11.65 16.37 27.29
C HIS D 293 10.29 17.01 27.28
N MET D 294 9.85 17.41 26.09
CA MET D 294 8.54 18.00 25.95
C MET D 294 7.60 16.84 26.20
N CYS D 295 6.43 17.13 26.76
CA CYS D 295 5.45 16.11 27.10
C CYS D 295 5.09 15.13 26.00
N LEU D 296 5.42 13.87 26.25
CA LEU D 296 5.13 12.82 25.29
C LEU D 296 3.62 12.67 25.31
N GLY D 297 3.01 13.15 26.39
CA GLY D 297 1.57 13.07 26.55
C GLY D 297 0.74 14.19 25.92
N ALA D 298 1.34 15.34 25.72
CA ALA D 298 0.63 16.49 25.12
C ALA D 298 -0.52 16.06 24.20
N PRO D 299 -0.27 15.08 23.32
CA PRO D 299 -1.30 14.60 22.40
C PRO D 299 -2.60 14.18 23.07
N LEU D 300 -2.46 13.34 24.07
CA LEU D 300 -3.60 12.84 24.82
C LEU D 300 -4.14 13.95 25.73
N ALA D 301 -3.24 14.69 26.33
CA ALA D 301 -3.59 15.79 27.24
C ALA D 301 -4.59 16.72 26.61
N ARG D 302 -4.40 16.99 25.32
CA ARG D 302 -5.28 17.88 24.59
C ARG D 302 -6.57 17.19 24.20
N LEU D 303 -6.49 15.97 23.68
CA LEU D 303 -7.68 15.25 23.26
C LEU D 303 -8.66 15.12 24.41
N GLU D 304 -8.15 14.83 25.60
CA GLU D 304 -8.99 14.70 26.80
C GLU D 304 -9.54 16.07 27.20
N ALA D 305 -8.65 17.04 27.39
CA ALA D 305 -9.07 18.38 27.76
C ALA D 305 -10.22 18.81 26.85
N SER D 306 -9.94 18.86 25.55
CA SER D 306 -10.96 19.27 24.57
C SER D 306 -12.30 18.55 24.70
N ILE D 307 -12.25 17.25 25.03
CA ILE D 307 -13.45 16.44 25.18
C ILE D 307 -14.23 16.71 26.48
N ALA D 308 -13.52 16.93 27.56
CA ALA D 308 -14.17 17.21 28.82
C ALA D 308 -14.75 18.60 28.73
N LEU D 309 -14.00 19.49 28.12
CA LEU D 309 -14.45 20.86 27.95
C LEU D 309 -15.82 20.92 27.31
N ASN D 310 -15.95 20.27 26.16
CA ASN D 310 -17.22 20.28 25.44
C ASN D 310 -18.37 19.67 26.21
N ASP D 311 -18.08 18.75 27.12
CA ASP D 311 -19.13 18.12 27.90
C ASP D 311 -19.45 18.92 29.18
N ILE D 312 -18.43 19.60 29.70
CA ILE D 312 -18.56 20.41 30.91
C ILE D 312 -19.31 21.69 30.64
N LEU D 313 -19.38 22.07 29.37
CA LEU D 313 -20.12 23.27 29.01
C LEU D 313 -21.44 22.82 28.40
N ASN D 314 -21.48 21.55 28.03
CA ASN D 314 -22.67 20.96 27.43
C ASN D 314 -23.45 20.10 28.42
N HIS D 315 -23.36 20.46 29.69
CA HIS D 315 -24.07 19.75 30.73
C HIS D 315 -24.67 20.85 31.58
N PHE D 316 -23.81 21.53 32.31
CA PHE D 316 -24.22 22.64 33.17
C PHE D 316 -24.63 23.81 32.28
N LYS D 317 -25.89 24.24 32.44
CA LYS D 317 -26.40 25.34 31.64
C LYS D 317 -25.29 26.40 31.57
N ARG D 318 -25.13 27.10 32.68
CA ARG D 318 -24.13 28.14 32.80
C ARG D 318 -23.05 27.58 33.73
N ILE D 319 -22.10 28.39 34.14
CA ILE D 319 -21.07 27.89 35.04
C ILE D 319 -20.55 28.89 36.07
N LYS D 320 -20.79 28.60 37.35
CA LYS D 320 -20.30 29.43 38.44
C LYS D 320 -19.79 28.52 39.55
N ILE D 321 -18.84 29.01 40.34
CA ILE D 321 -18.25 28.20 41.40
C ILE D 321 -18.57 28.67 42.81
N ASP D 322 -18.80 27.72 43.71
CA ASP D 322 -19.08 28.00 45.12
C ASP D 322 -17.76 27.74 45.90
N TYR D 323 -17.02 28.80 46.20
CA TYR D 323 -15.74 28.70 46.90
C TYR D 323 -15.94 28.32 48.36
N LYS D 324 -17.07 28.74 48.91
CA LYS D 324 -17.42 28.44 50.28
C LYS D 324 -17.24 26.94 50.49
N LYS D 325 -17.00 26.23 49.39
CA LYS D 325 -16.80 24.81 49.40
C LYS D 325 -15.71 24.36 48.43
N SER D 326 -15.27 25.25 47.55
CA SER D 326 -14.21 24.92 46.59
C SER D 326 -12.90 25.52 47.04
N ARG D 327 -11.84 24.72 47.04
CA ARG D 327 -10.53 25.21 47.48
C ARG D 327 -9.35 24.74 46.66
N LEU D 328 -8.71 25.72 46.00
CA LEU D 328 -7.56 25.49 45.16
C LEU D 328 -6.41 24.83 45.92
N LEU D 329 -5.78 23.85 45.28
CA LEU D 329 -4.65 23.16 45.87
C LEU D 329 -3.74 24.15 46.61
N ASP D 330 -3.05 23.63 47.61
CA ASP D 330 -2.14 24.38 48.47
C ASP D 330 -0.76 24.61 47.84
N ASN D 331 -0.19 23.52 47.35
CA ASN D 331 1.13 23.49 46.72
C ASN D 331 1.40 24.56 45.65
N LYS D 332 2.65 25.00 45.57
CA LYS D 332 3.02 26.00 44.59
C LYS D 332 3.72 25.45 43.36
N MET D 333 3.83 24.13 43.25
CA MET D 333 4.48 23.49 42.09
C MET D 333 3.46 23.04 41.06
N VAL D 334 2.19 23.10 41.46
CA VAL D 334 1.07 22.72 40.60
C VAL D 334 -0.07 23.66 40.93
N LEU D 335 -0.86 23.98 39.92
CA LEU D 335 -1.99 24.87 40.10
C LEU D 335 -3.22 24.12 39.66
N GLY D 336 -4.26 24.19 40.49
CA GLY D 336 -5.51 23.52 40.23
C GLY D 336 -6.28 23.38 41.55
N TYR D 337 -7.27 22.49 41.59
CA TYR D 337 -8.07 22.34 42.81
C TYR D 337 -7.90 21.06 43.60
N ASP D 338 -8.45 21.10 44.81
CA ASP D 338 -8.44 19.96 45.70
C ASP D 338 -9.88 19.47 45.81
N LYS D 339 -10.79 20.43 45.69
CA LYS D 339 -12.20 20.13 45.71
C LYS D 339 -12.83 21.36 45.10
N LEU D 340 -13.83 21.13 44.27
CA LEU D 340 -14.47 22.22 43.56
C LEU D 340 -15.94 21.93 43.41
N PHE D 341 -16.76 22.92 43.77
CA PHE D 341 -18.20 22.79 43.67
C PHE D 341 -18.82 23.98 42.98
N LEU D 342 -19.44 23.73 41.84
CA LEU D 342 -20.10 24.78 41.06
C LEU D 342 -21.45 25.18 41.64
N SER D 343 -22.30 25.70 40.75
CA SER D 343 -23.65 26.16 41.08
C SER D 343 -23.64 27.40 41.98
CHA HEM E . -6.03 -22.08 -32.92
CHB HEM E . -4.13 -18.28 -35.10
CHC HEM E . -6.95 -15.38 -32.57
CHD HEM E . -8.59 -19.19 -30.04
C1A HEM E . -5.25 -21.29 -33.70
C2A HEM E . -4.40 -21.79 -34.75
C3A HEM E . -3.97 -20.73 -35.43
C4A HEM E . -4.48 -19.58 -34.76
CMA HEM E . -3.10 -20.68 -36.66
CAA HEM E . -4.12 -23.26 -34.98
CBA HEM E . -2.84 -23.87 -34.45
CGA HEM E . -2.74 -25.36 -34.73
O1A HEM E . -3.04 -25.75 -35.89
O2A HEM E . -2.38 -26.13 -33.81
C1B HEM E . -4.58 -17.16 -34.44
C2B HEM E . -4.24 -15.85 -34.88
C3B HEM E . -4.97 -15.04 -34.14
C4B HEM E . -5.89 -15.84 -33.34
CMB HEM E . -3.26 -15.43 -35.96
CAB HEM E . -4.63 -13.73 -33.99
CBB HEM E . -5.42 -12.67 -34.28
C1C HEM E . -7.74 -16.20 -31.70
C2C HEM E . -8.74 -15.70 -30.76
C3C HEM E . -9.19 -16.75 -30.06
C4C HEM E . -8.43 -17.91 -30.49
CMC HEM E . -9.17 -14.29 -30.45
CAC HEM E . -10.28 -16.60 -29.19
CBC HEM E . -10.36 -17.14 -27.96
C1D HEM E . -7.99 -20.27 -30.60
C2D HEM E . -8.38 -21.62 -30.29
C3D HEM E . -7.70 -22.44 -31.20
C4D HEM E . -6.90 -21.58 -32.01
CMD HEM E . -9.20 -22.03 -29.08
CAD HEM E . -7.55 -23.94 -31.29
CBD HEM E . -8.68 -24.79 -31.81
CGD HEM E . -8.25 -26.23 -32.01
O1D HEM E . -7.64 -26.81 -31.09
O2D HEM E . -8.52 -26.78 -33.08
NA HEM E . -5.28 -19.91 -33.68
NB HEM E . -5.54 -17.17 -33.45
NC HEM E . -7.54 -17.57 -31.52
ND HEM E . -7.07 -20.24 -31.66
FE HEM E . -6.23 -18.69 -32.44
N1 PIM F . -3.71 -17.87 -29.45
C2 PIM F . -4.50 -17.61 -30.56
N3 PIM F . -4.44 -18.65 -31.38
C4 PIM F . -3.65 -19.55 -30.85
C5 PIM F . -3.19 -19.08 -29.66
C6 PIM F . -2.26 -19.82 -28.74
C7 PIM F . -0.86 -19.41 -28.69
C8 PIM F . 0.05 -20.15 -27.80
C9 PIM F . -0.46 -21.24 -27.02
C10 PIM F . -1.84 -21.64 -27.08
C11 PIM F . -2.72 -20.90 -27.96
CHA HEM G . 0.07 19.25 -9.73
CHB HEM G . 2.26 23.27 -11.30
CHC HEM G . -0.61 25.89 -8.38
CHD HEM G . -2.58 21.96 -6.69
C1A HEM G . 0.97 20.10 -10.37
C2A HEM G . 2.01 19.67 -11.28
C3A HEM G . 2.67 20.77 -11.69
C4A HEM G . 2.01 21.91 -11.04
CMA HEM G . 3.82 20.72 -12.72
CAA HEM G . 2.08 18.27 -11.85
CBA HEM G . 3.32 17.45 -11.68
CGA HEM G . 3.10 16.02 -12.10
O1A HEM G . 2.69 15.80 -13.25
O2A HEM G . 3.35 15.12 -11.27
C1B HEM G . 1.59 24.34 -10.67
C2B HEM G . 1.72 25.74 -11.02
C3B HEM G . 1.06 26.46 -10.07
C4B HEM G . 0.38 25.49 -9.25
CMB HEM G . 2.24 26.32 -12.32
CAB HEM G . 1.04 27.85 -9.83
CBB HEM G . 1.86 28.86 -10.22
C1C HEM G . -1.52 25.08 -7.81
C2C HEM G . -2.54 25.55 -6.95
C3C HEM G . -3.05 24.45 -6.38
C4C HEM G . -2.41 23.31 -7.01
CMC HEM G . -3.01 26.98 -6.77
CAC HEM G . -4.07 24.49 -5.42
CBC HEM G . -4.02 24.14 -4.10
C1D HEM G . -1.90 20.87 -7.29
C2D HEM G . -2.15 19.48 -6.97
C3D HEM G . -1.55 18.75 -7.93
C4D HEM G . -0.85 19.66 -8.79
CMD HEM G . -2.93 18.93 -5.76
CAD HEM G . -1.67 17.25 -8.07
CBD HEM G . -2.55 16.83 -9.24
CGD HEM G . -2.79 15.34 -9.26
O1D HEM G . -1.83 14.58 -9.02
O2D HEM G . -3.95 14.93 -9.50
NA HEM G . 0.98 21.48 -10.20
NB HEM G . 0.67 24.19 -9.63
NC HEM G . -1.45 23.70 -7.94
ND HEM G . -1.03 20.96 -8.38
FE HEM G . -0.16 22.56 -9.03
N1 PIM H . 3.57 22.39 -6.80
C2 PIM H . 2.49 23.07 -7.36
N3 PIM H . 1.51 22.21 -7.54
C4 PIM H . 1.91 21.02 -7.11
C5 PIM H . 3.18 21.12 -6.66
C6 PIM H . 4.00 19.95 -6.10
C7 PIM H . 5.07 19.38 -6.94
C8 PIM H . 5.87 18.24 -6.43
C9 PIM H . 5.57 17.74 -5.11
C10 PIM H . 4.51 18.31 -4.28
C11 PIM H . 3.74 19.43 -4.82
CHA HEM I . 6.61 -27.20 4.34
CHB HEM I . 3.52 -23.76 5.85
CHC HEM I . -0.23 -26.75 5.08
CHD HEM I . 2.82 -30.24 3.89
C1A HEM I . 6.09 -26.02 4.92
C2A HEM I . 6.87 -24.82 5.22
C3A HEM I . 6.00 -23.88 5.64
C4A HEM I . 4.69 -24.46 5.60
CMA HEM I . 6.31 -22.47 5.99
CAA HEM I . 8.38 -24.66 4.96
CBA HEM I . 9.24 -25.36 6.01
CGA HEM I . 10.72 -25.10 5.79
O1A HEM I . 11.08 -23.92 5.63
O2A HEM I . 11.52 -26.08 5.81
C1B HEM I . 2.23 -24.29 5.68
C2B HEM I . 1.03 -23.57 6.05
C3B HEM I . -0.02 -24.40 5.77
C4B HEM I . 0.53 -25.64 5.35
CMB HEM I . 0.95 -22.15 6.62
CAB HEM I . -1.34 -24.02 5.62
CBB HEM I . -2.34 -24.29 6.50
C1C HEM I . 0.28 -27.93 4.66
C2C HEM I . -0.56 -29.04 4.33
C3C HEM I . 0.31 -30.00 3.93
C4C HEM I . 1.65 -29.50 4.07
CMC HEM I . -2.09 -29.05 4.52
CAC HEM I . 0.03 -31.27 3.47
CBC HEM I . -1.16 -31.68 2.97
C1D HEM I . 4.14 -29.74 3.97
C2D HEM I . 5.35 -30.48 3.62
C3D HEM I . 6.28 -29.54 3.44
C4D HEM I . 5.81 -28.29 4.00
CMD HEM I . 5.64 -31.97 3.75
CAD HEM I . 7.48 -29.70 2.54
CBD HEM I . 8.84 -29.52 3.18
CGD HEM I . 9.95 -29.72 2.21
O1D HEM I . 11.12 -29.56 2.61
O2D HEM I . 9.67 -30.03 1.04
NA HEM I . 4.72 -25.79 5.15
NB HEM I . 1.93 -25.58 5.26
NC HEM I . 1.63 -28.20 4.47
ND HEM I . 4.44 -28.40 4.26
FE HEM I . 3.20 -27.01 4.80
N1 PIM J . 3.10 -27.79 8.63
C2 PIM J . 2.82 -27.58 7.29
N3 PIM J . 3.82 -28.07 6.56
C4 PIM J . 4.71 -28.59 7.37
C5 PIM J . 4.29 -28.42 8.65
C6 PIM J . 5.04 -28.90 9.88
C7 PIM J . 4.81 -28.18 11.13
C8 PIM J . 5.54 -28.62 12.32
C9 PIM J . 6.45 -29.75 12.21
C10 PIM J . 6.67 -30.45 10.98
C11 PIM J . 5.93 -29.99 9.81
CHA HEM K . 6.90 15.62 30.54
CHB HEM K . 3.36 18.82 31.27
CHC HEM K . 0.04 15.28 30.74
CHD HEM K . 3.56 12.13 29.94
C1A HEM K . 6.22 16.80 30.73
C2A HEM K . 6.86 18.05 30.91
C3A HEM K . 5.91 18.92 31.26
C4A HEM K . 4.63 18.24 31.12
CMA HEM K . 6.15 20.29 31.90
CAA HEM K . 8.33 18.29 30.77
CBA HEM K . 8.94 18.10 32.14
CGA HEM K . 10.42 18.35 32.18
O1A HEM K . 10.84 19.41 31.70
O2A HEM K . 11.16 17.48 32.68
C1B HEM K . 2.17 18.10 31.28
C2B HEM K . 0.90 18.70 31.51
C3B HEM K . -0.03 17.73 31.37
C4B HEM K . 0.66 16.51 31.06
CMB HEM K . 0.61 20.15 31.81
CAB HEM K . -1.40 17.91 31.50
CBB HEM K . -2.15 18.90 30.93
C1C HEM K . 0.72 14.09 30.54
C2C HEM K . 0.13 12.79 30.31
C3C HEM K . 1.15 11.84 30.28
C4C HEM K . 2.34 12.64 30.35
CMC HEM K . -1.32 12.50 29.97
CAC HEM K . 1.10 10.41 30.37
CBC HEM K . 1.31 9.44 29.43
C1D HEM K . 4.76 12.87 29.95
C2D HEM K . 6.04 12.21 29.90
C3D HEM K . 6.93 13.20 30.07
C4D HEM K . 6.25 14.42 30.32
CMD HEM K . 6.29 10.68 29.98
CAD HEM K . 8.41 13.12 30.09
CBD HEM K . 9.09 12.90 28.77
CGD HEM K . 10.58 12.89 28.94
O1D HEM K . 11.06 12.11 29.78
O2D HEM K . 11.27 13.67 28.22
NA HEM K . 4.81 16.88 30.86
NB HEM K . 2.03 16.72 31.07
NC HEM K . 2.10 14.00 30.58
ND HEM K . 4.88 14.21 30.32
FE HEM K . 3.44 15.42 30.85
N1 PIM L . 3.54 15.20 34.68
C2 PIM L . 3.09 15.14 33.36
N3 PIM L . 3.94 14.41 32.66
C4 PIM L . 4.91 13.99 33.46
C5 PIM L . 4.68 14.47 34.70
C6 PIM L . 5.58 14.22 35.91
C7 PIM L . 5.61 15.24 36.96
C8 PIM L . 6.48 15.03 38.13
C9 PIM L . 7.26 13.82 38.19
C10 PIM L . 7.22 12.83 37.17
C11 PIM L . 6.36 13.06 36.02
#